data_7T74
#
_entry.id   7T74
#
loop_
_entity.id
_entity.type
_entity.pdbx_description
1 polymer 'HIV Envelope ApexGT2 gp120'
2 polymer 'HIV Envelope ApexGT2 gp41'
3 polymer 'RM20A3 Fab Heavy Chain'
4 polymer 'RM20A3 Fab Light Chain'
5 polymer 'PCT64.35S Fab Light Chain'
6 polymer 'PCT64.35S Fab Heavy Chain'
7 branched alpha-D-mannopyranose-(1-3)-[alpha-D-mannopyranose-(1-6)]alpha-D-mannopyranose-(1-6)-[alpha-D-mannopyranose-(1-3)]beta-D-mannopyranose-(1-4)-2-acetamido-2-deoxy-beta-D-glucopyranose-(1-4)-2-acetamido-2-deoxy-beta-D-glucopyranose
8 branched 2-acetamido-2-deoxy-beta-D-glucopyranose-(1-4)-2-acetamido-2-deoxy-beta-D-glucopyranose
9 branched alpha-D-mannopyranose-(1-3)-beta-D-mannopyranose-(1-4)-2-acetamido-2-deoxy-beta-D-glucopyranose-(1-4)-2-acetamido-2-deoxy-beta-D-glucopyranose
10 branched alpha-L-fucopyranose-(1-6)-2-acetamido-2-deoxy-beta-D-glucopyranose
11 branched beta-D-mannopyranose-(1-4)-2-acetamido-2-deoxy-beta-D-glucopyranose-(1-4)-2-acetamido-2-deoxy-beta-D-glucopyranose
12 non-polymer 2-acetamido-2-deoxy-beta-D-glucopyranose
#
loop_
_entity_poly.entity_id
_entity_poly.type
_entity_poly.pdbx_seq_one_letter_code
_entity_poly.pdbx_strand_id
1 'polypeptide(L)'
;MGILPSPGMPALLSLVSLLSVLLMGCVAETGAENLWVTVYYGVPVWKDAETTLFCASDAKAYETEKHNVWATHACVPTDP
NPQEIHLENVTEEFNMWKNNMVEQMHEDIISLWDQSLKPCVKLTPLCVTLQCTNVTNNITDDMRGELKNCSFNATTELRN
KRQKVYSLFYRLDIVPMGENSTNYRLINCNTSAITQACPKVSFEPIPIHYCAPAGFAILKCKDKKFNGTGPCPSVSTVQC
THGIKPVVSTQLLLNGSLAEEEVIIRSENITNNAKNILVQLNTPVQINCTRPNNNTVKSIRIGPGQAFYYTGDIIGDIRQ
AHCNVSKATWNETLGKVVKQLRKHFGNNTIIRFAQSSGGDLEVTTHSFNCGGEFFYCNTSGLFNSTWISNTSVQGSNSTG
SNDSITLPCRIKQIINMWQRIGQAMYAPPIQGVIRCVSNITGLILTRDGGSTNSTTETFRPGGGDMRDNWRSELYKYKVV
KIEPLGVAPTRCKRRVVGRRRRRR
;
A,C,E
2 'polypeptide(L)'
;AVGIGAVSLGFLGAAGSTMGAASMTLTVQARNLLSGIVQQQSNLLRAPEPQQHLLKDTHWGIKQLQARVLAVEHYLRDQQ
LLGIWGCSGKLICCTNVPWNSSWSNRNLSEIWDNMTWLQWDKEISNYTQIIYGLLEESQNQQEKNEQDLLELDGTKHHHH
HH
;
B,D,F
3 'polypeptide(L)'
;EVQLVETGGGLVQPGGSLKLSCRASGYTFSSFAMSWVRQAPGKGLEWVSLINDRGGLTFYVDSVKGRFTISRDNSKNTLS
LQMHSLRDGDTAVYYCATGGMSSALQSSKYYFDFWGQGALVTVSS
;
K,M,I
4 'polypeptide(L)'
;ALTQPPSVSGSPGQSVTISCTGTSSDIGSYNYVSWYQQHPGKAPKLMIYDVTQRPSGVSDRFSGSKSGNTASLTISGLQA
DDEADYYCSAYAGRQTFYIFGGGTRLTVLGQPKASPTVTLFPPSSEEL
;
G,N,J
5 'polypeptide(L)'
;EIVLTQSPGTLSLSPGDRATLSCRATQSVGGDYFAWYQQRPGQSPRLLIYGTSRRAAGIPDRFSGSGSGTDFTLTIDRLE
PEDFAVYYCRQYETSFTFGPGTKVDIK
;
L
6 'polypeptide(L)'
;EVQLVESGGGLVKPGGSLRLACVGSEFTFSEAWMTWVRQAPGKGLEWVGHMRPTTEGGAKDYAAAVRGRFTIARDDSKST
LYLQMNSLKIEDTGVYYCMTGVERGDFWSDD(TYS)SQHYNTYLIDVWGKGTTVTVSS
;
H
#
# COMPACT_ATOMS: atom_id res chain seq x y z
N ASN A 34 14.19 -42.96 3.35
CA ASN A 34 12.99 -43.47 2.71
C ASN A 34 12.30 -42.32 1.94
N LEU A 35 11.56 -41.42 2.65
CA LEU A 35 10.83 -40.28 2.08
C LEU A 35 11.49 -38.99 2.48
N TRP A 36 11.32 -37.98 1.65
CA TRP A 36 11.92 -36.67 1.80
C TRP A 36 10.90 -35.55 1.79
N VAL A 37 11.21 -34.45 2.44
CA VAL A 37 10.28 -33.33 2.47
C VAL A 37 10.26 -32.58 1.15
N THR A 38 9.08 -32.41 0.57
CA THR A 38 8.91 -31.63 -0.65
C THR A 38 8.01 -30.46 -0.38
N VAL A 39 8.45 -29.31 -0.82
CA VAL A 39 7.75 -28.07 -0.63
C VAL A 39 6.90 -27.74 -1.82
N TYR A 40 5.64 -27.42 -1.57
CA TYR A 40 4.73 -27.05 -2.63
C TYR A 40 4.17 -25.68 -2.40
N TYR A 41 4.07 -24.89 -3.46
CA TYR A 41 3.48 -23.58 -3.35
C TYR A 41 2.34 -23.45 -4.33
N GLY A 42 1.19 -22.98 -3.86
CA GLY A 42 0.00 -22.85 -4.68
C GLY A 42 -1.04 -23.89 -4.26
N VAL A 43 -0.89 -24.40 -3.06
CA VAL A 43 -1.75 -25.40 -2.49
C VAL A 43 -3.12 -24.86 -2.12
N PRO A 44 -4.25 -25.47 -2.54
CA PRO A 44 -5.61 -25.00 -2.29
C PRO A 44 -6.11 -25.25 -0.89
N VAL A 45 -5.49 -24.58 0.06
CA VAL A 45 -5.78 -24.64 1.48
C VAL A 45 -6.09 -23.29 2.05
N TRP A 46 -7.06 -23.26 2.94
CA TRP A 46 -7.44 -22.02 3.58
C TRP A 46 -7.78 -22.21 5.03
N LYS A 47 -7.70 -21.12 5.77
CA LYS A 47 -8.02 -21.06 7.19
C LYS A 47 -8.97 -19.91 7.45
N ASP A 48 -9.78 -20.00 8.49
CA ASP A 48 -10.70 -18.93 8.80
C ASP A 48 -9.97 -17.65 9.06
N ALA A 49 -10.49 -16.54 8.57
CA ALA A 49 -9.79 -15.29 8.82
C ALA A 49 -10.69 -14.10 8.81
N GLU A 50 -10.28 -13.05 9.49
CA GLU A 50 -11.02 -11.82 9.53
C GLU A 50 -10.24 -10.73 8.83
N THR A 51 -10.76 -10.25 7.74
CA THR A 51 -10.09 -9.20 7.00
C THR A 51 -11.09 -8.17 6.62
N THR A 52 -10.61 -7.12 5.99
CA THR A 52 -11.42 -6.03 5.50
C THR A 52 -11.88 -6.31 4.10
N LEU A 53 -13.16 -6.24 3.86
CA LEU A 53 -13.72 -6.45 2.54
C LEU A 53 -13.98 -5.11 1.93
N PHE A 54 -14.11 -5.04 0.63
CA PHE A 54 -14.43 -3.75 0.04
C PHE A 54 -15.77 -3.82 -0.61
N CYS A 55 -16.38 -2.65 -0.76
CA CYS A 55 -17.70 -2.56 -1.35
C CYS A 55 -17.64 -2.38 -2.84
N ALA A 56 -18.65 -2.89 -3.50
CA ALA A 56 -18.81 -2.69 -4.92
C ALA A 56 -20.28 -2.54 -5.27
N SER A 57 -20.56 -1.76 -6.30
CA SER A 57 -21.94 -1.60 -6.78
C SER A 57 -21.90 -1.17 -8.25
N ASP A 58 -23.07 -1.26 -8.94
CA ASP A 58 -23.25 -0.85 -10.34
C ASP A 58 -23.75 0.59 -10.39
N GLN A 83 -17.20 -16.23 -12.06
CA GLN A 83 -17.57 -15.56 -10.81
C GLN A 83 -17.82 -16.54 -9.63
N GLU A 84 -18.28 -17.79 -9.93
CA GLU A 84 -18.57 -18.83 -8.93
C GLU A 84 -18.01 -20.19 -9.33
N ILE A 85 -17.31 -20.82 -8.38
CA ILE A 85 -16.68 -22.13 -8.53
C ILE A 85 -17.28 -23.14 -7.56
N HIS A 86 -17.79 -24.25 -8.08
CA HIS A 86 -18.49 -25.21 -7.21
C HIS A 86 -17.72 -25.98 -6.10
N LEU A 87 -16.41 -26.20 -6.18
CA LEU A 87 -15.71 -26.96 -5.13
C LEU A 87 -16.42 -28.29 -4.82
N GLU A 88 -16.45 -29.18 -5.79
CA GLU A 88 -17.27 -30.40 -5.71
C GLU A 88 -17.26 -31.28 -4.46
N ASN A 89 -16.10 -31.57 -3.84
CA ASN A 89 -16.01 -32.47 -2.67
C ASN A 89 -15.62 -31.75 -1.36
N VAL A 90 -15.90 -30.43 -1.23
CA VAL A 90 -15.60 -29.65 -0.03
C VAL A 90 -16.76 -29.51 0.91
N THR A 91 -16.56 -29.86 2.15
CA THR A 91 -17.57 -29.67 3.19
C THR A 91 -16.95 -28.69 4.14
N GLU A 92 -17.67 -27.64 4.50
CA GLU A 92 -17.08 -26.65 5.38
C GLU A 92 -18.02 -26.26 6.50
N GLU A 93 -17.44 -25.83 7.60
CA GLU A 93 -18.15 -25.39 8.81
C GLU A 93 -18.47 -23.91 8.81
N PHE A 94 -19.74 -23.59 8.90
CA PHE A 94 -20.19 -22.20 8.91
C PHE A 94 -20.73 -21.84 10.28
N ASN A 95 -20.61 -20.58 10.65
CA ASN A 95 -21.16 -20.18 11.94
C ASN A 95 -21.64 -18.73 11.96
N MET A 96 -22.89 -18.51 11.55
CA MET A 96 -23.39 -17.15 11.53
C MET A 96 -23.39 -16.76 13.00
N TRP A 97 -23.41 -15.48 13.28
CA TRP A 97 -23.33 -14.91 14.65
C TRP A 97 -21.87 -14.72 15.07
N LYS A 98 -20.94 -15.42 14.42
CA LYS A 98 -19.51 -15.23 14.65
C LYS A 98 -18.87 -14.72 13.37
N ASN A 99 -19.71 -14.31 12.47
CA ASN A 99 -19.36 -13.84 11.15
C ASN A 99 -19.08 -12.34 11.14
N ASN A 100 -17.81 -11.94 10.97
CA ASN A 100 -17.47 -10.53 11.10
C ASN A 100 -17.87 -9.70 9.88
N MET A 101 -18.48 -10.33 8.88
CA MET A 101 -18.93 -9.59 7.73
C MET A 101 -20.09 -8.71 8.14
N VAL A 102 -20.75 -9.12 9.22
CA VAL A 102 -21.89 -8.43 9.74
C VAL A 102 -21.45 -7.13 10.33
N GLU A 103 -20.33 -7.15 11.02
CA GLU A 103 -19.80 -5.97 11.65
C GLU A 103 -19.35 -4.99 10.60
N GLN A 104 -18.77 -5.49 9.52
CA GLN A 104 -18.36 -4.56 8.51
C GLN A 104 -19.53 -3.94 7.83
N MET A 105 -20.58 -4.70 7.58
CA MET A 105 -21.72 -4.10 6.95
C MET A 105 -22.30 -3.04 7.86
N HIS A 106 -22.36 -3.34 9.15
CA HIS A 106 -22.91 -2.42 10.10
C HIS A 106 -22.15 -1.12 10.13
N GLU A 107 -20.83 -1.19 10.24
CA GLU A 107 -20.07 0.02 10.34
C GLU A 107 -20.06 0.80 9.04
N ASP A 108 -20.03 0.13 7.90
CA ASP A 108 -20.00 0.88 6.68
C ASP A 108 -21.31 1.54 6.39
N ILE A 109 -22.43 0.91 6.71
CA ILE A 109 -23.68 1.57 6.45
C ILE A 109 -23.80 2.78 7.31
N ILE A 110 -23.44 2.68 8.58
CA ILE A 110 -23.52 3.84 9.42
C ILE A 110 -22.59 4.92 8.91
N SER A 111 -21.38 4.56 8.53
CA SER A 111 -20.45 5.57 8.05
C SER A 111 -20.98 6.29 6.82
N LEU A 112 -21.53 5.56 5.86
CA LEU A 112 -22.03 6.21 4.67
C LEU A 112 -23.20 7.08 5.01
N TRP A 113 -24.04 6.62 5.93
CA TRP A 113 -25.19 7.39 6.35
C TRP A 113 -24.72 8.72 6.89
N ASP A 114 -23.74 8.70 7.80
CA ASP A 114 -23.28 9.94 8.38
C ASP A 114 -22.63 10.85 7.35
N GLN A 115 -21.91 10.29 6.38
CA GLN A 115 -21.28 11.15 5.40
C GLN A 115 -22.32 11.92 4.60
N SER A 116 -23.45 11.29 4.32
CA SER A 116 -24.45 11.92 3.48
C SER A 116 -25.09 13.14 4.11
N LEU A 117 -24.97 13.31 5.43
CA LEU A 117 -25.57 14.44 6.09
C LEU A 117 -24.57 15.55 6.32
N LYS A 118 -23.31 15.28 6.05
CA LYS A 118 -22.28 16.22 6.36
C LYS A 118 -22.47 17.59 5.74
N PRO A 119 -22.86 17.72 4.45
CA PRO A 119 -23.05 18.99 3.80
C PRO A 119 -24.44 19.64 3.93
N CYS A 120 -25.35 19.12 4.79
CA CYS A 120 -26.73 19.57 4.87
C CYS A 120 -26.90 20.62 5.98
N VAL A 121 -27.89 21.49 5.85
CA VAL A 121 -28.11 22.52 6.87
C VAL A 121 -28.39 21.97 8.24
N LYS A 122 -27.67 22.52 9.21
CA LYS A 122 -27.82 22.15 10.60
C LYS A 122 -28.87 23.08 11.18
N LEU A 123 -29.92 22.53 11.75
CA LEU A 123 -31.04 23.37 12.17
C LEU A 123 -30.92 23.90 13.59
N THR A 124 -29.93 24.72 13.82
CA THR A 124 -29.75 25.29 15.14
C THR A 124 -30.67 26.49 15.40
N PRO A 125 -31.08 27.29 14.39
CA PRO A 125 -31.96 28.41 14.53
C PRO A 125 -33.35 28.02 14.98
N LEU A 126 -33.67 26.73 15.00
CA LEU A 126 -35.00 26.39 15.40
C LEU A 126 -35.21 26.09 16.89
N CYS A 127 -34.13 26.06 17.68
CA CYS A 127 -34.24 25.83 19.15
C CYS A 127 -34.74 27.10 19.85
N VAL A 128 -36.02 27.42 19.70
CA VAL A 128 -36.68 28.57 20.28
C VAL A 128 -37.93 28.05 20.92
N THR A 129 -38.55 28.83 21.75
CA THR A 129 -39.78 28.34 22.31
C THR A 129 -40.81 28.36 21.22
N LEU A 130 -41.70 27.36 21.21
CA LEU A 130 -42.77 27.29 20.18
C LEU A 130 -44.12 27.39 20.92
N GLN A 131 -45.03 28.26 20.47
CA GLN A 131 -46.37 28.36 21.10
C GLN A 131 -47.31 27.44 20.31
N CYS A 132 -47.83 26.39 20.93
CA CYS A 132 -48.61 25.40 20.13
C CYS A 132 -50.08 25.32 20.51
N THR A 133 -50.97 25.29 19.50
CA THR A 133 -52.40 25.14 19.68
C THR A 133 -52.87 23.93 18.87
N ASN A 134 -54.15 23.50 19.05
CA ASN A 134 -54.77 22.40 18.31
C ASN A 134 -55.04 22.83 16.86
N VAL A 135 -54.98 21.86 15.92
CA VAL A 135 -55.18 22.04 14.47
C VAL A 135 -56.64 22.28 14.06
N THR A 136 -56.86 23.34 13.28
CA THR A 136 -58.18 23.74 12.84
C THR A 136 -58.67 22.97 11.64
N ASN A 137 -58.96 21.72 11.87
CA ASN A 137 -59.42 20.84 10.80
C ASN A 137 -60.32 19.75 11.39
N ASN A 138 -60.86 18.86 10.53
CA ASN A 138 -61.69 17.71 10.88
C ASN A 138 -60.79 16.49 11.09
N ILE A 139 -60.56 16.16 12.36
CA ILE A 139 -59.64 15.15 12.86
C ILE A 139 -60.38 13.98 13.40
N THR A 140 -60.03 12.80 12.92
CA THR A 140 -60.71 11.61 13.41
C THR A 140 -60.27 11.30 14.82
N ASP A 141 -60.96 10.42 15.50
CA ASP A 141 -60.66 10.14 16.90
C ASP A 141 -59.24 9.65 17.15
N ASP A 142 -58.71 8.90 16.22
CA ASP A 142 -57.40 8.30 16.39
C ASP A 142 -56.27 9.28 16.15
N MET A 143 -56.62 10.48 15.69
CA MET A 143 -55.66 11.51 15.40
C MET A 143 -55.83 12.70 16.33
N ARG A 144 -56.65 12.56 17.36
CA ARG A 144 -56.84 13.73 18.18
C ARG A 144 -55.64 13.92 19.06
N GLY A 145 -55.09 15.11 18.99
CA GLY A 145 -53.91 15.46 19.77
C GLY A 145 -52.63 15.01 19.09
N GLU A 146 -52.74 14.40 17.91
CA GLU A 146 -51.58 13.89 17.21
C GLU A 146 -50.76 15.00 16.59
N LEU A 147 -51.42 16.04 16.12
CA LEU A 147 -50.75 17.15 15.48
C LEU A 147 -50.90 18.39 16.29
N LYS A 148 -49.89 19.25 16.26
CA LYS A 148 -50.00 20.55 16.88
C LYS A 148 -49.56 21.62 15.89
N ASN A 149 -50.25 22.77 15.90
CA ASN A 149 -49.96 23.95 15.07
C ASN A 149 -49.13 24.94 15.88
N CYS A 150 -47.81 25.03 15.59
CA CYS A 150 -46.85 25.78 16.39
C CYS A 150 -46.26 26.97 15.66
N SER A 151 -46.24 28.11 16.34
CA SER A 151 -45.62 29.30 15.77
C SER A 151 -44.35 29.64 16.51
N PHE A 152 -43.42 30.25 15.79
CA PHE A 152 -42.15 30.65 16.38
C PHE A 152 -41.44 31.78 15.63
N ASN A 153 -40.43 32.35 16.27
CA ASN A 153 -39.67 33.48 15.69
C ASN A 153 -38.28 33.01 15.27
N ALA A 154 -38.05 32.90 13.95
CA ALA A 154 -36.86 32.38 13.29
C ALA A 154 -35.98 33.52 12.83
N THR A 155 -34.70 33.23 12.74
CA THR A 155 -33.74 34.15 12.16
C THR A 155 -33.92 34.06 10.68
N THR A 156 -33.29 34.94 9.94
CA THR A 156 -33.40 34.87 8.51
C THR A 156 -32.05 35.15 7.87
N GLU A 157 -32.05 35.48 6.59
CA GLU A 157 -30.80 35.67 5.85
C GLU A 157 -29.97 36.76 6.47
N LEU A 158 -30.61 37.80 6.96
CA LEU A 158 -29.87 38.84 7.62
C LEU A 158 -30.05 38.63 9.11
N ARG A 159 -28.97 38.74 9.87
CA ARG A 159 -29.01 38.52 11.30
C ARG A 159 -29.72 39.59 12.09
N ASN A 160 -30.00 40.74 11.47
CA ASN A 160 -30.74 41.76 12.18
C ASN A 160 -32.18 41.84 11.70
N LYS A 161 -32.68 40.74 11.14
CA LYS A 161 -34.06 40.61 10.72
C LYS A 161 -34.65 39.32 11.28
N ARG A 162 -35.96 39.30 11.51
CA ARG A 162 -36.63 38.09 12.06
C ARG A 162 -37.91 37.80 11.29
N GLN A 163 -38.33 36.55 11.27
CA GLN A 163 -39.59 36.21 10.63
C GLN A 163 -40.49 35.33 11.50
N LYS A 164 -41.80 35.51 11.34
CA LYS A 164 -42.77 34.68 12.03
C LYS A 164 -43.09 33.50 11.17
N VAL A 165 -42.95 32.33 11.74
CA VAL A 165 -43.14 31.09 11.03
C VAL A 165 -44.07 30.20 11.77
N TYR A 166 -44.94 29.52 11.06
CA TYR A 166 -45.72 28.53 11.76
C TYR A 166 -45.67 27.29 10.94
N SER A 167 -45.82 26.16 11.60
CA SER A 167 -45.80 24.89 10.94
C SER A 167 -46.54 23.82 11.71
N LEU A 168 -46.82 22.72 11.07
CA LEU A 168 -47.45 21.65 11.80
C LEU A 168 -46.41 20.63 12.20
N PHE A 169 -46.50 20.19 13.44
CA PHE A 169 -45.61 19.17 13.98
C PHE A 169 -46.37 18.01 14.52
N TYR A 170 -45.74 16.86 14.49
CA TYR A 170 -46.34 15.73 15.12
C TYR A 170 -46.04 15.88 16.59
N ARG A 171 -46.95 15.48 17.43
CA ARG A 171 -46.78 15.59 18.86
C ARG A 171 -45.54 14.88 19.38
N LEU A 172 -45.14 13.80 18.74
CA LEU A 172 -43.98 13.03 19.17
C LEU A 172 -42.67 13.78 19.02
N ASP A 173 -42.64 14.84 18.23
CA ASP A 173 -41.42 15.60 18.00
C ASP A 173 -41.27 16.80 18.93
N ILE A 174 -42.24 17.07 19.81
CA ILE A 174 -42.14 18.23 20.68
C ILE A 174 -42.37 17.85 22.14
N VAL A 175 -41.91 18.70 23.05
CA VAL A 175 -42.13 18.47 24.46
C VAL A 175 -42.56 19.77 25.14
N PRO A 176 -43.56 19.73 26.08
CA PRO A 176 -43.97 20.92 26.83
C PRO A 176 -42.86 21.48 27.73
N MET A 177 -43.07 22.68 28.24
CA MET A 177 -42.00 23.34 29.02
C MET A 177 -42.66 24.32 29.99
N GLY A 178 -42.19 25.57 30.03
CA GLY A 178 -42.75 26.64 30.88
C GLY A 178 -43.61 26.16 32.02
N GLU A 179 -44.93 26.37 31.93
CA GLU A 179 -45.84 25.99 33.04
C GLU A 179 -46.82 24.93 32.53
N ASN A 180 -46.36 24.04 31.64
CA ASN A 180 -47.22 22.94 31.11
C ASN A 180 -48.48 23.56 30.52
N SER A 181 -48.29 24.47 29.56
CA SER A 181 -49.43 25.22 28.97
C SER A 181 -49.32 25.17 27.45
N THR A 182 -48.94 26.30 26.84
CA THR A 182 -48.86 26.35 25.36
C THR A 182 -47.39 26.43 24.96
N ASN A 183 -46.48 26.64 25.91
CA ASN A 183 -45.06 26.81 25.56
C ASN A 183 -44.42 25.44 25.41
N TYR A 184 -44.01 25.10 24.20
CA TYR A 184 -43.39 23.78 23.92
C TYR A 184 -42.02 24.03 23.27
N ARG A 185 -41.16 23.02 23.19
CA ARG A 185 -39.89 23.13 22.50
C ARG A 185 -39.64 21.88 21.70
N LEU A 186 -38.69 21.90 20.76
CA LEU A 186 -38.41 20.63 20.03
C LEU A 186 -37.73 19.66 20.99
N ILE A 187 -37.92 18.35 20.81
CA ILE A 187 -37.36 17.32 21.74
C ILE A 187 -35.84 17.32 21.66
N ASN A 188 -35.27 17.50 20.47
CA ASN A 188 -33.81 17.42 20.27
C ASN A 188 -33.07 18.54 20.99
N CYS A 189 -33.71 19.66 21.29
CA CYS A 189 -32.96 20.82 21.82
C CYS A 189 -32.13 20.47 23.06
N ASN A 190 -32.69 19.74 24.03
CA ASN A 190 -31.82 19.46 25.21
C ASN A 190 -30.67 18.51 24.87
N THR A 191 -30.94 17.42 24.14
CA THR A 191 -29.86 16.42 23.90
C THR A 191 -28.80 16.89 22.91
N SER A 192 -29.20 17.37 21.72
CA SER A 192 -28.18 17.71 20.68
C SER A 192 -28.79 18.54 19.55
N ALA A 193 -27.95 19.18 18.74
CA ALA A 193 -28.49 19.92 17.57
C ALA A 193 -28.92 18.92 16.49
N ILE A 194 -29.93 19.30 15.68
CA ILE A 194 -30.49 18.36 14.66
C ILE A 194 -29.96 18.74 13.27
N THR A 195 -29.74 17.76 12.39
CA THR A 195 -29.36 18.12 11.02
C THR A 195 -30.47 17.77 10.05
N GLN A 196 -30.81 18.66 9.13
CA GLN A 196 -31.85 18.34 8.15
C GLN A 196 -31.31 17.50 7.05
N ALA A 197 -32.00 16.44 6.71
CA ALA A 197 -31.57 15.64 5.59
C ALA A 197 -31.73 16.46 4.32
N CYS A 198 -30.78 16.35 3.37
CA CYS A 198 -30.84 17.05 2.08
C CYS A 198 -32.01 16.48 1.24
N PRO A 199 -32.90 17.32 0.69
CA PRO A 199 -34.10 16.95 -0.04
C PRO A 199 -33.80 16.27 -1.37
N LYS A 200 -32.59 16.42 -1.84
CA LYS A 200 -32.18 15.83 -3.10
C LYS A 200 -31.66 14.42 -2.92
N VAL A 201 -31.51 13.96 -1.68
CA VAL A 201 -30.93 12.65 -1.43
C VAL A 201 -32.01 11.67 -1.00
N SER A 202 -32.14 10.60 -1.74
CA SER A 202 -33.12 9.59 -1.44
C SER A 202 -32.62 8.65 -0.36
N PHE A 203 -33.54 7.87 0.20
CA PHE A 203 -33.18 6.87 1.21
C PHE A 203 -33.33 5.47 0.65
N GLU A 204 -33.38 5.36 -0.67
CA GLU A 204 -33.56 4.08 -1.31
C GLU A 204 -32.42 3.13 -0.93
N PRO A 205 -32.70 1.90 -0.52
CA PRO A 205 -31.73 0.90 -0.13
C PRO A 205 -31.04 0.23 -1.31
N ILE A 206 -30.17 0.97 -1.97
CA ILE A 206 -29.44 0.48 -3.12
C ILE A 206 -28.49 -0.59 -2.64
N PRO A 207 -28.45 -1.80 -3.24
CA PRO A 207 -27.65 -2.92 -2.81
C PRO A 207 -26.15 -2.71 -2.90
N ILE A 208 -25.47 -3.31 -1.95
CA ILE A 208 -24.02 -3.30 -1.81
C ILE A 208 -23.47 -4.72 -1.93
N HIS A 209 -22.45 -4.91 -2.74
CA HIS A 209 -21.82 -6.22 -2.85
C HIS A 209 -20.54 -6.17 -2.04
N TYR A 210 -20.17 -7.24 -1.36
CA TYR A 210 -18.88 -7.26 -0.66
C TYR A 210 -17.90 -8.20 -1.34
N CYS A 211 -16.74 -7.66 -1.76
CA CYS A 211 -15.72 -8.35 -2.55
C CYS A 211 -14.47 -8.63 -1.73
N ALA A 212 -13.87 -9.79 -1.96
CA ALA A 212 -12.66 -10.15 -1.23
C ALA A 212 -11.42 -9.46 -1.82
N PRO A 213 -10.44 -9.09 -1.00
CA PRO A 213 -9.14 -8.62 -1.40
C PRO A 213 -8.34 -9.82 -1.87
N ALA A 214 -7.35 -9.60 -2.71
CA ALA A 214 -6.54 -10.72 -3.15
C ALA A 214 -5.89 -11.37 -1.96
N GLY A 215 -5.82 -12.69 -1.99
CA GLY A 215 -5.24 -13.49 -0.93
C GLY A 215 -6.33 -14.09 -0.06
N PHE A 216 -7.56 -13.63 -0.28
CA PHE A 216 -8.75 -14.07 0.44
C PHE A 216 -9.84 -14.55 -0.48
N ALA A 217 -10.75 -15.31 0.07
CA ALA A 217 -11.88 -15.80 -0.71
C ALA A 217 -13.14 -15.85 0.13
N ILE A 218 -14.28 -15.72 -0.53
CA ILE A 218 -15.55 -15.82 0.15
C ILE A 218 -16.23 -17.11 -0.20
N LEU A 219 -16.57 -17.89 0.80
CA LEU A 219 -17.22 -19.14 0.55
C LEU A 219 -18.71 -19.01 0.80
N LYS A 220 -19.49 -19.52 -0.12
CA LYS A 220 -20.93 -19.45 -0.05
C LYS A 220 -21.57 -20.82 0.21
N CYS A 221 -22.50 -20.91 1.19
CA CYS A 221 -23.23 -22.13 1.53
C CYS A 221 -24.49 -22.22 0.68
N LYS A 222 -24.61 -23.29 -0.11
CA LYS A 222 -25.74 -23.47 -1.00
C LYS A 222 -26.76 -24.48 -0.49
N ASP A 223 -26.59 -24.92 0.73
CA ASP A 223 -27.53 -25.88 1.28
C ASP A 223 -28.81 -25.16 1.64
N LYS A 224 -29.88 -25.52 0.93
CA LYS A 224 -31.19 -24.88 1.06
C LYS A 224 -31.82 -25.04 2.42
N LYS A 225 -31.36 -26.02 3.18
CA LYS A 225 -31.89 -26.28 4.48
C LYS A 225 -30.97 -25.79 5.60
N PHE A 226 -29.92 -25.06 5.23
CA PHE A 226 -28.96 -24.61 6.22
C PHE A 226 -29.57 -23.64 7.23
N ASN A 227 -29.37 -23.94 8.53
CA ASN A 227 -29.91 -23.19 9.69
C ASN A 227 -28.92 -22.20 10.33
N GLY A 228 -27.80 -21.86 9.66
CA GLY A 228 -26.80 -20.90 10.10
C GLY A 228 -25.53 -21.47 10.71
N THR A 229 -25.54 -22.71 11.19
CA THR A 229 -24.33 -23.26 11.75
C THR A 229 -24.07 -24.67 11.31
N GLY A 230 -22.85 -25.12 11.53
CA GLY A 230 -22.53 -26.51 11.29
C GLY A 230 -22.02 -26.71 9.90
N PRO A 231 -21.75 -27.94 9.51
CA PRO A 231 -21.21 -28.27 8.24
C PRO A 231 -22.24 -27.95 7.19
N CYS A 232 -21.77 -27.52 6.02
CA CYS A 232 -22.54 -27.22 4.83
C CYS A 232 -21.92 -28.10 3.74
N PRO A 233 -22.63 -29.13 3.27
CA PRO A 233 -22.18 -30.11 2.30
C PRO A 233 -22.00 -29.58 0.90
N SER A 234 -22.52 -28.39 0.62
CA SER A 234 -22.41 -27.83 -0.72
C SER A 234 -21.97 -26.40 -0.61
N VAL A 235 -20.71 -26.19 -0.89
CA VAL A 235 -20.06 -24.91 -0.71
C VAL A 235 -19.39 -24.49 -1.97
N SER A 236 -19.55 -23.25 -2.38
CA SER A 236 -18.87 -22.77 -3.58
C SER A 236 -18.07 -21.51 -3.28
N THR A 237 -17.11 -21.20 -4.12
CA THR A 237 -16.32 -20.00 -3.93
C THR A 237 -16.79 -18.89 -4.82
N VAL A 238 -16.97 -17.71 -4.27
CA VAL A 238 -17.40 -16.60 -5.09
C VAL A 238 -16.41 -15.48 -5.00
N GLN A 239 -16.30 -14.74 -6.09
CA GLN A 239 -15.43 -13.58 -6.08
C GLN A 239 -15.90 -12.43 -5.17
N CYS A 240 -17.24 -12.23 -5.12
CA CYS A 240 -17.92 -11.14 -4.46
C CYS A 240 -19.34 -11.64 -4.18
N THR A 241 -19.95 -11.17 -3.10
CA THR A 241 -21.31 -11.59 -2.73
C THR A 241 -22.31 -10.95 -3.64
N HIS A 242 -23.55 -11.41 -3.53
CA HIS A 242 -24.64 -10.85 -4.29
C HIS A 242 -24.90 -9.52 -3.64
N GLY A 243 -25.68 -8.68 -4.29
CA GLY A 243 -25.90 -7.42 -3.63
C GLY A 243 -26.90 -7.59 -2.52
N ILE A 244 -26.64 -6.95 -1.40
CA ILE A 244 -27.54 -6.95 -0.28
C ILE A 244 -28.11 -5.58 -0.07
N LYS A 245 -29.43 -5.50 -0.06
CA LYS A 245 -30.08 -4.23 0.12
C LYS A 245 -30.07 -3.84 1.59
N PRO A 246 -29.54 -2.68 1.97
CA PRO A 246 -29.45 -2.19 3.32
C PRO A 246 -30.79 -1.64 3.75
N VAL A 247 -31.76 -2.51 3.86
CA VAL A 247 -33.10 -2.09 4.23
C VAL A 247 -33.12 -1.96 5.73
N VAL A 248 -33.62 -0.85 6.22
CA VAL A 248 -33.68 -0.65 7.64
C VAL A 248 -35.09 -0.77 8.17
N SER A 249 -35.29 -1.71 9.08
CA SER A 249 -36.57 -1.96 9.69
C SER A 249 -36.36 -2.67 11.00
N THR A 250 -37.41 -2.74 11.81
CA THR A 250 -37.29 -3.50 13.07
C THR A 250 -37.86 -4.91 13.05
N GLN A 251 -38.98 -5.10 13.69
CA GLN A 251 -39.50 -6.45 13.91
C GLN A 251 -39.88 -7.26 12.67
N LEU A 252 -40.22 -6.62 11.58
CA LEU A 252 -40.50 -7.38 10.37
C LEU A 252 -39.44 -6.97 9.37
N LEU A 253 -38.79 -7.98 8.82
CA LEU A 253 -37.77 -7.79 7.84
C LEU A 253 -38.44 -7.62 6.52
N LEU A 254 -38.07 -6.59 5.82
CA LEU A 254 -38.68 -6.31 4.55
C LEU A 254 -37.70 -6.45 3.42
N ASN A 255 -38.20 -6.86 2.24
CA ASN A 255 -37.53 -6.93 0.95
C ASN A 255 -36.19 -7.72 0.97
N GLY A 256 -36.13 -8.84 1.73
CA GLY A 256 -34.96 -9.70 1.82
C GLY A 256 -35.11 -10.92 0.94
N SER A 257 -34.25 -11.89 1.16
CA SER A 257 -34.30 -13.11 0.41
C SER A 257 -35.30 -14.03 1.03
N LEU A 258 -35.94 -14.86 0.22
CA LEU A 258 -36.86 -15.86 0.71
C LEU A 258 -36.17 -17.17 0.82
N ALA A 259 -36.67 -18.00 1.72
CA ALA A 259 -36.18 -19.35 1.86
C ALA A 259 -36.55 -20.06 0.59
N GLU A 260 -35.71 -20.96 0.12
CA GLU A 260 -35.99 -21.65 -1.11
C GLU A 260 -37.13 -22.64 -1.05
N GLU A 261 -37.25 -23.36 0.06
CA GLU A 261 -38.27 -24.40 0.14
C GLU A 261 -39.27 -24.28 1.29
N GLU A 262 -38.78 -23.99 2.48
CA GLU A 262 -39.60 -24.04 3.68
C GLU A 262 -39.17 -22.96 4.63
N VAL A 263 -40.02 -22.66 5.59
CA VAL A 263 -39.68 -21.66 6.58
C VAL A 263 -38.52 -22.15 7.42
N ILE A 264 -37.52 -21.31 7.61
CA ILE A 264 -36.35 -21.72 8.39
C ILE A 264 -36.16 -20.89 9.63
N ILE A 265 -36.04 -21.57 10.77
CA ILE A 265 -35.84 -20.86 12.01
C ILE A 265 -34.40 -20.94 12.46
N ARG A 266 -33.74 -19.80 12.54
CA ARG A 266 -32.34 -19.77 12.88
C ARG A 266 -32.10 -19.02 14.19
N SER A 267 -31.41 -19.65 15.12
CA SER A 267 -31.10 -18.97 16.38
C SER A 267 -29.77 -19.43 16.91
N GLU A 268 -29.07 -18.56 17.64
CA GLU A 268 -27.78 -18.96 18.21
C GLU A 268 -27.88 -20.11 19.22
N ASN A 269 -28.93 -20.09 20.06
CA ASN A 269 -29.29 -21.08 21.08
C ASN A 269 -30.81 -21.01 21.24
N ILE A 270 -31.58 -21.96 20.65
CA ILE A 270 -33.05 -21.92 20.60
C ILE A 270 -33.71 -22.03 21.97
N THR A 271 -33.04 -22.71 22.90
CA THR A 271 -33.60 -22.88 24.22
C THR A 271 -33.19 -21.75 25.17
N ASN A 272 -32.40 -20.79 24.68
CA ASN A 272 -31.96 -19.66 25.50
C ASN A 272 -32.86 -18.48 25.20
N ASN A 273 -33.68 -18.08 26.16
CA ASN A 273 -34.65 -17.02 25.91
C ASN A 273 -34.01 -15.64 25.78
N ALA A 274 -32.71 -15.57 25.99
CA ALA A 274 -31.97 -14.33 25.86
C ALA A 274 -31.55 -14.08 24.42
N LYS A 275 -31.80 -15.02 23.54
CA LYS A 275 -31.40 -14.87 22.15
C LYS A 275 -32.57 -14.54 21.25
N ASN A 276 -32.30 -13.85 20.15
CA ASN A 276 -33.37 -13.58 19.20
C ASN A 276 -33.45 -14.69 18.18
N ILE A 277 -34.63 -14.88 17.64
CA ILE A 277 -34.87 -15.88 16.63
C ILE A 277 -35.17 -15.25 15.28
N LEU A 278 -34.41 -15.62 14.25
CA LEU A 278 -34.66 -15.06 12.93
C LEU A 278 -35.43 -16.07 12.12
N VAL A 279 -36.61 -15.71 11.67
CA VAL A 279 -37.40 -16.64 10.91
C VAL A 279 -37.49 -16.21 9.47
N GLN A 280 -37.00 -17.04 8.56
CA GLN A 280 -37.05 -16.71 7.15
C GLN A 280 -38.25 -17.36 6.52
N LEU A 281 -39.02 -16.60 5.77
CA LEU A 281 -40.21 -17.17 5.16
C LEU A 281 -39.91 -17.67 3.78
N ASN A 282 -40.67 -18.66 3.29
CA ASN A 282 -40.47 -19.15 1.93
C ASN A 282 -41.44 -18.54 0.95
N THR A 283 -42.29 -17.68 1.45
CA THR A 283 -43.24 -16.95 0.65
C THR A 283 -43.28 -15.55 1.21
N PRO A 284 -43.45 -14.52 0.41
CA PRO A 284 -43.59 -13.16 0.86
C PRO A 284 -44.98 -12.92 1.37
N VAL A 285 -45.12 -11.98 2.27
CA VAL A 285 -46.45 -11.49 2.61
C VAL A 285 -46.48 -10.05 2.16
N GLN A 286 -47.41 -9.70 1.31
CA GLN A 286 -47.40 -8.34 0.82
C GLN A 286 -48.02 -7.43 1.83
N ILE A 287 -47.37 -6.31 2.10
CA ILE A 287 -47.87 -5.30 3.01
C ILE A 287 -47.94 -3.93 2.28
N ASN A 288 -49.12 -3.26 2.35
CA ASN A 288 -49.43 -1.98 1.71
C ASN A 288 -49.56 -0.88 2.76
N CYS A 289 -48.64 0.12 2.75
CA CYS A 289 -48.59 1.19 3.75
C CYS A 289 -48.89 2.54 3.12
N THR A 290 -49.60 3.37 3.88
CA THR A 290 -49.94 4.68 3.39
C THR A 290 -50.10 5.76 4.44
N ARG A 291 -49.90 6.99 3.98
CA ARG A 291 -50.13 8.21 4.71
C ARG A 291 -51.13 9.03 3.90
N PRO A 292 -52.44 8.81 4.10
CA PRO A 292 -53.54 9.30 3.29
C PRO A 292 -53.95 10.73 3.56
N ASN A 293 -53.03 11.65 3.50
CA ASN A 293 -53.31 13.05 3.79
C ASN A 293 -52.56 13.89 2.78
N ASN A 294 -53.19 14.92 2.18
CA ASN A 294 -52.53 15.77 1.20
C ASN A 294 -51.75 16.90 1.91
N ASN A 295 -50.42 16.71 2.01
CA ASN A 295 -49.45 17.54 2.72
C ASN A 295 -48.91 18.69 1.87
N THR A 296 -49.18 19.91 2.28
CA THR A 296 -48.68 21.07 1.56
C THR A 296 -47.40 21.48 2.24
N VAL A 297 -46.30 21.45 1.51
CA VAL A 297 -44.98 21.74 2.05
C VAL A 297 -44.49 23.14 1.69
N LYS A 298 -44.00 23.82 2.71
CA LYS A 298 -43.51 25.18 2.60
C LYS A 298 -42.06 25.28 3.07
N SER A 299 -41.37 26.34 2.69
CA SER A 299 -40.02 26.51 3.18
C SER A 299 -39.65 27.94 3.45
N ILE A 300 -38.68 28.10 4.33
CA ILE A 300 -38.12 29.40 4.69
C ILE A 300 -36.61 29.41 4.69
N ARG A 301 -36.04 30.59 4.58
CA ARG A 301 -34.60 30.66 4.76
C ARG A 301 -34.34 31.02 6.20
N ILE A 302 -33.41 30.30 6.79
CA ILE A 302 -33.03 30.52 8.18
C ILE A 302 -31.61 31.02 8.25
N GLY A 303 -30.97 31.08 7.10
CA GLY A 303 -29.63 31.60 7.03
C GLY A 303 -29.16 31.73 5.57
N PRO A 304 -27.88 31.95 5.35
CA PRO A 304 -27.25 32.22 4.08
C PRO A 304 -27.22 30.99 3.19
N GLY A 305 -28.33 30.79 2.50
CA GLY A 305 -28.51 29.66 1.59
C GLY A 305 -28.98 28.45 2.37
N GLN A 306 -29.44 28.70 3.57
CA GLN A 306 -29.87 27.64 4.45
C GLN A 306 -31.38 27.57 4.48
N ALA A 307 -31.95 26.58 3.80
CA ALA A 307 -33.40 26.46 3.71
C ALA A 307 -33.94 25.33 4.54
N PHE A 308 -35.00 25.62 5.25
CA PHE A 308 -35.73 24.70 6.10
C PHE A 308 -37.07 24.35 5.53
N TYR A 309 -37.39 23.06 5.54
CA TYR A 309 -38.67 22.60 5.00
C TYR A 309 -39.59 22.12 6.10
N TYR A 310 -40.86 22.46 5.96
CA TYR A 310 -41.85 22.07 6.95
C TYR A 310 -43.25 21.89 6.40
N THR A 311 -44.10 21.21 7.15
CA THR A 311 -45.48 21.07 6.70
C THR A 311 -46.18 22.36 6.97
N GLY A 312 -46.78 22.89 5.93
CA GLY A 312 -47.49 24.14 5.99
C GLY A 312 -48.89 23.87 6.46
N ASP A 313 -49.56 23.01 5.72
CA ASP A 313 -50.94 22.68 6.03
C ASP A 313 -51.33 21.32 5.50
N ILE A 314 -52.56 20.92 5.79
CA ILE A 314 -53.16 19.70 5.29
C ILE A 314 -54.45 20.02 4.58
N ILE A 315 -54.58 19.50 3.37
CA ILE A 315 -55.77 19.70 2.60
C ILE A 315 -56.67 18.51 2.77
N GLY A 316 -57.87 18.77 3.24
CA GLY A 316 -58.83 17.72 3.50
C GLY A 316 -58.75 17.24 4.93
N ASP A 317 -59.48 16.17 5.21
CA ASP A 317 -59.64 15.59 6.55
C ASP A 317 -58.34 14.99 7.03
N ILE A 318 -58.19 14.89 8.34
CA ILE A 318 -57.00 14.27 8.90
C ILE A 318 -57.25 12.85 9.36
N ARG A 319 -56.52 11.94 8.73
CA ARG A 319 -56.64 10.51 8.95
C ARG A 319 -55.34 9.87 9.36
N GLN A 320 -55.45 8.73 10.02
CA GLN A 320 -54.28 8.02 10.49
C GLN A 320 -53.60 7.20 9.41
N ALA A 321 -52.27 7.24 9.40
CA ALA A 321 -51.46 6.44 8.50
C ALA A 321 -51.63 5.01 8.92
N HIS A 322 -51.58 4.09 8.00
CA HIS A 322 -51.78 2.69 8.34
C HIS A 322 -51.19 1.72 7.32
N CYS A 323 -51.04 0.42 7.71
CA CYS A 323 -50.57 -0.67 6.84
C CYS A 323 -51.56 -1.84 6.81
N ASN A 324 -51.72 -2.42 5.63
CA ASN A 324 -52.59 -3.59 5.47
C ASN A 324 -51.83 -4.84 5.03
N VAL A 325 -52.28 -6.00 5.55
CA VAL A 325 -51.87 -7.34 5.08
C VAL A 325 -53.12 -8.16 4.86
N SER A 326 -53.05 -9.18 4.02
CA SER A 326 -54.17 -10.09 3.85
C SER A 326 -54.34 -10.90 5.10
N LYS A 327 -55.58 -11.01 5.58
CA LYS A 327 -55.76 -11.75 6.81
C LYS A 327 -55.45 -13.21 6.61
N ALA A 328 -55.89 -13.76 5.49
CA ALA A 328 -55.64 -15.16 5.25
C ALA A 328 -54.18 -15.46 5.04
N THR A 329 -53.48 -14.57 4.33
CA THR A 329 -52.08 -14.84 4.05
C THR A 329 -51.31 -14.83 5.33
N TRP A 330 -51.60 -13.85 6.18
CA TRP A 330 -50.91 -13.79 7.44
C TRP A 330 -51.15 -15.05 8.28
N ASN A 331 -52.42 -15.58 8.32
CA ASN A 331 -52.76 -16.79 9.08
C ASN A 331 -51.99 -18.02 8.57
N GLU A 332 -51.80 -18.17 7.22
CA GLU A 332 -51.01 -19.27 6.64
C GLU A 332 -49.55 -19.14 7.01
N THR A 333 -49.07 -17.90 7.03
CA THR A 333 -47.70 -17.65 7.37
C THR A 333 -47.44 -18.07 8.79
N LEU A 334 -48.33 -17.72 9.72
CA LEU A 334 -48.08 -18.16 11.08
C LEU A 334 -48.18 -19.65 11.17
N GLY A 335 -49.11 -20.26 10.45
CA GLY A 335 -49.22 -21.70 10.56
C GLY A 335 -47.91 -22.39 10.21
N LYS A 336 -47.26 -21.92 9.14
CA LYS A 336 -45.98 -22.50 8.75
C LYS A 336 -44.91 -22.27 9.81
N VAL A 337 -44.89 -21.09 10.41
CA VAL A 337 -43.90 -20.80 11.43
C VAL A 337 -44.09 -21.71 12.64
N VAL A 338 -45.34 -21.91 13.04
CA VAL A 338 -45.68 -22.74 14.17
C VAL A 338 -45.24 -24.18 13.91
N LYS A 339 -45.47 -24.69 12.72
CA LYS A 339 -45.03 -26.05 12.43
C LYS A 339 -43.55 -26.22 12.63
N GLN A 340 -42.77 -25.21 12.29
CA GLN A 340 -41.32 -25.33 12.45
C GLN A 340 -40.91 -25.11 13.90
N LEU A 341 -41.61 -24.26 14.63
CA LEU A 341 -41.26 -24.06 16.04
C LEU A 341 -41.44 -25.34 16.82
N ARG A 342 -42.45 -26.13 16.45
CA ARG A 342 -42.72 -27.39 17.14
C ARG A 342 -41.63 -28.44 16.94
N LYS A 343 -40.65 -28.18 16.08
CA LYS A 343 -39.56 -29.11 15.92
C LYS A 343 -38.46 -28.84 16.94
N HIS A 344 -38.51 -27.68 17.60
CA HIS A 344 -37.51 -27.31 18.58
C HIS A 344 -38.09 -27.32 19.97
N PHE A 345 -39.39 -27.16 20.03
CA PHE A 345 -40.15 -27.13 21.25
C PHE A 345 -40.95 -28.41 21.26
N GLY A 346 -41.77 -28.65 22.27
CA GLY A 346 -42.47 -29.93 22.25
C GLY A 346 -43.48 -29.93 21.11
N ASN A 347 -43.89 -31.13 20.64
CA ASN A 347 -44.88 -31.31 19.57
C ASN A 347 -46.32 -31.08 20.10
N ASN A 348 -46.64 -31.66 21.29
CA ASN A 348 -47.94 -31.54 21.94
C ASN A 348 -47.87 -30.31 22.81
N THR A 349 -47.77 -29.18 22.15
CA THR A 349 -47.57 -27.95 22.86
C THR A 349 -48.49 -26.86 22.41
N ILE A 350 -48.33 -25.72 23.06
CA ILE A 350 -49.06 -24.54 22.73
C ILE A 350 -48.12 -23.41 22.40
N ILE A 351 -48.34 -22.81 21.24
CA ILE A 351 -47.56 -21.68 20.81
C ILE A 351 -48.43 -20.45 20.76
N ARG A 352 -48.02 -19.44 21.49
CA ARG A 352 -48.80 -18.23 21.57
C ARG A 352 -48.04 -17.01 21.13
N PHE A 353 -48.70 -16.20 20.34
CA PHE A 353 -48.12 -14.96 19.89
C PHE A 353 -48.72 -13.80 20.62
N ALA A 354 -47.87 -12.86 20.98
CA ALA A 354 -48.26 -11.68 21.72
C ALA A 354 -47.45 -10.45 21.30
N GLN A 355 -48.00 -9.28 21.61
CA GLN A 355 -47.40 -7.98 21.34
C GLN A 355 -46.24 -7.67 22.26
N SER A 356 -45.37 -6.75 21.83
CA SER A 356 -44.25 -6.38 22.68
C SER A 356 -44.69 -5.87 24.01
N SER A 357 -43.95 -6.29 25.04
CA SER A 357 -44.23 -5.96 26.41
C SER A 357 -43.88 -4.54 26.83
N GLY A 358 -43.09 -3.83 26.03
CA GLY A 358 -42.72 -2.48 26.43
C GLY A 358 -41.43 -1.98 25.84
N GLY A 359 -41.09 -0.73 26.20
CA GLY A 359 -39.92 -0.03 25.69
C GLY A 359 -40.39 1.16 24.89
N ASP A 360 -39.47 1.88 24.26
CA ASP A 360 -39.90 3.07 23.53
C ASP A 360 -40.45 2.72 22.17
N LEU A 361 -40.89 3.74 21.44
CA LEU A 361 -41.52 3.55 20.16
C LEU A 361 -40.61 2.82 19.18
N GLU A 362 -39.33 3.08 19.25
CA GLU A 362 -38.36 2.47 18.35
C GLU A 362 -38.21 0.94 18.49
N VAL A 363 -38.65 0.38 19.60
CA VAL A 363 -38.54 -1.07 19.79
C VAL A 363 -39.87 -1.79 19.97
N THR A 364 -40.98 -1.06 20.13
CA THR A 364 -42.27 -1.71 20.33
C THR A 364 -43.13 -1.71 19.08
N THR A 365 -42.63 -1.10 18.02
CA THR A 365 -43.34 -0.96 16.78
C THR A 365 -42.52 -1.43 15.60
N HIS A 366 -43.15 -1.41 14.45
CA HIS A 366 -42.49 -1.75 13.23
C HIS A 366 -42.04 -0.48 12.57
N SER A 367 -40.76 -0.24 12.60
CA SER A 367 -40.23 0.97 12.03
C SER A 367 -39.75 0.74 10.64
N PHE A 368 -40.06 1.67 9.75
CA PHE A 368 -39.56 1.63 8.38
C PHE A 368 -39.66 2.96 7.65
N ASN A 369 -38.88 3.09 6.59
CA ASN A 369 -38.93 4.23 5.69
C ASN A 369 -39.86 3.95 4.51
N CYS A 370 -40.96 4.71 4.38
CA CYS A 370 -41.98 4.55 3.33
C CYS A 370 -42.02 5.81 2.48
N GLY A 371 -41.33 5.77 1.37
CA GLY A 371 -41.32 6.92 0.48
C GLY A 371 -40.61 8.12 1.05
N GLY A 372 -39.69 7.94 1.98
CA GLY A 372 -39.01 9.03 2.63
C GLY A 372 -39.58 9.40 4.00
N GLU A 373 -40.78 8.93 4.35
CA GLU A 373 -41.31 9.25 5.67
C GLU A 373 -41.00 8.12 6.63
N PHE A 374 -40.90 8.43 7.91
CA PHE A 374 -40.62 7.40 8.88
C PHE A 374 -41.81 7.01 9.72
N PHE A 375 -42.23 5.77 9.50
CA PHE A 375 -43.39 5.15 10.09
C PHE A 375 -43.03 4.29 11.27
N TYR A 376 -43.88 4.32 12.28
CA TYR A 376 -43.79 3.48 13.49
C TYR A 376 -45.15 2.82 13.73
N CYS A 377 -45.36 1.61 13.14
CA CYS A 377 -46.66 0.92 13.07
C CYS A 377 -46.85 -0.08 14.19
N ASN A 378 -48.07 -0.15 14.68
CA ASN A 378 -48.47 -1.05 15.74
C ASN A 378 -48.88 -2.43 15.17
N THR A 379 -48.09 -3.48 15.48
CA THR A 379 -48.20 -4.85 14.99
C THR A 379 -48.94 -5.78 15.92
N SER A 380 -49.61 -5.25 16.94
CA SER A 380 -50.33 -6.15 17.84
C SER A 380 -51.39 -6.93 17.10
N GLY A 381 -51.90 -6.39 15.98
CA GLY A 381 -52.91 -7.06 15.19
C GLY A 381 -52.35 -8.27 14.43
N LEU A 382 -51.02 -8.38 14.35
CA LEU A 382 -50.39 -9.49 13.64
C LEU A 382 -49.98 -10.57 14.63
N PHE A 383 -49.72 -10.18 15.86
CA PHE A 383 -49.24 -11.13 16.85
C PHE A 383 -50.18 -11.26 18.04
N ASN A 384 -51.39 -11.77 17.75
CA ASN A 384 -52.49 -11.98 18.70
C ASN A 384 -53.21 -13.29 18.36
N SER A 385 -52.60 -14.44 18.73
CA SER A 385 -53.17 -15.78 18.43
C SER A 385 -52.60 -16.89 19.30
N THR A 386 -53.37 -17.98 19.43
CA THR A 386 -52.85 -19.16 20.11
C THR A 386 -53.06 -20.38 19.23
N TRP A 387 -51.98 -21.11 19.02
CA TRP A 387 -51.99 -22.31 18.20
C TRP A 387 -51.80 -23.55 19.08
N ILE A 388 -52.81 -24.39 19.15
CA ILE A 388 -52.77 -25.53 20.06
C ILE A 388 -52.72 -26.88 19.34
N SER A 389 -51.70 -27.73 19.66
CA SER A 389 -51.41 -29.08 19.16
C SER A 389 -52.30 -29.57 17.98
N ASN A 402 -62.43 -11.41 1.35
CA ASN A 402 -61.12 -10.79 1.19
C ASN A 402 -60.86 -9.79 2.35
N ASP A 403 -60.74 -10.33 3.58
CA ASP A 403 -60.45 -9.62 4.81
C ASP A 403 -59.00 -9.20 4.90
N SER A 404 -58.76 -8.13 5.65
CA SER A 404 -57.42 -7.64 5.84
C SER A 404 -57.24 -7.13 7.24
N ILE A 405 -55.98 -7.05 7.64
CA ILE A 405 -55.61 -6.56 8.94
C ILE A 405 -55.00 -5.20 8.80
N THR A 406 -55.59 -4.22 9.46
CA THR A 406 -55.06 -2.86 9.41
C THR A 406 -54.30 -2.53 10.67
N LEU A 407 -53.08 -2.07 10.48
CA LEU A 407 -52.18 -1.69 11.53
C LEU A 407 -52.10 -0.17 11.59
N PRO A 408 -52.49 0.48 12.69
CA PRO A 408 -52.40 1.92 12.88
C PRO A 408 -50.92 2.31 12.86
N CYS A 409 -50.54 3.48 12.29
CA CYS A 409 -49.15 3.97 12.25
C CYS A 409 -48.98 5.41 12.75
N ARG A 410 -47.87 5.63 13.44
CA ARG A 410 -47.47 6.94 13.92
C ARG A 410 -46.39 7.45 12.99
N ILE A 411 -46.27 8.76 12.86
CA ILE A 411 -45.23 9.37 12.01
C ILE A 411 -44.31 10.29 12.81
N LYS A 412 -43.00 10.21 12.58
CA LYS A 412 -42.08 11.12 13.28
C LYS A 412 -41.14 11.79 12.30
N GLN A 413 -40.87 13.09 12.50
CA GLN A 413 -39.91 13.77 11.66
C GLN A 413 -38.53 13.79 12.30
N ILE A 414 -38.46 13.71 13.63
CA ILE A 414 -37.14 13.79 14.34
C ILE A 414 -36.74 12.37 14.78
N ILE A 415 -35.79 11.74 14.06
CA ILE A 415 -35.44 10.38 14.36
C ILE A 415 -33.97 10.20 14.67
N ASN A 416 -33.64 9.09 15.33
CA ASN A 416 -32.25 8.82 15.64
C ASN A 416 -31.59 7.76 14.74
N MET A 417 -32.38 6.93 14.08
CA MET A 417 -31.92 5.83 13.22
C MET A 417 -31.18 4.70 13.87
N TRP A 418 -30.00 5.01 14.31
CA TRP A 418 -29.11 4.04 14.88
C TRP A 418 -29.30 4.14 16.36
N GLN A 419 -28.91 3.13 17.11
CA GLN A 419 -29.10 3.25 18.55
C GLN A 419 -28.01 4.10 19.17
N ARG A 420 -28.14 5.40 18.95
CA ARG A 420 -27.19 6.41 19.37
C ARG A 420 -27.92 7.55 20.06
N ILE A 421 -27.20 8.29 20.88
CA ILE A 421 -27.75 9.43 21.60
C ILE A 421 -27.42 10.81 21.04
N GLY A 422 -26.20 10.99 20.56
CA GLY A 422 -25.68 12.31 20.20
C GLY A 422 -25.99 12.80 18.80
N GLN A 423 -26.80 12.09 18.06
CA GLN A 423 -27.11 12.49 16.71
C GLN A 423 -28.60 12.41 16.47
N ALA A 424 -29.12 13.33 15.65
CA ALA A 424 -30.56 13.38 15.34
C ALA A 424 -30.73 13.92 13.92
N MET A 425 -31.59 13.32 13.11
CA MET A 425 -31.86 13.80 11.78
C MET A 425 -33.28 14.28 11.64
N TYR A 426 -33.45 15.36 10.91
CA TYR A 426 -34.77 15.86 10.62
C TYR A 426 -35.13 15.43 9.23
N ALA A 427 -36.20 14.69 9.12
CA ALA A 427 -36.63 14.26 7.82
C ALA A 427 -37.66 15.27 7.35
N PRO A 428 -37.41 16.04 6.30
CA PRO A 428 -38.30 17.06 5.86
C PRO A 428 -39.50 16.33 5.36
N PRO A 429 -40.68 16.92 5.40
CA PRO A 429 -41.94 16.37 4.96
C PRO A 429 -42.01 16.27 3.48
N ILE A 430 -42.78 15.32 3.03
CA ILE A 430 -43.00 15.14 1.62
C ILE A 430 -44.37 15.57 1.12
N GLN A 431 -44.31 16.40 0.11
CA GLN A 431 -45.45 16.97 -0.57
C GLN A 431 -46.36 15.92 -1.14
N GLY A 432 -47.66 16.05 -0.89
CA GLY A 432 -48.61 15.10 -1.43
C GLY A 432 -48.97 13.96 -0.49
N VAL A 433 -49.32 12.82 -1.09
CA VAL A 433 -49.84 11.63 -0.41
C VAL A 433 -48.90 10.46 -0.67
N ILE A 434 -48.56 9.70 0.36
CA ILE A 434 -47.63 8.58 0.18
C ILE A 434 -48.19 7.19 0.29
N ARG A 435 -47.84 6.39 -0.69
CA ARG A 435 -48.19 4.99 -0.74
C ARG A 435 -46.93 4.17 -1.11
N CYS A 436 -46.66 3.04 -0.41
CA CYS A 436 -45.54 2.13 -0.69
C CYS A 436 -46.00 0.69 -0.45
N VAL A 437 -45.44 -0.23 -1.23
CA VAL A 437 -45.73 -1.64 -1.06
C VAL A 437 -44.44 -2.42 -0.92
N SER A 438 -44.39 -3.29 0.06
CA SER A 438 -43.20 -4.09 0.31
C SER A 438 -43.54 -5.53 0.67
N ASN A 439 -42.52 -6.42 0.64
CA ASN A 439 -42.66 -7.83 0.99
C ASN A 439 -42.09 -8.12 2.38
N ILE A 440 -42.84 -8.87 3.23
CA ILE A 440 -42.35 -9.35 4.52
C ILE A 440 -41.69 -10.65 4.20
N THR A 441 -40.40 -10.73 4.47
CA THR A 441 -39.61 -11.89 4.10
C THR A 441 -39.10 -12.62 5.31
N GLY A 442 -39.41 -12.10 6.48
CA GLY A 442 -38.98 -12.71 7.71
C GLY A 442 -39.36 -11.91 8.93
N LEU A 443 -39.29 -12.58 10.07
CA LEU A 443 -39.65 -12.02 11.36
C LEU A 443 -38.54 -12.08 12.38
N ILE A 444 -38.49 -11.13 13.30
CA ILE A 444 -37.58 -11.31 14.41
C ILE A 444 -38.39 -11.53 15.68
N LEU A 445 -38.27 -12.71 16.25
CA LEU A 445 -39.03 -13.07 17.45
C LEU A 445 -38.19 -13.30 18.67
N THR A 446 -38.78 -13.07 19.83
CA THR A 446 -38.12 -13.39 21.08
C THR A 446 -39.06 -14.32 21.81
N ARG A 447 -38.57 -15.00 22.81
CA ARG A 447 -39.40 -15.92 23.57
C ARG A 447 -39.33 -15.57 25.05
N ASP A 448 -40.48 -15.66 25.78
CA ASP A 448 -40.58 -15.40 27.22
C ASP A 448 -39.75 -16.42 28.01
N THR A 455 -47.26 -25.42 30.72
CA THR A 455 -46.63 -25.28 29.42
C THR A 455 -47.11 -23.96 28.78
N THR A 456 -46.86 -23.80 27.46
CA THR A 456 -47.14 -22.70 26.52
C THR A 456 -45.95 -21.79 26.35
N GLU A 457 -45.42 -21.78 25.15
CA GLU A 457 -44.31 -20.92 24.81
C GLU A 457 -44.89 -19.66 24.21
N THR A 458 -44.49 -18.51 24.72
CA THR A 458 -44.99 -17.25 24.20
C THR A 458 -43.90 -16.50 23.47
N PHE A 459 -44.24 -16.10 22.25
CA PHE A 459 -43.34 -15.40 21.38
C PHE A 459 -43.82 -13.99 21.12
N ARG A 460 -42.88 -13.06 21.05
CA ARG A 460 -43.20 -11.67 20.81
C ARG A 460 -42.25 -11.10 19.78
N PRO A 461 -42.60 -10.07 19.04
CA PRO A 461 -41.71 -9.35 18.17
C PRO A 461 -40.54 -8.72 18.91
N GLY A 462 -39.36 -8.73 18.30
CA GLY A 462 -38.15 -8.11 18.85
C GLY A 462 -37.44 -7.30 17.77
N GLY A 463 -36.14 -7.52 17.59
CA GLY A 463 -35.40 -6.86 16.51
C GLY A 463 -34.82 -5.47 16.74
N GLY A 464 -34.66 -5.03 17.97
CA GLY A 464 -34.11 -3.70 18.19
C GLY A 464 -32.69 -3.48 17.62
N ASP A 465 -31.85 -4.53 17.61
CA ASP A 465 -30.47 -4.45 17.11
C ASP A 465 -30.35 -4.70 15.60
N MET A 466 -29.88 -3.69 14.88
CA MET A 466 -29.76 -3.76 13.42
C MET A 466 -28.89 -4.87 12.87
N ARG A 467 -27.96 -5.36 13.67
CA ARG A 467 -27.10 -6.41 13.18
C ARG A 467 -27.89 -7.66 12.85
N ASP A 468 -29.08 -7.81 13.43
CA ASP A 468 -29.88 -8.97 13.16
C ASP A 468 -30.44 -8.93 11.76
N ASN A 469 -30.67 -7.73 11.22
CA ASN A 469 -31.25 -7.71 9.90
C ASN A 469 -30.20 -8.13 8.93
N TRP A 470 -28.98 -7.69 9.19
CA TRP A 470 -27.94 -8.03 8.27
C TRP A 470 -27.52 -9.47 8.34
N ARG A 471 -27.63 -10.09 9.50
CA ARG A 471 -27.32 -11.50 9.56
C ARG A 471 -28.26 -12.31 8.69
N SER A 472 -29.50 -11.87 8.54
CA SER A 472 -30.45 -12.65 7.75
C SER A 472 -30.05 -12.76 6.28
N GLU A 473 -29.14 -11.90 5.80
CA GLU A 473 -28.71 -11.98 4.41
C GLU A 473 -27.28 -12.54 4.31
N LEU A 474 -26.43 -12.23 5.30
CA LEU A 474 -25.04 -12.64 5.28
C LEU A 474 -24.74 -14.01 5.86
N TYR A 475 -25.74 -14.68 6.41
CA TYR A 475 -25.55 -15.98 7.03
C TYR A 475 -24.93 -17.04 6.13
N LYS A 476 -25.04 -16.90 4.83
CA LYS A 476 -24.51 -17.92 3.96
C LYS A 476 -23.09 -17.67 3.53
N TYR A 477 -22.48 -16.57 3.98
CA TYR A 477 -21.11 -16.31 3.55
C TYR A 477 -20.06 -16.40 4.64
N LYS A 478 -18.90 -16.91 4.27
CA LYS A 478 -17.76 -16.99 5.19
C LYS A 478 -16.50 -16.47 4.53
N VAL A 479 -15.64 -15.80 5.29
CA VAL A 479 -14.38 -15.33 4.71
C VAL A 479 -13.20 -16.13 5.20
N VAL A 480 -12.39 -16.60 4.25
CA VAL A 480 -11.22 -17.36 4.60
C VAL A 480 -9.98 -16.80 3.94
N LYS A 481 -8.82 -17.11 4.50
CA LYS A 481 -7.53 -16.69 3.98
C LYS A 481 -6.87 -17.86 3.30
N ILE A 482 -6.20 -17.60 2.19
CA ILE A 482 -5.53 -18.65 1.46
C ILE A 482 -4.11 -18.79 1.96
N GLU A 483 -3.71 -20.03 2.23
CA GLU A 483 -2.37 -20.31 2.72
C GLU A 483 -1.68 -21.28 1.76
N PRO A 484 -1.10 -20.80 0.67
CA PRO A 484 -0.61 -21.55 -0.46
C PRO A 484 0.63 -22.37 -0.21
N LEU A 485 1.32 -22.17 0.90
CA LEU A 485 2.56 -22.89 1.12
C LEU A 485 2.37 -24.08 2.03
N GLY A 486 2.94 -25.22 1.67
CA GLY A 486 2.85 -26.38 2.55
C GLY A 486 3.82 -27.48 2.15
N VAL A 487 3.89 -28.52 2.98
CA VAL A 487 4.83 -29.60 2.72
C VAL A 487 4.17 -30.96 2.79
N ALA A 488 4.80 -31.94 2.16
CA ALA A 488 4.36 -33.33 2.19
C ALA A 488 5.54 -34.23 1.82
N PRO A 489 5.63 -35.48 2.28
CA PRO A 489 6.66 -36.41 1.90
C PRO A 489 6.51 -36.93 0.49
N THR A 490 7.62 -37.09 -0.21
CA THR A 490 7.67 -37.69 -1.54
C THR A 490 8.91 -38.56 -1.62
N ARG A 491 9.11 -39.23 -2.74
CA ARG A 491 10.30 -40.05 -2.92
C ARG A 491 11.49 -39.30 -3.51
N CYS A 492 11.34 -38.02 -3.75
CA CYS A 492 12.38 -37.27 -4.44
C CYS A 492 13.22 -36.39 -3.58
N LYS A 493 14.53 -36.44 -3.81
CA LYS A 493 15.44 -35.64 -3.01
C LYS A 493 16.32 -34.77 -3.88
N ARG A 494 16.79 -33.64 -3.32
CA ARG A 494 17.67 -32.69 -3.97
C ARG A 494 19.06 -33.30 -4.18
N LEU B 9 -12.20 -26.16 -12.85
CA LEU B 9 -10.88 -25.76 -13.34
C LEU B 9 -10.42 -24.35 -12.87
N GLY B 10 -11.22 -23.67 -12.03
CA GLY B 10 -10.93 -22.34 -11.51
C GLY B 10 -10.25 -22.39 -10.16
N PHE B 11 -10.13 -21.23 -9.55
CA PHE B 11 -9.49 -21.07 -8.27
C PHE B 11 -10.14 -21.90 -7.20
N LEU B 12 -9.31 -22.71 -6.53
CA LEU B 12 -9.69 -23.64 -5.47
C LEU B 12 -10.61 -24.75 -5.95
N GLY B 13 -10.75 -24.93 -7.24
CA GLY B 13 -11.62 -25.97 -7.75
C GLY B 13 -11.20 -27.35 -7.29
N ALA B 14 -9.90 -27.52 -7.12
CA ALA B 14 -9.31 -28.78 -6.73
C ALA B 14 -9.27 -28.97 -5.22
N ALA B 15 -9.80 -28.04 -4.45
CA ALA B 15 -9.70 -28.15 -3.01
C ALA B 15 -10.28 -29.44 -2.48
N GLY B 16 -11.31 -29.98 -3.08
CA GLY B 16 -11.87 -31.23 -2.57
C GLY B 16 -11.25 -32.50 -3.19
N SER B 17 -10.30 -32.33 -4.10
CA SER B 17 -9.69 -33.46 -4.80
C SER B 17 -8.52 -33.97 -3.99
N THR B 18 -7.96 -35.10 -4.36
CA THR B 18 -6.87 -35.63 -3.57
C THR B 18 -5.60 -34.87 -3.81
N MET B 19 -4.62 -35.03 -2.93
CA MET B 19 -3.38 -34.30 -3.04
C MET B 19 -2.65 -34.54 -4.34
N GLY B 20 -2.69 -35.76 -4.85
CA GLY B 20 -1.98 -36.07 -6.07
C GLY B 20 -2.61 -35.47 -7.31
N ALA B 21 -3.82 -34.95 -7.20
CA ALA B 21 -4.49 -34.33 -8.33
C ALA B 21 -4.40 -32.82 -8.21
N ALA B 22 -4.59 -32.34 -6.99
CA ALA B 22 -4.61 -30.92 -6.66
C ALA B 22 -3.28 -30.28 -6.97
N SER B 23 -2.21 -31.05 -6.85
CA SER B 23 -0.86 -30.57 -7.10
C SER B 23 -0.66 -30.14 -8.54
N MET B 24 -1.57 -30.48 -9.44
CA MET B 24 -1.43 -30.06 -10.81
C MET B 24 -2.07 -28.69 -11.11
N THR B 25 -2.64 -28.03 -10.11
CA THR B 25 -3.31 -26.74 -10.29
C THR B 25 -2.60 -25.64 -9.50
N LEU B 26 -1.35 -25.84 -9.17
CA LEU B 26 -0.64 -24.89 -8.33
C LEU B 26 -0.55 -23.50 -8.96
N THR B 27 -0.52 -23.39 -10.28
CA THR B 27 -0.45 -22.08 -10.88
C THR B 27 -1.77 -21.34 -10.80
N VAL B 28 -2.87 -22.08 -10.64
CA VAL B 28 -4.15 -21.45 -10.59
C VAL B 28 -4.24 -20.69 -9.30
N GLN B 29 -3.80 -21.30 -8.22
CA GLN B 29 -3.87 -20.57 -6.97
C GLN B 29 -2.78 -19.54 -6.87
N ALA B 30 -1.57 -19.79 -7.38
CA ALA B 30 -0.54 -18.79 -7.24
C ALA B 30 -0.93 -17.48 -7.88
N ARG B 31 -1.62 -17.52 -9.01
CA ARG B 31 -2.01 -16.32 -9.71
C ARG B 31 -3.12 -15.53 -9.05
N ASN B 32 -3.76 -16.07 -8.04
CA ASN B 32 -4.83 -15.36 -7.38
C ASN B 32 -4.39 -14.78 -6.04
N LEU B 33 -3.09 -14.74 -5.81
CA LEU B 33 -2.61 -14.15 -4.59
C LEU B 33 -2.35 -12.67 -4.77
N LEU B 34 -2.10 -12.23 -5.99
CA LEU B 34 -1.84 -10.83 -6.25
C LEU B 34 -2.94 -10.28 -7.14
N SER B 35 -3.63 -9.20 -6.68
CA SER B 35 -4.77 -8.52 -7.35
C SER B 35 -5.66 -9.49 -8.18
N HIS B 59 -10.80 7.52 8.00
CA HIS B 59 -10.97 8.11 6.69
C HIS B 59 -11.31 6.97 5.70
N TRP B 60 -12.22 7.25 4.75
CA TRP B 60 -12.69 6.28 3.74
C TRP B 60 -11.55 5.95 2.77
N GLY B 61 -11.38 4.69 2.46
CA GLY B 61 -10.32 4.28 1.54
C GLY B 61 -9.03 3.87 2.25
N ILE B 62 -8.91 4.17 3.54
CA ILE B 62 -7.68 3.82 4.22
C ILE B 62 -7.67 2.38 4.59
N LYS B 63 -8.80 1.87 5.04
CA LYS B 63 -8.80 0.48 5.42
C LYS B 63 -8.52 -0.40 4.21
N GLN B 64 -8.84 0.07 3.00
CA GLN B 64 -8.56 -0.70 1.82
C GLN B 64 -7.07 -0.64 1.52
N LEU B 65 -6.42 0.52 1.71
CA LEU B 65 -4.99 0.52 1.50
C LEU B 65 -4.32 -0.36 2.50
N GLN B 66 -4.81 -0.41 3.73
CA GLN B 66 -4.15 -1.27 4.67
C GLN B 66 -4.27 -2.70 4.25
N ALA B 67 -5.44 -3.11 3.75
CA ALA B 67 -5.59 -4.48 3.32
C ALA B 67 -4.66 -4.82 2.17
N ARG B 68 -4.47 -3.88 1.25
CA ARG B 68 -3.61 -4.14 0.10
C ARG B 68 -2.16 -4.22 0.50
N VAL B 69 -1.73 -3.37 1.41
CA VAL B 69 -0.36 -3.40 1.84
C VAL B 69 -0.08 -4.68 2.57
N LEU B 70 -1.00 -5.10 3.45
CA LEU B 70 -0.79 -6.33 4.16
C LEU B 70 -0.81 -7.52 3.24
N ALA B 71 -1.66 -7.51 2.21
CA ALA B 71 -1.64 -8.63 1.29
C ALA B 71 -0.26 -8.73 0.64
N VAL B 72 0.34 -7.59 0.33
CA VAL B 72 1.68 -7.60 -0.24
C VAL B 72 2.69 -8.10 0.75
N GLU B 73 2.63 -7.64 2.00
CA GLU B 73 3.63 -8.12 2.93
C GLU B 73 3.50 -9.61 3.15
N HIS B 74 2.28 -10.12 3.19
CA HIS B 74 2.10 -11.55 3.38
C HIS B 74 2.77 -12.28 2.25
N TYR B 75 2.49 -11.85 1.02
CA TYR B 75 3.06 -12.48 -0.16
C TYR B 75 4.56 -12.49 -0.09
N LEU B 76 5.16 -11.36 0.23
CA LEU B 76 6.58 -11.29 0.27
C LEU B 76 7.17 -12.17 1.33
N ARG B 77 6.53 -12.34 2.48
CA ARG B 77 7.12 -13.20 3.47
C ARG B 77 7.18 -14.62 2.97
N ASP B 78 6.15 -15.08 2.26
CA ASP B 78 6.22 -16.44 1.76
C ASP B 78 7.31 -16.56 0.72
N GLN B 79 7.48 -15.54 -0.12
CA GLN B 79 8.52 -15.64 -1.11
C GLN B 79 9.89 -15.62 -0.46
N GLN B 80 10.06 -14.85 0.60
CA GLN B 80 11.34 -14.79 1.28
C GLN B 80 11.68 -16.13 1.84
N LEU B 81 10.68 -16.80 2.38
CA LEU B 81 10.90 -18.08 2.99
C LEU B 81 11.31 -19.10 1.94
N LEU B 82 10.68 -19.09 0.77
CA LEU B 82 11.10 -20.02 -0.26
C LEU B 82 12.53 -19.73 -0.64
N GLY B 83 12.90 -18.47 -0.64
CA GLY B 83 14.27 -18.10 -0.96
C GLY B 83 15.25 -18.69 0.04
N ILE B 84 14.96 -18.56 1.32
CA ILE B 84 15.84 -19.07 2.36
C ILE B 84 16.04 -20.54 2.25
N TRP B 85 15.00 -21.28 1.93
CA TRP B 85 15.05 -22.73 1.80
C TRP B 85 15.69 -23.23 0.51
N GLY B 86 16.02 -22.33 -0.42
CA GLY B 86 16.55 -22.71 -1.72
C GLY B 86 15.52 -23.16 -2.77
N CYS B 87 14.24 -22.71 -2.65
CA CYS B 87 13.10 -23.05 -3.51
C CYS B 87 12.65 -21.85 -4.32
N SER B 88 13.51 -20.86 -4.44
CA SER B 88 13.10 -19.67 -5.15
C SER B 88 12.80 -19.96 -6.59
N GLY B 89 11.72 -19.37 -7.08
CA GLY B 89 11.39 -19.48 -8.49
C GLY B 89 10.66 -20.74 -8.92
N LYS B 90 10.28 -21.60 -7.99
CA LYS B 90 9.59 -22.82 -8.42
C LYS B 90 8.41 -23.17 -7.55
N LEU B 91 7.42 -23.86 -8.12
CA LEU B 91 6.25 -24.24 -7.35
C LEU B 91 6.42 -25.59 -6.67
N ILE B 92 7.27 -26.45 -7.21
CA ILE B 92 7.54 -27.75 -6.60
C ILE B 92 9.04 -27.81 -6.34
N CYS B 93 9.46 -28.03 -5.08
CA CYS B 93 10.86 -28.04 -4.67
C CYS B 93 11.25 -29.21 -3.79
N CYS B 94 12.28 -29.92 -4.24
CA CYS B 94 12.77 -31.03 -3.46
C CYS B 94 13.86 -30.50 -2.55
N THR B 95 14.00 -31.12 -1.39
CA THR B 95 14.98 -30.71 -0.42
C THR B 95 15.77 -31.92 0.03
N ASN B 96 16.71 -31.72 0.93
CA ASN B 96 17.50 -32.80 1.51
C ASN B 96 17.11 -33.13 2.94
N VAL B 97 15.95 -32.67 3.39
CA VAL B 97 15.52 -32.98 4.73
C VAL B 97 14.68 -34.23 4.67
N PRO B 98 15.01 -35.31 5.38
CA PRO B 98 14.29 -36.56 5.38
C PRO B 98 13.01 -36.36 6.12
N TRP B 99 12.01 -37.12 5.77
CA TRP B 99 10.75 -37.08 6.47
C TRP B 99 10.85 -37.97 7.69
N ASN B 100 10.46 -37.46 8.87
CA ASN B 100 10.41 -38.20 10.12
C ASN B 100 9.04 -38.88 10.23
N SER B 101 9.03 -40.18 10.57
CA SER B 101 7.82 -40.99 10.72
C SER B 101 6.98 -40.53 11.90
N SER B 102 7.59 -39.76 12.78
CA SER B 102 6.89 -39.23 13.92
C SER B 102 5.99 -38.06 13.55
N TRP B 103 6.21 -37.41 12.40
CA TRP B 103 5.35 -36.29 12.02
C TRP B 103 4.05 -36.86 11.50
N SER B 104 4.17 -37.89 10.70
CA SER B 104 3.08 -38.66 10.16
C SER B 104 3.63 -39.94 9.62
N ASN B 105 3.01 -41.05 9.98
CA ASN B 105 3.47 -42.34 9.54
C ASN B 105 2.61 -42.97 8.47
N ARG B 106 1.86 -42.16 7.77
CA ARG B 106 1.05 -42.68 6.67
C ARG B 106 1.96 -42.96 5.50
N ASN B 107 1.64 -43.97 4.65
CA ASN B 107 2.41 -44.25 3.44
C ASN B 107 1.96 -43.36 2.27
N LEU B 108 2.60 -43.50 1.08
CA LEU B 108 2.33 -42.64 -0.07
C LEU B 108 0.93 -42.78 -0.64
N SER B 109 0.33 -43.96 -0.60
CA SER B 109 -1.02 -44.01 -1.15
C SER B 109 -1.99 -43.30 -0.24
N GLU B 110 -1.79 -43.43 1.06
CA GLU B 110 -2.68 -42.79 2.01
C GLU B 110 -2.62 -41.28 1.87
N ILE B 111 -1.44 -40.75 1.57
CA ILE B 111 -1.25 -39.32 1.43
C ILE B 111 -1.56 -38.77 0.06
N TRP B 112 -1.13 -39.43 -1.01
CA TRP B 112 -1.30 -38.86 -2.34
C TRP B 112 -2.44 -39.42 -3.21
N ASP B 113 -2.85 -40.69 -3.02
CA ASP B 113 -3.91 -41.24 -3.88
C ASP B 113 -5.30 -40.85 -3.34
N ASN B 114 -5.45 -40.79 -2.00
CA ASN B 114 -6.62 -40.26 -1.31
C ASN B 114 -6.08 -39.14 -0.40
N MET B 115 -6.87 -38.55 0.54
CA MET B 115 -6.45 -37.39 1.41
C MET B 115 -6.46 -36.08 0.60
N THR B 116 -7.12 -35.05 1.12
CA THR B 116 -7.10 -33.75 0.46
C THR B 116 -6.06 -32.88 1.12
N TRP B 117 -5.70 -31.75 0.51
CA TRP B 117 -4.73 -30.90 1.15
C TRP B 117 -5.25 -30.26 2.42
N LEU B 118 -6.55 -30.03 2.51
CA LEU B 118 -7.08 -29.43 3.74
C LEU B 118 -6.91 -30.41 4.88
N GLN B 119 -7.18 -31.69 4.62
CA GLN B 119 -7.07 -32.69 5.67
C GLN B 119 -5.64 -32.88 6.08
N TRP B 120 -4.74 -32.87 5.12
CA TRP B 120 -3.33 -33.04 5.38
C TRP B 120 -2.81 -31.92 6.22
N ASP B 121 -3.17 -30.69 5.88
CA ASP B 121 -2.64 -29.60 6.66
C ASP B 121 -3.07 -29.72 8.11
N LYS B 122 -4.30 -30.16 8.36
CA LYS B 122 -4.69 -30.29 9.74
C LYS B 122 -3.87 -31.37 10.44
N GLU B 123 -3.67 -32.50 9.75
CA GLU B 123 -2.95 -33.64 10.32
C GLU B 123 -1.56 -33.29 10.82
N ILE B 124 -0.82 -32.49 10.07
CA ILE B 124 0.52 -32.18 10.49
C ILE B 124 0.73 -30.74 10.89
N SER B 125 -0.32 -30.03 11.25
CA SER B 125 -0.07 -28.62 11.57
C SER B 125 0.89 -28.38 12.74
N ASN B 126 0.98 -29.33 13.71
CA ASN B 126 1.82 -29.23 14.91
C ASN B 126 3.33 -29.37 14.63
N TYR B 127 3.73 -29.82 13.41
CA TYR B 127 5.13 -30.04 13.06
C TYR B 127 5.58 -29.00 12.08
N THR B 128 4.74 -28.00 11.81
CA THR B 128 5.10 -27.05 10.79
C THR B 128 6.36 -26.29 11.11
N GLN B 129 6.50 -25.86 12.36
CA GLN B 129 7.66 -25.07 12.67
C GLN B 129 8.91 -25.90 12.72
N ILE B 130 8.78 -27.17 13.07
CA ILE B 130 9.94 -28.01 13.14
C ILE B 130 10.47 -28.21 11.75
N ILE B 131 9.57 -28.48 10.82
CA ILE B 131 9.99 -28.73 9.47
C ILE B 131 10.59 -27.49 8.90
N TYR B 132 9.97 -26.33 9.12
CA TYR B 132 10.54 -25.14 8.54
C TYR B 132 11.93 -24.87 9.09
N GLY B 133 12.15 -25.10 10.38
CA GLY B 133 13.47 -24.89 10.93
C GLY B 133 14.50 -25.81 10.29
N LEU B 134 14.12 -27.06 10.04
CA LEU B 134 15.05 -27.98 9.41
C LEU B 134 15.38 -27.57 8.01
N LEU B 135 14.41 -27.05 7.27
CA LEU B 135 14.69 -26.66 5.91
C LEU B 135 15.68 -25.52 5.87
N GLU B 136 15.55 -24.57 6.80
CA GLU B 136 16.49 -23.46 6.86
C GLU B 136 17.90 -23.93 7.14
N GLU B 137 18.05 -24.85 8.08
CA GLU B 137 19.38 -25.32 8.42
C GLU B 137 20.01 -26.05 7.26
N SER B 138 19.22 -26.84 6.55
CA SER B 138 19.75 -27.57 5.45
C SER B 138 20.29 -26.64 4.39
N GLN B 139 19.54 -25.59 4.06
CA GLN B 139 20.06 -24.71 3.03
C GLN B 139 21.29 -23.98 3.47
N ASN B 140 21.42 -23.60 4.73
CA ASN B 140 22.63 -22.90 5.09
C ASN B 140 23.85 -23.80 4.91
N GLN B 141 23.71 -25.09 5.24
CA GLN B 141 24.85 -25.96 5.05
C GLN B 141 25.15 -26.15 3.58
N GLN B 142 24.09 -26.23 2.76
CA GLN B 142 24.28 -26.39 1.35
C GLN B 142 25.05 -25.22 0.78
N GLU B 143 24.72 -23.99 1.20
CA GLU B 143 25.45 -22.87 0.64
C GLU B 143 26.91 -22.90 0.98
N LYS B 144 27.25 -23.28 2.21
CA LYS B 144 28.67 -23.32 2.51
C LYS B 144 29.38 -24.40 1.73
N ASN B 145 28.75 -25.53 1.52
CA ASN B 145 29.47 -26.53 0.77
C ASN B 145 29.67 -26.07 -0.65
N GLU B 146 28.69 -25.40 -1.24
CA GLU B 146 28.84 -24.93 -2.60
C GLU B 146 29.92 -23.90 -2.71
N GLN B 147 30.02 -23.01 -1.74
CA GLN B 147 31.04 -21.99 -1.80
C GLN B 147 32.42 -22.63 -1.76
N ASP B 148 32.63 -23.63 -0.92
CA ASP B 148 33.96 -24.22 -0.85
C ASP B 148 34.34 -24.94 -2.13
N LEU B 149 33.36 -25.55 -2.79
CA LEU B 149 33.62 -26.29 -4.02
C LEU B 149 33.95 -25.41 -5.19
N LEU B 150 33.76 -24.12 -5.05
CA LEU B 150 34.11 -23.17 -6.08
C LEU B 150 35.42 -22.41 -5.80
N GLU B 151 36.20 -22.83 -4.76
CA GLU B 151 37.45 -22.25 -4.33
C GLU B 151 38.47 -23.36 -4.17
N GLU C 1 -8.41 -59.13 -15.02
CA GLU C 1 -7.20 -59.71 -15.57
C GLU C 1 -6.47 -58.68 -16.44
N VAL C 2 -5.15 -58.51 -16.17
CA VAL C 2 -4.25 -57.64 -16.91
C VAL C 2 -3.65 -58.36 -18.09
N GLN C 3 -3.74 -57.71 -19.23
CA GLN C 3 -3.20 -58.27 -20.43
C GLN C 3 -2.36 -57.26 -21.16
N LEU C 4 -1.31 -57.75 -21.78
CA LEU C 4 -0.47 -56.97 -22.65
C LEU C 4 -0.34 -57.77 -23.92
N VAL C 5 -0.72 -57.19 -25.04
CA VAL C 5 -0.65 -57.94 -26.27
C VAL C 5 0.16 -57.27 -27.34
N GLU C 6 1.26 -57.90 -27.70
CA GLU C 6 2.08 -57.36 -28.76
C GLU C 6 1.43 -57.65 -30.08
N THR C 7 1.45 -56.67 -30.96
CA THR C 7 0.96 -56.79 -32.31
C THR C 7 2.03 -56.22 -33.20
N GLY C 8 3.18 -56.86 -33.20
CA GLY C 8 4.37 -56.33 -33.86
C GLY C 8 4.58 -56.83 -35.27
N GLY C 9 5.79 -56.63 -35.77
CA GLY C 9 6.16 -56.99 -37.13
C GLY C 9 6.74 -58.41 -37.21
N GLY C 10 7.38 -58.71 -38.34
CA GLY C 10 7.93 -60.03 -38.61
C GLY C 10 9.40 -60.02 -39.05
N LEU C 11 9.63 -60.50 -40.27
CA LEU C 11 10.96 -60.59 -40.86
C LEU C 11 11.28 -59.36 -41.70
N VAL C 12 12.39 -58.74 -41.37
CA VAL C 12 12.86 -57.52 -41.99
C VAL C 12 14.34 -57.62 -42.39
N GLN C 13 14.73 -56.87 -43.41
CA GLN C 13 16.11 -56.87 -43.81
C GLN C 13 16.97 -55.90 -42.97
N PRO C 14 18.26 -56.18 -42.78
CA PRO C 14 19.18 -55.34 -42.05
C PRO C 14 19.23 -53.96 -42.64
N GLY C 15 19.32 -52.99 -41.76
CA GLY C 15 19.43 -51.61 -42.17
C GLY C 15 18.08 -50.93 -42.39
N GLY C 16 17.00 -51.67 -42.25
CA GLY C 16 15.67 -51.13 -42.47
C GLY C 16 15.06 -50.66 -41.16
N SER C 17 13.75 -50.81 -41.06
CA SER C 17 13.07 -50.37 -39.85
C SER C 17 11.88 -51.27 -39.60
N LEU C 18 11.51 -51.35 -38.34
CA LEU C 18 10.35 -52.15 -37.95
C LEU C 18 9.69 -51.56 -36.73
N LYS C 19 8.38 -51.46 -36.75
CA LYS C 19 7.68 -50.94 -35.59
C LYS C 19 6.90 -52.00 -34.84
N LEU C 20 7.01 -51.93 -33.53
CA LEU C 20 6.26 -52.77 -32.64
C LEU C 20 5.26 -51.93 -31.91
N SER C 21 4.16 -52.53 -31.53
CA SER C 21 3.20 -51.87 -30.68
C SER C 21 2.60 -52.94 -29.80
N CYS C 22 2.02 -52.52 -28.66
CA CYS C 22 1.42 -53.34 -27.63
C CYS C 22 0.15 -52.70 -27.08
N ARG C 23 -0.91 -53.48 -27.03
CA ARG C 23 -2.15 -53.00 -26.48
C ARG C 23 -2.31 -53.47 -25.07
N ALA C 24 -2.82 -52.60 -24.22
CA ALA C 24 -3.02 -52.98 -22.84
C ALA C 24 -4.45 -52.91 -22.40
N SER C 25 -4.80 -53.78 -21.46
CA SER C 25 -6.12 -53.78 -20.85
C SER C 25 -6.08 -54.34 -19.42
N GLY C 26 -7.14 -54.06 -18.65
CA GLY C 26 -7.28 -54.62 -17.30
C GLY C 26 -6.74 -53.73 -16.17
N TYR C 27 -6.19 -52.59 -16.53
CA TYR C 27 -5.63 -51.68 -15.55
C TYR C 27 -5.63 -50.29 -16.13
N THR C 28 -5.41 -49.28 -15.30
CA THR C 28 -5.33 -47.95 -15.88
C THR C 28 -3.97 -47.84 -16.53
N PHE C 29 -3.97 -47.68 -17.83
CA PHE C 29 -2.74 -47.65 -18.59
C PHE C 29 -1.84 -46.52 -18.15
N SER C 30 -2.45 -45.37 -18.01
CA SER C 30 -1.79 -44.14 -17.65
C SER C 30 -1.21 -44.12 -16.24
N SER C 31 -1.50 -45.13 -15.43
CA SER C 31 -0.94 -45.14 -14.08
C SER C 31 0.42 -45.81 -14.01
N PHE C 32 0.86 -46.45 -15.09
CA PHE C 32 2.12 -47.17 -15.00
C PHE C 32 3.15 -46.87 -16.05
N ALA C 33 4.39 -46.90 -15.61
CA ALA C 33 5.53 -46.82 -16.49
C ALA C 33 5.63 -48.14 -17.20
N MET C 34 6.18 -48.14 -18.39
CA MET C 34 6.32 -49.37 -19.15
C MET C 34 7.67 -49.50 -19.81
N SER C 35 7.99 -50.70 -20.23
CA SER C 35 9.29 -50.96 -20.83
C SER C 35 9.27 -52.08 -21.83
N TRP C 36 10.37 -52.17 -22.58
CA TRP C 36 10.57 -53.28 -23.47
C TRP C 36 11.78 -54.07 -23.00
N VAL C 37 11.62 -55.39 -22.99
CA VAL C 37 12.68 -56.32 -22.60
C VAL C 37 12.91 -57.28 -23.74
N ARG C 38 14.15 -57.46 -24.11
CA ARG C 38 14.48 -58.29 -25.24
C ARG C 38 15.07 -59.64 -24.88
N GLN C 39 14.73 -60.66 -25.66
CA GLN C 39 15.37 -61.95 -25.46
C GLN C 39 15.79 -62.65 -26.74
N ALA C 40 17.09 -62.71 -26.99
CA ALA C 40 17.56 -63.34 -28.20
C ALA C 40 17.18 -64.82 -28.06
N PRO C 41 16.97 -65.59 -29.13
CA PRO C 41 16.57 -66.99 -29.07
C PRO C 41 17.39 -67.89 -28.15
N GLY C 42 18.69 -67.64 -28.03
CA GLY C 42 19.54 -68.46 -27.18
C GLY C 42 20.03 -67.75 -25.92
N LYS C 43 19.46 -66.60 -25.61
CA LYS C 43 19.95 -65.79 -24.48
C LYS C 43 18.93 -65.53 -23.37
N GLY C 44 19.39 -64.79 -22.37
CA GLY C 44 18.54 -64.40 -21.26
C GLY C 44 17.87 -63.09 -21.59
N LEU C 45 17.38 -62.41 -20.58
CA LEU C 45 16.66 -61.19 -20.78
C LEU C 45 17.58 -60.00 -20.81
N GLU C 46 17.27 -59.02 -21.64
CA GLU C 46 18.01 -57.78 -21.71
C GLU C 46 17.08 -56.57 -21.62
N TRP C 47 17.38 -55.62 -20.78
CA TRP C 47 16.50 -54.46 -20.78
C TRP C 47 16.82 -53.60 -21.97
N VAL C 48 15.81 -53.08 -22.67
CA VAL C 48 16.07 -52.22 -23.82
C VAL C 48 15.64 -50.80 -23.61
N SER C 49 14.39 -50.59 -23.21
CA SER C 49 13.94 -49.21 -23.07
C SER C 49 12.85 -49.03 -22.04
N LEU C 50 12.78 -47.81 -21.50
CA LEU C 50 11.81 -47.43 -20.47
C LEU C 50 11.13 -46.11 -20.71
N ILE C 51 9.81 -46.09 -20.55
CA ILE C 51 9.06 -44.87 -20.70
C ILE C 51 8.14 -44.57 -19.51
N ASN C 52 8.11 -43.31 -19.14
CA ASN C 52 7.31 -42.73 -18.07
C ASN C 52 5.84 -42.84 -18.35
N ASP C 53 5.03 -42.91 -17.31
CA ASP C 53 3.59 -43.01 -17.47
C ASP C 53 2.93 -41.85 -18.20
N ARG C 54 3.56 -40.69 -18.19
CA ARG C 54 3.03 -39.53 -18.89
C ARG C 54 3.64 -39.36 -20.27
N GLY C 55 4.61 -40.20 -20.61
CA GLY C 55 5.30 -40.19 -21.90
C GLY C 55 6.44 -39.19 -22.06
N GLY C 56 6.70 -38.37 -21.05
CA GLY C 56 7.72 -37.33 -21.14
C GLY C 56 9.18 -37.78 -21.00
N LEU C 57 9.43 -38.86 -20.31
CA LEU C 57 10.79 -39.27 -20.06
C LEU C 57 11.07 -40.64 -20.58
N THR C 58 12.12 -40.75 -21.38
CA THR C 58 12.51 -42.01 -21.93
C THR C 58 13.96 -42.32 -21.69
N PHE C 59 14.26 -43.61 -21.50
CA PHE C 59 15.62 -44.06 -21.28
C PHE C 59 15.92 -45.26 -22.15
N TYR C 60 17.16 -45.40 -22.57
CA TYR C 60 17.54 -46.53 -23.38
C TYR C 60 18.80 -47.20 -22.95
N VAL C 61 18.90 -48.49 -23.21
CA VAL C 61 20.15 -49.17 -23.04
C VAL C 61 21.05 -48.52 -24.05
N ASP C 62 22.29 -48.26 -23.70
CA ASP C 62 23.14 -47.54 -24.63
C ASP C 62 23.33 -48.19 -25.99
N SER C 63 23.21 -49.50 -26.08
CA SER C 63 23.40 -50.20 -27.33
C SER C 63 22.38 -49.89 -28.43
N VAL C 64 21.25 -49.26 -28.07
CA VAL C 64 20.23 -48.92 -29.04
C VAL C 64 19.95 -47.43 -28.97
N LYS C 65 20.74 -46.70 -28.20
CA LYS C 65 20.38 -45.32 -27.93
C LYS C 65 20.21 -44.45 -29.15
N GLY C 66 21.03 -44.64 -30.16
CA GLY C 66 20.91 -43.81 -31.34
C GLY C 66 20.04 -44.44 -32.41
N ARG C 67 19.40 -45.56 -32.09
CA ARG C 67 18.63 -46.27 -33.10
C ARG C 67 17.15 -46.45 -32.77
N PHE C 68 16.81 -46.57 -31.49
CA PHE C 68 15.43 -46.86 -31.11
C PHE C 68 14.67 -45.68 -30.50
N THR C 69 13.38 -45.60 -30.81
CA THR C 69 12.49 -44.62 -30.19
C THR C 69 11.32 -45.29 -29.47
N ILE C 70 11.09 -44.91 -28.22
CA ILE C 70 10.00 -45.50 -27.44
C ILE C 70 8.93 -44.45 -27.28
N SER C 71 7.67 -44.83 -27.41
CA SER C 71 6.61 -43.87 -27.26
C SER C 71 5.40 -44.43 -26.56
N ARG C 72 4.40 -43.58 -26.40
CA ARG C 72 3.19 -43.90 -25.67
C ARG C 72 1.98 -43.10 -26.10
N ASP C 73 0.83 -43.74 -26.06
CA ASP C 73 -0.43 -43.08 -26.30
C ASP C 73 -1.44 -43.49 -25.24
N ASN C 74 -1.71 -42.58 -24.30
CA ASN C 74 -2.57 -42.93 -23.19
C ASN C 74 -4.05 -42.91 -23.53
N SER C 75 -4.42 -42.42 -24.70
CA SER C 75 -5.84 -42.41 -25.03
C SER C 75 -6.20 -43.72 -25.66
N LYS C 76 -5.20 -44.35 -26.28
CA LYS C 76 -5.40 -45.62 -26.96
C LYS C 76 -4.82 -46.82 -26.22
N ASN C 77 -4.37 -46.62 -25.00
CA ASN C 77 -3.78 -47.67 -24.19
C ASN C 77 -2.71 -48.40 -24.97
N THR C 78 -1.86 -47.64 -25.65
CA THR C 78 -0.84 -48.25 -26.49
C THR C 78 0.60 -47.84 -26.21
N LEU C 79 1.44 -48.85 -26.16
CA LEU C 79 2.88 -48.70 -26.02
C LEU C 79 3.51 -48.97 -27.38
N SER C 80 4.54 -48.23 -27.76
CA SER C 80 5.18 -48.56 -29.03
C SER C 80 6.68 -48.36 -29.05
N LEU C 81 7.31 -49.05 -29.98
CA LEU C 81 8.76 -48.97 -30.19
C LEU C 81 9.10 -48.95 -31.68
N GLN C 82 9.81 -47.94 -32.10
CA GLN C 82 10.21 -47.83 -33.48
C GLN C 82 11.69 -48.09 -33.61
N MET C 83 12.06 -49.15 -34.30
CA MET C 83 13.47 -49.48 -34.40
C MET C 83 14.01 -49.13 -35.77
N HIS C 84 15.18 -48.51 -35.81
CA HIS C 84 15.84 -48.19 -37.08
C HIS C 84 17.22 -48.80 -37.15
N SER C 85 17.67 -49.06 -38.38
CA SER C 85 18.99 -49.54 -38.75
C SER C 85 19.20 -51.02 -38.47
N LEU C 86 18.21 -51.62 -37.85
CA LEU C 86 18.07 -53.04 -37.58
C LEU C 86 19.31 -53.86 -37.81
N ARG C 87 20.05 -54.10 -36.76
CA ARG C 87 21.24 -54.91 -36.88
C ARG C 87 20.83 -56.36 -36.83
N ASP C 88 21.62 -57.27 -37.38
CA ASP C 88 21.24 -58.68 -37.34
C ASP C 88 21.20 -59.16 -35.89
N GLY C 89 22.02 -58.53 -35.09
CA GLY C 89 22.16 -58.79 -33.66
C GLY C 89 20.93 -58.39 -32.86
N ASP C 90 19.96 -57.72 -33.49
CA ASP C 90 18.76 -57.31 -32.81
C ASP C 90 17.66 -58.37 -32.96
N THR C 91 17.97 -59.52 -33.56
CA THR C 91 16.95 -60.56 -33.64
C THR C 91 16.66 -61.03 -32.22
N ALA C 92 15.40 -61.00 -31.87
CA ALA C 92 14.98 -61.36 -30.53
C ALA C 92 13.50 -61.35 -30.36
N VAL C 93 13.04 -61.89 -29.27
CA VAL C 93 11.67 -61.68 -28.88
C VAL C 93 11.61 -60.38 -28.09
N TYR C 94 10.68 -59.52 -28.44
CA TYR C 94 10.51 -58.27 -27.76
C TYR C 94 9.28 -58.28 -26.91
N TYR C 95 9.46 -58.20 -25.60
CA TYR C 95 8.35 -58.26 -24.69
C TYR C 95 7.92 -56.89 -24.21
N CYS C 96 6.60 -56.70 -24.13
CA CYS C 96 5.91 -55.56 -23.59
C CYS C 96 5.78 -55.83 -22.10
N ALA C 97 6.22 -54.90 -21.27
CA ALA C 97 6.11 -55.14 -19.85
C ALA C 97 5.72 -53.89 -19.10
N THR C 98 5.02 -54.09 -17.99
CA THR C 98 4.58 -53.00 -17.14
C THR C 98 5.41 -53.00 -15.90
N GLY C 99 5.99 -51.83 -15.61
CA GLY C 99 6.87 -51.65 -14.47
C GLY C 99 8.18 -51.02 -14.91
N GLY C 100 9.18 -51.11 -14.05
CA GLY C 100 10.50 -50.55 -14.30
C GLY C 100 10.74 -49.14 -13.75
N MET C 101 9.70 -48.45 -13.33
CA MET C 101 9.86 -47.10 -12.81
C MET C 101 8.61 -46.63 -12.11
N SER C 102 8.73 -45.64 -11.25
CA SER C 102 7.58 -45.05 -10.61
C SER C 102 7.60 -43.56 -10.77
N SER C 103 6.66 -42.88 -10.16
CA SER C 103 6.48 -41.45 -10.38
C SER C 103 6.43 -40.51 -9.19
N ALA C 104 7.40 -40.62 -8.29
CA ALA C 104 7.62 -39.70 -7.14
C ALA C 104 6.61 -39.72 -6.00
N LEU C 105 5.33 -39.71 -6.32
CA LEU C 105 4.29 -39.69 -5.30
C LEU C 105 3.69 -41.07 -5.11
N GLN C 106 4.23 -42.02 -5.85
CA GLN C 106 3.81 -43.41 -5.86
C GLN C 106 4.82 -44.29 -5.19
N SER C 107 4.39 -45.46 -4.75
CA SER C 107 5.33 -46.40 -4.22
C SER C 107 6.28 -46.77 -5.33
N SER C 108 7.51 -47.11 -4.96
CA SER C 108 8.51 -47.47 -5.94
C SER C 108 8.25 -48.78 -6.63
N LYS C 109 8.88 -48.95 -7.78
CA LYS C 109 8.81 -50.17 -8.53
C LYS C 109 10.16 -50.82 -8.63
N TYR C 110 10.85 -50.56 -9.72
CA TYR C 110 12.13 -51.15 -10.03
C TYR C 110 12.10 -52.65 -10.25
N TYR C 111 10.97 -53.14 -10.70
CA TYR C 111 10.77 -54.53 -11.07
C TYR C 111 9.66 -54.52 -12.09
N PHE C 112 9.44 -55.63 -12.80
CA PHE C 112 8.38 -55.67 -13.80
C PHE C 112 7.20 -56.53 -13.35
N ASP C 113 5.99 -55.94 -13.27
CA ASP C 113 4.81 -56.68 -12.79
C ASP C 113 4.12 -57.51 -13.83
N PHE C 114 4.05 -57.02 -15.05
CA PHE C 114 3.31 -57.76 -16.06
C PHE C 114 4.07 -57.90 -17.33
N TRP C 115 3.84 -59.00 -18.01
CA TRP C 115 4.48 -59.27 -19.28
C TRP C 115 3.47 -59.66 -20.34
N GLY C 116 3.76 -59.32 -21.58
CA GLY C 116 2.97 -59.73 -22.73
C GLY C 116 3.51 -61.05 -23.22
N GLN C 117 3.22 -61.43 -24.46
CA GLN C 117 3.66 -62.74 -24.92
C GLN C 117 4.96 -62.68 -25.69
N GLY C 118 5.19 -61.54 -26.29
CA GLY C 118 6.41 -61.28 -27.03
C GLY C 118 6.30 -61.37 -28.54
N ALA C 119 6.78 -60.35 -29.22
CA ALA C 119 6.77 -60.32 -30.66
C ALA C 119 8.09 -60.87 -31.14
N LEU C 120 8.11 -61.66 -32.20
CA LEU C 120 9.41 -62.09 -32.68
C LEU C 120 9.87 -61.27 -33.84
N VAL C 121 10.98 -60.60 -33.66
CA VAL C 121 11.52 -59.75 -34.67
C VAL C 121 12.75 -60.37 -35.22
N THR C 122 12.76 -60.60 -36.52
CA THR C 122 13.92 -61.22 -37.12
C THR C 122 14.54 -60.33 -38.15
N VAL C 123 15.83 -60.15 -38.02
CA VAL C 123 16.56 -59.32 -38.95
C VAL C 123 17.52 -60.24 -39.71
N SER C 124 17.42 -60.26 -41.07
CA SER C 124 18.21 -61.13 -41.99
C SER C 124 19.69 -60.68 -42.18
N ALA D 1 25.77 -59.79 -17.43
CA ALA D 1 26.02 -58.77 -16.42
C ALA D 1 26.11 -59.40 -15.02
N LEU D 2 25.02 -60.05 -14.55
CA LEU D 2 24.95 -60.73 -13.25
C LEU D 2 25.29 -62.19 -13.44
N THR D 3 25.89 -62.80 -12.45
CA THR D 3 26.21 -64.20 -12.60
C THR D 3 25.33 -65.08 -11.75
N GLN D 4 24.71 -66.04 -12.38
CA GLN D 4 23.88 -66.97 -11.66
C GLN D 4 24.24 -68.30 -12.30
N PRO D 5 24.20 -69.42 -11.59
CA PRO D 5 24.60 -70.71 -12.08
C PRO D 5 23.61 -71.37 -13.01
N PRO D 6 24.06 -72.24 -13.90
CA PRO D 6 23.28 -73.16 -14.66
C PRO D 6 22.97 -74.39 -13.81
N SER D 7 22.00 -75.16 -14.25
CA SER D 7 21.74 -76.51 -13.74
C SER D 7 21.57 -76.75 -12.24
N VAL D 8 20.78 -75.93 -11.59
CA VAL D 8 20.46 -76.16 -10.20
C VAL D 8 19.38 -77.23 -10.21
N SER D 9 19.46 -78.21 -9.32
CA SER D 9 18.46 -79.26 -9.33
C SER D 9 18.26 -79.92 -7.97
N GLY D 10 17.18 -80.67 -7.88
CA GLY D 10 16.86 -81.47 -6.68
C GLY D 10 15.54 -82.19 -6.86
N SER D 11 15.25 -83.13 -5.99
CA SER D 11 14.02 -83.92 -6.04
C SER D 11 12.85 -83.18 -5.42
N PRO D 12 11.60 -83.51 -5.76
CA PRO D 12 10.46 -82.90 -5.16
C PRO D 12 10.57 -83.05 -3.66
N GLY D 13 10.26 -82.00 -2.95
CA GLY D 13 10.32 -81.97 -1.51
C GLY D 13 11.66 -81.48 -0.97
N GLN D 14 12.67 -81.39 -1.82
CA GLN D 14 13.97 -80.91 -1.38
C GLN D 14 14.05 -79.44 -1.68
N SER D 15 14.73 -78.68 -0.83
CA SER D 15 14.90 -77.28 -1.15
C SER D 15 16.09 -77.10 -2.06
N VAL D 16 16.07 -76.02 -2.82
CA VAL D 16 17.20 -75.64 -3.66
C VAL D 16 17.49 -74.15 -3.50
N THR D 17 18.72 -73.75 -3.79
CA THR D 17 19.01 -72.33 -3.80
C THR D 17 19.66 -71.92 -5.10
N ILE D 18 19.16 -70.85 -5.68
CA ILE D 18 19.73 -70.32 -6.89
C ILE D 18 20.38 -68.99 -6.54
N SER D 19 21.69 -68.92 -6.64
CA SER D 19 22.39 -67.69 -6.27
C SER D 19 22.48 -66.73 -7.46
N CYS D 20 22.80 -65.44 -7.19
CA CYS D 20 23.01 -64.36 -8.14
C CYS D 20 24.05 -63.37 -7.61
N THR D 21 25.22 -63.34 -8.21
CA THR D 21 26.25 -62.45 -7.72
C THR D 21 26.51 -61.32 -8.70
N GLY D 22 26.45 -60.11 -8.18
CA GLY D 22 26.69 -58.91 -8.95
C GLY D 22 27.88 -58.16 -8.40
N THR D 23 27.79 -56.85 -8.49
CA THR D 23 28.87 -55.96 -8.03
C THR D 23 28.42 -55.02 -6.94
N SER D 24 29.34 -54.15 -6.51
CA SER D 24 29.02 -53.21 -5.44
C SER D 24 28.05 -52.15 -5.88
N SER D 25 28.24 -51.55 -7.06
CA SER D 25 27.30 -50.53 -7.57
C SER D 25 26.19 -51.21 -8.35
N ASP D 26 25.55 -52.13 -7.67
CA ASP D 26 24.52 -52.99 -8.16
C ASP D 26 23.75 -53.58 -6.99
N ILE D 27 23.93 -54.88 -6.75
CA ILE D 27 23.28 -55.56 -5.65
C ILE D 27 23.80 -54.99 -4.35
N GLY D 28 25.07 -54.69 -4.29
CA GLY D 28 25.63 -54.12 -3.08
C GLY D 28 25.14 -52.71 -2.74
N SER D 29 24.53 -51.98 -3.68
CA SER D 29 24.07 -50.63 -3.39
C SER D 29 22.57 -50.46 -3.34
N TYR D 30 21.84 -51.27 -4.09
CA TYR D 30 20.42 -51.04 -4.11
C TYR D 30 19.61 -52.26 -3.75
N ASN D 31 18.61 -52.06 -2.91
CA ASN D 31 17.75 -53.18 -2.58
C ASN D 31 16.59 -53.27 -3.54
N TYR D 32 16.92 -53.45 -4.81
CA TYR D 32 15.92 -53.56 -5.84
C TYR D 32 16.27 -54.74 -6.69
N VAL D 33 16.03 -55.89 -6.13
CA VAL D 33 16.38 -57.13 -6.77
C VAL D 33 15.11 -57.90 -6.99
N SER D 34 14.99 -58.50 -8.14
CA SER D 34 13.81 -59.29 -8.41
C SER D 34 14.17 -60.55 -9.13
N TRP D 35 13.25 -61.51 -9.06
CA TRP D 35 13.42 -62.78 -9.73
C TRP D 35 12.21 -63.11 -10.57
N TYR D 36 12.48 -63.71 -11.72
CA TYR D 36 11.44 -64.10 -12.65
C TYR D 36 11.52 -65.56 -13.01
N GLN D 37 10.38 -66.17 -13.24
CA GLN D 37 10.31 -67.56 -13.64
C GLN D 37 9.79 -67.74 -15.04
N GLN D 38 10.62 -68.25 -15.93
CA GLN D 38 10.22 -68.41 -17.32
C GLN D 38 10.09 -69.86 -17.76
N HIS D 39 8.89 -70.30 -18.04
CA HIS D 39 8.75 -71.67 -18.49
C HIS D 39 9.15 -71.57 -19.95
N PRO D 40 9.79 -72.54 -20.57
CA PRO D 40 10.18 -72.47 -21.95
C PRO D 40 8.99 -72.17 -22.82
N GLY D 41 9.16 -71.21 -23.73
CA GLY D 41 8.12 -70.82 -24.67
C GLY D 41 7.14 -69.77 -24.12
N LYS D 42 7.28 -69.41 -22.85
CA LYS D 42 6.39 -68.47 -22.21
C LYS D 42 7.07 -67.20 -21.75
N ALA D 43 6.27 -66.15 -21.54
CA ALA D 43 6.78 -64.91 -21.01
C ALA D 43 7.18 -65.15 -19.55
N PRO D 44 8.19 -64.46 -19.00
CA PRO D 44 8.57 -64.54 -17.61
C PRO D 44 7.47 -64.08 -16.65
N LYS D 45 7.39 -64.71 -15.49
CA LYS D 45 6.46 -64.31 -14.44
C LYS D 45 7.24 -63.73 -13.27
N LEU D 46 6.72 -62.69 -12.63
CA LEU D 46 7.41 -62.16 -11.45
C LEU D 46 7.20 -63.05 -10.25
N MET D 47 8.28 -63.41 -9.56
CA MET D 47 8.15 -64.24 -8.37
C MET D 47 8.53 -63.46 -7.12
N ILE D 48 9.65 -62.74 -7.20
CA ILE D 48 10.21 -61.98 -6.07
C ILE D 48 10.56 -60.57 -6.47
N TYR D 49 10.34 -59.60 -5.60
CA TYR D 49 10.76 -58.22 -5.87
C TYR D 49 11.21 -57.53 -4.60
N ASP D 50 11.97 -56.45 -4.73
CA ASP D 50 12.49 -55.74 -3.56
C ASP D 50 13.20 -56.70 -2.63
N VAL D 51 13.98 -57.59 -3.22
CA VAL D 51 14.81 -58.61 -2.60
C VAL D 51 14.00 -59.74 -1.97
N THR D 52 13.12 -59.43 -1.03
CA THR D 52 12.37 -60.43 -0.28
C THR D 52 10.85 -60.51 -0.48
N GLN D 53 10.22 -59.63 -1.26
CA GLN D 53 8.77 -59.62 -1.32
C GLN D 53 8.25 -60.50 -2.41
N ARG D 54 7.03 -60.98 -2.24
CA ARG D 54 6.46 -61.74 -3.33
C ARG D 54 5.14 -61.09 -3.65
N PRO D 55 4.70 -61.08 -4.91
CA PRO D 55 3.46 -60.54 -5.34
C PRO D 55 2.33 -61.43 -4.93
N SER D 56 1.16 -60.86 -4.86
CA SER D 56 0.02 -61.70 -4.64
C SER D 56 -0.04 -62.57 -5.88
N GLY D 57 -0.48 -63.80 -5.72
CA GLY D 57 -0.56 -64.69 -6.87
C GLY D 57 0.54 -65.73 -6.90
N VAL D 58 1.56 -65.61 -6.04
CA VAL D 58 2.56 -66.67 -6.04
C VAL D 58 2.62 -67.24 -4.64
N SER D 59 3.15 -68.45 -4.55
CA SER D 59 3.26 -69.16 -3.31
C SER D 59 4.37 -68.71 -2.41
N ASP D 60 4.30 -69.15 -1.17
CA ASP D 60 5.26 -68.86 -0.14
C ASP D 60 6.40 -69.85 -0.12
N ARG D 61 6.43 -70.69 -1.14
CA ARG D 61 7.50 -71.64 -1.31
C ARG D 61 8.69 -70.90 -1.89
N PHE D 62 8.45 -69.68 -2.39
CA PHE D 62 9.49 -68.86 -2.99
C PHE D 62 9.82 -67.70 -2.07
N SER D 63 11.09 -67.59 -1.69
CA SER D 63 11.56 -66.54 -0.80
C SER D 63 12.94 -66.01 -1.15
N GLY D 64 13.07 -64.69 -1.23
CA GLY D 64 14.37 -64.13 -1.56
C GLY D 64 15.16 -63.69 -0.33
N SER D 65 16.47 -63.50 -0.52
CA SER D 65 17.36 -62.96 0.51
C SER D 65 18.63 -62.41 -0.13
N LYS D 66 19.44 -61.67 0.64
CA LYS D 66 20.72 -61.21 0.11
C LYS D 66 21.74 -60.88 1.19
N SER D 67 23.01 -60.87 0.79
CA SER D 67 24.12 -60.42 1.61
C SER D 67 25.28 -59.98 0.72
N GLY D 68 25.95 -58.89 1.08
CA GLY D 68 27.08 -58.45 0.27
C GLY D 68 26.58 -58.11 -1.14
N ASN D 69 27.23 -58.67 -2.15
CA ASN D 69 26.86 -58.42 -3.53
C ASN D 69 26.10 -59.62 -4.08
N THR D 70 25.68 -60.52 -3.20
CA THR D 70 24.99 -61.72 -3.66
C THR D 70 23.55 -61.84 -3.18
N ALA D 71 22.70 -62.10 -4.12
CA ALA D 71 21.30 -62.30 -3.88
C ALA D 71 20.98 -63.74 -4.15
N SER D 72 19.97 -64.27 -3.51
CA SER D 72 19.59 -65.63 -3.83
C SER D 72 18.11 -65.89 -3.68
N LEU D 73 17.68 -66.90 -4.41
CA LEU D 73 16.32 -67.38 -4.34
C LEU D 73 16.23 -68.74 -3.71
N THR D 74 15.41 -68.84 -2.68
CA THR D 74 15.20 -70.10 -2.01
C THR D 74 13.87 -70.67 -2.41
N ILE D 75 13.89 -71.91 -2.84
CA ILE D 75 12.68 -72.63 -3.16
C ILE D 75 12.61 -73.74 -2.15
N SER D 76 11.53 -73.84 -1.39
CA SER D 76 11.45 -74.85 -0.34
C SER D 76 10.84 -76.16 -0.81
N GLY D 77 9.54 -76.32 -0.67
CA GLY D 77 8.89 -77.55 -1.07
C GLY D 77 8.82 -77.66 -2.59
N LEU D 78 9.94 -78.01 -3.19
CA LEU D 78 10.10 -78.10 -4.63
C LEU D 78 9.10 -79.05 -5.23
N GLN D 79 8.44 -78.59 -6.29
CA GLN D 79 7.46 -79.37 -7.01
C GLN D 79 7.93 -79.71 -8.40
N ALA D 80 7.35 -80.73 -9.01
CA ALA D 80 7.69 -81.07 -10.39
C ALA D 80 7.40 -79.90 -11.32
N ASP D 81 6.40 -79.14 -10.97
CA ASP D 81 5.92 -78.03 -11.76
C ASP D 81 6.82 -76.81 -11.69
N ASP D 82 7.89 -76.87 -10.91
CA ASP D 82 8.78 -75.74 -10.80
C ASP D 82 9.87 -75.76 -11.87
N GLU D 83 9.86 -76.74 -12.77
CA GLU D 83 10.87 -76.67 -13.81
C GLU D 83 10.66 -75.39 -14.62
N ALA D 84 11.72 -74.57 -14.67
CA ALA D 84 11.70 -73.29 -15.36
C ALA D 84 13.07 -72.68 -15.40
N ASP D 85 13.26 -71.66 -16.22
CA ASP D 85 14.48 -70.87 -16.18
C ASP D 85 14.30 -69.70 -15.25
N TYR D 86 15.06 -69.69 -14.19
CA TYR D 86 14.93 -68.62 -13.22
C TYR D 86 15.94 -67.55 -13.49
N TYR D 87 15.50 -66.32 -13.48
CA TYR D 87 16.35 -65.18 -13.75
C TYR D 87 16.38 -64.18 -12.62
N CYS D 88 17.55 -63.57 -12.37
CA CYS D 88 17.72 -62.47 -11.43
C CYS D 88 17.96 -61.21 -12.22
N SER D 89 17.53 -60.11 -11.63
CA SER D 89 17.82 -58.82 -12.19
C SER D 89 17.92 -57.83 -11.09
N ALA D 90 18.53 -56.71 -11.39
CA ALA D 90 18.62 -55.67 -10.39
C ALA D 90 18.70 -54.30 -11.00
N TYR D 91 18.25 -53.33 -10.21
CA TYR D 91 18.42 -51.94 -10.57
C TYR D 91 19.86 -51.59 -10.35
N ALA D 92 20.49 -50.93 -11.30
CA ALA D 92 21.90 -50.62 -11.12
C ALA D 92 22.24 -49.15 -11.36
N GLY D 93 21.32 -48.25 -11.04
CA GLY D 93 21.57 -46.83 -11.18
C GLY D 93 20.84 -46.23 -12.37
N ARG D 94 21.04 -44.93 -12.60
CA ARG D 94 20.33 -44.25 -13.68
C ARG D 94 20.97 -44.35 -15.05
N GLN D 95 22.23 -44.71 -15.12
CA GLN D 95 22.86 -44.80 -16.43
C GLN D 95 22.66 -46.17 -17.05
N THR D 96 22.58 -47.18 -16.20
CA THR D 96 22.42 -48.56 -16.60
C THR D 96 21.30 -49.12 -15.78
N PHE D 97 20.08 -48.80 -16.16
CA PHE D 97 18.95 -49.11 -15.33
C PHE D 97 18.82 -50.54 -14.92
N TYR D 98 18.79 -51.46 -15.85
CA TYR D 98 18.64 -52.83 -15.40
C TYR D 98 19.59 -53.76 -16.00
N ILE D 99 19.99 -54.69 -15.20
CA ILE D 99 20.83 -55.76 -15.67
C ILE D 99 20.24 -57.08 -15.27
N PHE D 100 20.55 -58.10 -16.05
CA PHE D 100 20.09 -59.46 -15.80
C PHE D 100 21.20 -60.48 -15.86
N GLY D 101 20.98 -61.62 -15.23
CA GLY D 101 21.87 -62.75 -15.39
C GLY D 101 21.37 -63.66 -16.52
N GLY D 102 22.01 -64.81 -16.73
CA GLY D 102 21.51 -65.73 -17.76
C GLY D 102 20.47 -66.54 -17.04
N GLY D 103 19.81 -67.50 -17.66
CA GLY D 103 18.82 -68.21 -16.87
C GLY D 103 19.41 -69.41 -16.15
N THR D 104 18.79 -69.78 -15.04
CA THR D 104 19.16 -70.98 -14.34
C THR D 104 18.16 -72.07 -14.65
N ARG D 105 18.60 -73.12 -15.31
CA ARG D 105 17.64 -74.16 -15.64
C ARG D 105 17.43 -75.07 -14.46
N LEU D 106 16.32 -74.85 -13.79
CA LEU D 106 16.03 -75.64 -12.60
C LEU D 106 15.32 -76.89 -13.00
N THR D 107 15.95 -78.00 -12.64
CA THR D 107 15.46 -79.33 -12.97
C THR D 107 15.00 -80.05 -11.73
N VAL D 108 13.79 -80.57 -11.77
CA VAL D 108 13.26 -81.26 -10.63
C VAL D 108 13.40 -82.77 -10.94
N LEU D 109 14.04 -83.50 -9.99
CA LEU D 109 14.44 -84.91 -10.06
C LEU D 109 13.39 -85.85 -9.43
N GLU E 1 -68.27 41.08 31.18
CA GLU E 1 -69.11 42.20 31.58
C GLU E 1 -68.64 42.79 32.95
N ILE E 2 -67.31 42.98 33.08
CA ILE E 2 -66.60 43.53 34.24
C ILE E 2 -66.64 45.05 34.14
N VAL E 3 -66.96 45.72 35.24
CA VAL E 3 -67.03 47.17 35.28
C VAL E 3 -65.96 47.81 36.13
N LEU E 4 -65.35 48.87 35.60
CA LEU E 4 -64.33 49.59 36.34
C LEU E 4 -64.91 50.87 36.92
N THR E 5 -64.42 51.24 38.09
CA THR E 5 -64.79 52.50 38.73
C THR E 5 -63.51 53.23 39.08
N GLN E 6 -63.62 54.53 39.31
CA GLN E 6 -62.46 55.34 39.65
C GLN E 6 -62.69 56.27 40.82
N SER E 7 -61.59 56.63 41.48
CA SER E 7 -61.63 57.54 42.61
C SER E 7 -60.32 58.31 42.77
N PRO E 8 -60.37 59.60 43.13
CA PRO E 8 -61.48 60.49 43.43
C PRO E 8 -62.18 60.97 42.18
N GLY E 9 -63.30 61.68 42.34
CA GLY E 9 -63.89 62.29 41.15
C GLY E 9 -62.85 63.26 40.57
N THR E 10 -62.35 64.15 41.45
CA THR E 10 -61.30 65.11 41.13
C THR E 10 -60.24 65.07 42.21
N LEU E 11 -59.00 65.03 41.78
CA LEU E 11 -57.84 65.05 42.64
C LEU E 11 -57.23 66.43 42.62
N SER E 12 -57.25 67.13 43.76
CA SER E 12 -56.72 68.50 43.81
C SER E 12 -55.32 68.55 44.43
N LEU E 13 -54.35 68.90 43.58
CA LEU E 13 -52.94 68.94 43.92
C LEU E 13 -52.22 70.13 43.35
N SER E 14 -51.24 70.67 44.06
CA SER E 14 -50.45 71.71 43.45
C SER E 14 -49.51 71.10 42.41
N PRO E 15 -49.01 71.86 41.43
CA PRO E 15 -47.98 71.42 40.52
C PRO E 15 -46.81 71.05 41.36
N GLY E 16 -46.12 70.00 40.99
CA GLY E 16 -44.97 69.53 41.71
C GLY E 16 -45.34 68.48 42.75
N ASP E 17 -46.64 68.26 43.01
CA ASP E 17 -46.99 67.27 44.01
C ASP E 17 -47.15 65.89 43.37
N ARG E 18 -47.46 64.88 44.17
CA ARG E 18 -47.60 63.50 43.70
C ARG E 18 -49.03 63.06 43.51
N ALA E 19 -49.36 62.63 42.30
CA ALA E 19 -50.72 62.18 42.06
C ALA E 19 -50.89 60.71 42.37
N THR E 20 -52.01 60.36 42.97
CA THR E 20 -52.40 58.98 43.16
C THR E 20 -53.82 58.85 42.62
N LEU E 21 -54.01 57.96 41.67
CA LEU E 21 -55.29 57.74 41.02
C LEU E 21 -55.72 56.27 41.15
N SER E 22 -56.90 56.05 41.74
CA SER E 22 -57.37 54.69 41.96
C SER E 22 -58.32 54.19 40.87
N CYS E 23 -58.31 52.85 40.64
CA CYS E 23 -59.24 52.13 39.77
C CYS E 23 -59.58 50.79 40.41
N ARG E 24 -60.85 50.47 40.40
CA ARG E 24 -61.32 49.26 41.02
C ARG E 24 -62.23 48.48 40.09
N ALA E 25 -62.12 47.17 40.14
CA ALA E 25 -62.96 46.35 39.28
C ALA E 25 -63.95 45.54 40.07
N THR E 26 -65.08 45.24 39.43
CA THR E 26 -66.07 44.36 40.01
C THR E 26 -65.60 42.89 40.07
N GLN E 27 -64.76 42.50 39.11
CA GLN E 27 -64.18 41.17 39.02
C GLN E 27 -62.73 41.30 38.67
N SER E 28 -61.93 40.30 39.03
CA SER E 28 -60.51 40.35 38.75
C SER E 28 -60.18 40.44 37.27
N VAL E 29 -59.14 41.24 36.99
CA VAL E 29 -58.55 41.47 35.69
C VAL E 29 -57.07 41.05 35.76
N GLY E 30 -56.61 40.26 34.80
CA GLY E 30 -55.21 39.86 34.84
C GLY E 30 -54.38 41.11 34.64
N GLY E 31 -53.18 41.17 35.24
CA GLY E 31 -52.38 42.38 35.13
C GLY E 31 -52.08 42.80 33.70
N ASP E 32 -51.95 41.78 32.83
CA ASP E 32 -51.59 42.01 31.41
C ASP E 32 -52.77 42.61 30.63
N TYR E 33 -53.92 42.79 31.29
CA TYR E 33 -55.09 43.34 30.68
C TYR E 33 -55.61 44.61 31.29
N PHE E 34 -54.79 45.27 32.09
CA PHE E 34 -55.19 46.53 32.68
C PHE E 34 -54.30 47.72 32.21
N ALA E 35 -54.91 48.89 31.90
CA ALA E 35 -54.15 50.06 31.43
C ALA E 35 -54.74 51.43 31.82
N TRP E 36 -53.89 52.46 31.76
CA TRP E 36 -54.31 53.86 31.98
C TRP E 36 -53.97 54.81 30.84
N TYR E 37 -54.90 55.75 30.62
CA TYR E 37 -54.73 56.76 29.55
C TYR E 37 -54.95 58.16 30.11
N GLN E 38 -54.25 59.17 29.59
CA GLN E 38 -54.38 60.59 29.94
C GLN E 38 -55.10 61.41 28.90
N GLN E 39 -56.26 61.96 29.25
CA GLN E 39 -56.98 62.76 28.29
C GLN E 39 -56.96 64.24 28.61
N ARG E 40 -56.18 64.98 27.86
CA ARG E 40 -56.14 66.40 28.07
C ARG E 40 -57.47 66.79 27.44
N PRO E 41 -58.34 67.57 28.07
CA PRO E 41 -59.62 67.90 27.49
C PRO E 41 -59.46 68.47 26.08
N GLY E 42 -60.26 67.95 25.17
CA GLY E 42 -60.25 68.34 23.77
C GLY E 42 -59.33 67.48 22.90
N GLN E 43 -58.53 66.65 23.55
CA GLN E 43 -57.58 65.79 22.86
C GLN E 43 -57.94 64.33 22.92
N SER E 44 -57.42 63.55 21.97
CA SER E 44 -57.58 62.11 22.02
C SER E 44 -56.80 61.65 23.27
N PRO E 45 -57.27 60.66 24.03
CA PRO E 45 -56.58 60.06 25.16
C PRO E 45 -55.24 59.49 24.74
N ARG E 46 -54.26 59.58 25.63
CA ARG E 46 -52.94 59.04 25.39
C ARG E 46 -52.57 57.93 26.38
N LEU E 47 -52.11 56.80 25.84
CA LEU E 47 -51.74 55.64 26.73
C LEU E 47 -50.51 55.99 27.55
N LEU E 48 -50.59 55.80 28.86
CA LEU E 48 -49.46 56.02 29.72
C LEU E 48 -48.86 54.70 30.10
N ILE E 49 -49.72 53.88 30.70
CA ILE E 49 -49.32 52.61 31.27
C ILE E 49 -50.17 51.46 30.73
N TYR E 50 -49.53 50.37 30.35
CA TYR E 50 -50.25 49.21 29.87
C TYR E 50 -49.72 47.98 30.55
N GLY E 51 -50.50 46.93 30.62
CA GLY E 51 -49.95 45.73 31.24
C GLY E 51 -49.71 46.04 32.72
N THR E 52 -50.55 46.89 33.29
CA THR E 52 -50.51 47.39 34.65
C THR E 52 -49.35 48.31 35.01
N SER E 53 -48.14 47.87 34.75
CA SER E 53 -46.95 48.66 35.08
C SER E 53 -46.05 49.10 33.92
N ARG E 54 -46.38 48.75 32.68
CA ARG E 54 -45.40 48.98 31.58
C ARG E 54 -45.63 50.36 30.96
N ARG E 55 -44.57 51.17 30.83
CA ARG E 55 -44.71 52.48 30.25
C ARG E 55 -44.72 52.44 28.73
N ALA E 56 -45.63 53.18 28.13
CA ALA E 56 -45.74 53.29 26.68
C ALA E 56 -44.58 54.09 26.14
N ALA E 57 -44.19 53.81 24.89
CA ALA E 57 -43.06 54.53 24.27
C ALA E 57 -43.40 56.01 24.14
N GLY E 58 -42.50 56.89 24.56
CA GLY E 58 -42.72 58.33 24.45
C GLY E 58 -43.24 58.94 25.74
N ILE E 59 -43.57 58.12 26.71
CA ILE E 59 -44.10 58.58 27.96
C ILE E 59 -42.98 58.83 28.99
N PRO E 60 -42.96 60.00 29.66
CA PRO E 60 -42.02 60.40 30.68
C PRO E 60 -42.00 59.44 31.85
N ASP E 61 -40.83 59.32 32.46
CA ASP E 61 -40.54 58.42 33.57
C ASP E 61 -41.27 58.74 34.86
N ARG E 62 -41.86 59.93 34.93
CA ARG E 62 -42.63 60.32 36.10
C ARG E 62 -43.92 59.52 36.19
N PHE E 63 -44.32 58.87 35.09
CA PHE E 63 -45.53 58.07 35.10
C PHE E 63 -45.19 56.63 35.47
N SER E 64 -45.93 56.08 36.42
CA SER E 64 -45.71 54.71 36.88
C SER E 64 -46.98 54.15 37.49
N GLY E 65 -47.01 52.85 37.76
CA GLY E 65 -48.20 52.27 38.41
C GLY E 65 -48.01 50.78 38.70
N SER E 66 -49.00 50.21 39.38
CA SER E 66 -48.98 48.80 39.79
C SER E 66 -50.39 48.30 40.13
N GLY E 67 -50.55 46.99 40.32
CA GLY E 67 -51.84 46.45 40.74
C GLY E 67 -52.10 45.04 40.26
N SER E 68 -53.19 44.46 40.76
CA SER E 68 -53.60 43.11 40.39
C SER E 68 -55.05 42.87 40.77
N GLY E 69 -55.65 41.80 40.27
CA GLY E 69 -56.99 41.47 40.74
C GLY E 69 -57.97 42.59 40.44
N THR E 70 -58.57 43.11 41.49
CA THR E 70 -59.55 44.17 41.39
C THR E 70 -59.06 45.51 41.92
N ASP E 71 -57.77 45.62 42.23
CA ASP E 71 -57.21 46.84 42.83
C ASP E 71 -55.94 47.37 42.14
N PHE E 72 -56.10 48.46 41.36
CA PHE E 72 -55.00 49.04 40.60
C PHE E 72 -54.80 50.55 40.88
N THR E 73 -53.52 51.00 40.80
CA THR E 73 -53.18 52.40 40.99
C THR E 73 -52.24 53.01 39.93
N LEU E 74 -52.55 54.24 39.52
CA LEU E 74 -51.68 55.05 38.66
C LEU E 74 -51.09 56.19 39.48
N THR E 75 -49.80 56.43 39.36
CA THR E 75 -49.23 57.57 40.07
C THR E 75 -48.36 58.45 39.17
N ILE E 76 -48.23 59.72 39.58
CA ILE E 76 -47.34 60.64 38.87
C ILE E 76 -46.37 61.20 39.91
N ASP E 77 -45.06 61.03 39.70
CA ASP E 77 -44.11 61.47 40.73
C ASP E 77 -44.17 62.95 41.06
N ARG E 78 -44.32 63.77 40.04
CA ARG E 78 -44.40 65.22 40.19
C ARG E 78 -45.33 65.73 39.11
N LEU E 79 -46.39 66.41 39.47
CA LEU E 79 -47.28 66.91 38.44
C LEU E 79 -46.76 68.13 37.73
N GLU E 80 -46.85 68.10 36.41
CA GLU E 80 -46.50 69.25 35.60
C GLU E 80 -47.82 69.92 35.23
N PRO E 81 -47.88 71.20 34.86
CA PRO E 81 -49.11 71.87 34.44
C PRO E 81 -49.90 71.07 33.38
N GLU E 82 -49.19 70.38 32.52
CA GLU E 82 -49.79 69.59 31.45
C GLU E 82 -50.45 68.30 31.93
N ASP E 83 -50.21 67.94 33.19
CA ASP E 83 -50.73 66.71 33.75
C ASP E 83 -52.06 66.91 34.45
N PHE E 84 -52.58 68.12 34.45
CA PHE E 84 -53.86 68.35 35.10
C PHE E 84 -54.98 68.07 34.08
N ALA E 85 -55.11 66.77 33.79
CA ALA E 85 -55.94 66.15 32.77
C ALA E 85 -56.85 65.10 33.37
N VAL E 86 -57.68 64.44 32.56
CA VAL E 86 -58.54 63.40 33.10
C VAL E 86 -57.97 62.03 32.78
N TYR E 87 -57.74 61.26 33.81
CA TYR E 87 -57.13 59.96 33.61
C TYR E 87 -58.18 58.88 33.67
N TYR E 88 -58.10 57.97 32.73
CA TYR E 88 -59.06 56.88 32.68
C TYR E 88 -58.36 55.55 32.79
N CYS E 89 -59.01 54.58 33.45
CA CYS E 89 -58.54 53.20 33.52
C CYS E 89 -59.34 52.38 32.52
N ARG E 90 -58.67 51.41 31.88
CA ARG E 90 -59.33 50.57 30.85
C ARG E 90 -58.89 49.12 30.98
N GLN E 91 -59.85 48.19 30.95
CA GLN E 91 -59.58 46.79 30.98
C GLN E 91 -59.80 46.25 29.60
N TYR E 92 -59.11 45.15 29.26
CA TYR E 92 -59.20 44.58 27.89
C TYR E 92 -58.99 43.08 27.90
N GLU E 93 -59.56 42.36 28.88
CA GLU E 93 -59.45 40.91 28.87
C GLU E 93 -60.72 40.21 28.38
N THR E 94 -61.85 40.50 29.04
CA THR E 94 -63.15 39.88 28.73
C THR E 94 -64.12 41.00 28.53
N SER E 95 -63.67 42.13 28.99
CA SER E 95 -64.42 43.37 29.03
C SER E 95 -63.49 44.40 28.57
N PHE E 96 -63.94 45.21 27.64
CA PHE E 96 -63.12 46.20 26.98
C PHE E 96 -63.47 47.62 27.36
N THR E 97 -64.22 47.75 28.44
CA THR E 97 -64.71 49.03 28.91
C THR E 97 -63.74 49.85 29.75
N PHE E 98 -64.14 51.11 29.95
CA PHE E 98 -63.39 52.11 30.70
C PHE E 98 -64.09 52.52 32.00
N GLY E 99 -63.29 52.98 32.95
CA GLY E 99 -63.83 53.56 34.16
C GLY E 99 -64.30 54.97 33.80
N PRO E 100 -64.95 55.71 34.71
CA PRO E 100 -65.48 57.04 34.49
C PRO E 100 -64.47 58.17 34.31
N GLY E 101 -63.25 57.95 34.77
CA GLY E 101 -62.20 58.95 34.69
C GLY E 101 -62.08 59.81 35.94
N THR E 102 -60.84 60.23 36.25
CA THR E 102 -60.55 61.13 37.37
C THR E 102 -59.85 62.37 36.89
N LYS E 103 -60.41 63.52 37.23
CA LYS E 103 -59.78 64.76 36.83
C LYS E 103 -58.69 65.12 37.79
N VAL E 104 -57.57 65.56 37.28
CA VAL E 104 -56.54 66.08 38.14
C VAL E 104 -56.63 67.59 37.97
N ASP E 105 -56.72 68.30 39.09
CA ASP E 105 -56.92 69.74 39.13
C ASP E 105 -56.05 70.32 40.24
N ILE E 106 -56.10 71.67 40.45
CA ILE E 106 -55.30 72.41 41.44
C ILE E 106 -56.27 73.01 42.46
N GLU F 1 -43.95 58.22 10.62
CA GLU F 1 -44.99 58.70 11.52
C GLU F 1 -46.20 57.73 11.45
N VAL F 2 -46.33 56.92 12.48
CA VAL F 2 -47.47 55.97 12.54
C VAL F 2 -48.70 56.79 12.86
N GLN F 3 -49.76 56.64 12.07
CA GLN F 3 -50.96 57.45 12.23
C GLN F 3 -52.25 56.81 11.77
N LEU F 4 -53.33 57.30 12.36
CA LEU F 4 -54.68 56.92 12.02
C LEU F 4 -55.49 58.14 11.70
N VAL F 5 -56.25 58.10 10.60
CA VAL F 5 -57.10 59.23 10.29
C VAL F 5 -58.55 58.84 10.11
N GLU F 6 -59.42 59.34 10.99
CA GLU F 6 -60.84 59.07 10.92
C GLU F 6 -61.52 60.06 10.00
N SER F 7 -62.61 59.62 9.39
CA SER F 7 -63.44 60.49 8.57
C SER F 7 -64.89 59.98 8.48
N GLY F 8 -65.77 60.84 7.98
CA GLY F 8 -67.17 60.47 7.74
C GLY F 8 -68.18 60.93 8.79
N GLY F 9 -67.72 61.45 9.92
CA GLY F 9 -68.67 61.85 10.94
C GLY F 9 -69.52 63.04 10.52
N GLY F 10 -70.71 63.06 11.10
CA GLY F 10 -71.74 64.09 10.93
C GLY F 10 -72.97 63.61 11.69
N LEU F 11 -74.01 64.43 11.76
CA LEU F 11 -75.19 63.99 12.51
C LEU F 11 -76.33 63.63 11.59
N VAL F 12 -76.82 62.42 11.76
CA VAL F 12 -77.91 61.88 11.00
C VAL F 12 -79.07 61.66 11.94
N LYS F 13 -80.24 62.10 11.51
CA LYS F 13 -81.44 61.99 12.31
C LYS F 13 -81.69 60.54 12.70
N PRO F 14 -82.29 60.28 13.88
CA PRO F 14 -82.57 58.96 14.36
C PRO F 14 -83.33 58.15 13.34
N GLY F 15 -82.93 56.89 13.22
CA GLY F 15 -83.51 55.95 12.29
C GLY F 15 -82.70 55.85 11.00
N GLY F 16 -81.77 56.78 10.80
CA GLY F 16 -80.93 56.76 9.60
C GLY F 16 -79.66 55.97 9.83
N SER F 17 -78.68 56.18 8.97
CA SER F 17 -77.43 55.46 9.09
C SER F 17 -76.26 56.31 8.63
N LEU F 18 -75.09 55.98 9.14
CA LEU F 18 -73.85 56.67 8.77
C LEU F 18 -72.66 55.71 8.73
N ARG F 19 -71.80 55.87 7.72
CA ARG F 19 -70.60 55.06 7.68
C ARG F 19 -69.35 55.84 8.00
N LEU F 20 -68.58 55.33 8.96
CA LEU F 20 -67.30 55.91 9.32
C LEU F 20 -66.19 55.06 8.77
N ALA F 21 -65.06 55.69 8.58
CA ALA F 21 -63.89 54.96 8.17
C ALA F 21 -62.67 55.57 8.83
N CYS F 22 -61.60 54.76 8.95
CA CYS F 22 -60.30 55.12 9.49
C CYS F 22 -59.20 54.51 8.65
N VAL F 23 -58.29 55.37 8.21
CA VAL F 23 -57.23 54.88 7.37
C VAL F 23 -55.91 54.86 8.13
N GLY F 24 -55.26 53.71 8.15
CA GLY F 24 -54.01 53.61 8.84
C GLY F 24 -52.87 53.87 7.88
N SER F 25 -51.79 54.40 8.42
CA SER F 25 -50.60 54.65 7.62
C SER F 25 -49.33 54.43 8.43
N GLU F 26 -48.32 53.92 7.73
CA GLU F 26 -47.02 53.63 8.40
C GLU F 26 -47.21 52.55 9.46
N PHE F 27 -48.00 51.51 9.17
CA PHE F 27 -48.11 50.35 10.10
C PHE F 27 -48.77 49.19 9.36
N THR F 28 -48.29 47.95 9.55
CA THR F 28 -48.98 46.92 8.82
C THR F 28 -50.36 46.82 9.40
N PHE F 29 -51.32 47.22 8.60
CA PHE F 29 -52.67 47.31 9.05
C PHE F 29 -53.21 45.95 9.47
N SER F 30 -52.97 44.95 8.66
CA SER F 30 -53.49 43.62 8.89
C SER F 30 -53.02 42.95 10.18
N GLU F 31 -51.93 43.45 10.76
CA GLU F 31 -51.36 42.91 11.98
C GLU F 31 -51.84 43.64 13.23
N ALA F 32 -52.59 44.71 13.04
CA ALA F 32 -53.07 45.56 14.11
C ALA F 32 -54.39 45.11 14.72
N TRP F 33 -54.55 45.38 16.02
CA TRP F 33 -55.84 45.08 16.71
C TRP F 33 -56.62 46.41 16.71
N MET F 34 -57.64 46.54 15.87
CA MET F 34 -58.29 47.85 15.74
C MET F 34 -59.48 48.00 16.65
N THR F 35 -59.57 49.15 17.34
CA THR F 35 -60.66 49.34 18.33
C THR F 35 -61.36 50.70 18.18
N TRP F 36 -62.69 50.72 18.08
CA TRP F 36 -63.48 51.95 18.08
C TRP F 36 -63.90 52.30 19.51
N VAL F 37 -63.69 53.55 19.87
CA VAL F 37 -64.07 54.16 21.16
C VAL F 37 -64.80 55.46 20.87
N ARG F 38 -65.88 55.77 21.56
CA ARG F 38 -66.52 57.04 21.28
C ARG F 38 -66.70 57.89 22.52
N GLN F 39 -66.79 59.20 22.33
CA GLN F 39 -67.03 60.08 23.45
C GLN F 39 -68.01 61.20 23.16
N ALA F 40 -69.22 61.06 23.69
CA ALA F 40 -70.27 62.05 23.53
C ALA F 40 -69.88 63.26 24.36
N PRO F 41 -70.30 64.48 24.04
CA PRO F 41 -69.97 65.65 24.83
C PRO F 41 -70.41 65.44 26.26
N GLY F 42 -69.52 65.73 27.20
CA GLY F 42 -69.81 65.59 28.62
C GLY F 42 -69.67 64.16 29.15
N LYS F 43 -69.27 63.23 28.29
CA LYS F 43 -69.15 61.83 28.64
C LYS F 43 -67.71 61.36 28.67
N GLY F 44 -67.48 60.18 29.26
CA GLY F 44 -66.16 59.58 29.33
C GLY F 44 -65.96 58.70 28.10
N LEU F 45 -65.02 57.79 28.18
CA LEU F 45 -64.68 56.99 27.00
C LEU F 45 -65.49 55.71 26.93
N GLU F 46 -66.26 55.57 25.87
CA GLU F 46 -67.11 54.41 25.71
C GLU F 46 -66.57 53.45 24.67
N TRP F 47 -66.42 52.20 25.03
CA TRP F 47 -66.00 51.23 24.05
C TRP F 47 -67.13 50.96 23.07
N VAL F 48 -66.86 50.94 21.77
CA VAL F 48 -67.88 50.63 20.77
C VAL F 48 -67.75 49.20 20.27
N GLY F 49 -66.53 48.83 19.93
CA GLY F 49 -66.28 47.49 19.42
C GLY F 49 -64.88 47.36 18.83
N HIS F 50 -64.51 46.14 18.48
CA HIS F 50 -63.17 45.91 17.94
C HIS F 50 -63.08 44.73 17.01
N MET F 51 -62.00 44.71 16.22
CA MET F 51 -61.69 43.56 15.38
C MET F 51 -60.21 43.21 15.53
N ARG F 52 -59.96 41.94 15.85
CA ARG F 52 -58.63 41.39 16.07
C ARG F 52 -57.84 41.42 14.77
N PRO F 53 -56.51 41.34 14.80
CA PRO F 53 -55.68 41.40 13.62
C PRO F 53 -56.14 40.37 12.64
N THR F 54 -56.03 40.71 11.36
CA THR F 54 -56.46 39.83 10.29
C THR F 54 -55.67 38.56 10.37
N THR F 55 -54.38 38.72 10.65
CA THR F 55 -53.46 37.61 10.68
C THR F 55 -53.70 36.70 11.87
N GLU F 56 -54.49 37.15 12.84
CA GLU F 56 -54.80 36.38 14.02
C GLU F 56 -56.23 35.85 13.97
N GLY F 57 -56.89 35.97 12.81
CA GLY F 57 -58.24 35.46 12.62
C GLY F 57 -59.39 36.47 12.44
N GLY F 58 -59.21 37.77 12.71
CA GLY F 58 -60.31 38.69 12.44
C GLY F 58 -61.56 38.57 13.34
N ALA F 59 -61.40 38.14 14.58
CA ALA F 59 -62.56 38.00 15.46
C ALA F 59 -63.08 39.37 15.90
N LYS F 60 -64.40 39.49 16.09
CA LYS F 60 -65.01 40.75 16.53
C LYS F 60 -65.76 40.71 17.85
N ASP F 61 -65.87 41.88 18.47
CA ASP F 61 -66.68 42.04 19.66
C ASP F 61 -67.29 43.45 19.72
N TYR F 62 -68.41 43.56 20.42
CA TYR F 62 -69.17 44.82 20.53
C TYR F 62 -69.71 45.17 21.88
N ALA F 63 -69.81 46.47 22.13
CA ALA F 63 -70.48 46.92 23.34
C ALA F 63 -71.96 46.59 23.21
N ALA F 64 -72.60 46.20 24.30
CA ALA F 64 -74.01 45.80 24.25
C ALA F 64 -74.92 46.88 23.66
N ALA F 65 -74.59 48.13 23.92
CA ALA F 65 -75.35 49.28 23.48
C ALA F 65 -75.48 49.41 21.96
N VAL F 66 -74.52 48.83 21.22
CA VAL F 66 -74.52 48.93 19.78
C VAL F 66 -74.70 47.57 19.10
N ARG F 67 -74.72 46.49 19.87
CA ARG F 67 -74.89 45.19 19.25
C ARG F 67 -76.18 45.13 18.48
N GLY F 68 -76.10 44.62 17.27
CA GLY F 68 -77.25 44.45 16.41
C GLY F 68 -77.51 45.68 15.53
N ARG F 69 -76.81 46.78 15.79
CA ARG F 69 -77.02 47.97 14.99
C ARG F 69 -75.74 48.32 14.25
N PHE F 70 -74.61 48.14 14.93
CA PHE F 70 -73.34 48.51 14.33
C PHE F 70 -72.58 47.31 13.76
N THR F 71 -71.89 47.54 12.64
CA THR F 71 -71.02 46.54 12.01
C THR F 71 -69.58 47.03 11.79
N ILE F 72 -68.64 46.20 12.17
CA ILE F 72 -67.22 46.47 12.00
C ILE F 72 -66.66 45.63 10.87
N ALA F 73 -65.89 46.27 10.03
CA ALA F 73 -65.31 45.61 8.88
C ALA F 73 -63.95 46.18 8.56
N ARG F 74 -63.13 45.39 7.86
CA ARG F 74 -61.83 45.88 7.46
C ARG F 74 -61.53 45.52 6.02
N ASP F 75 -60.74 46.37 5.37
CA ASP F 75 -60.22 46.08 4.05
C ASP F 75 -58.76 46.42 4.05
N ASP F 76 -57.95 45.38 4.16
CA ASP F 76 -56.54 45.57 4.35
C ASP F 76 -55.84 46.17 3.15
N SER F 77 -56.41 46.03 1.96
CA SER F 77 -55.72 46.51 0.77
C SER F 77 -55.73 48.03 0.72
N LYS F 78 -56.58 48.63 1.54
CA LYS F 78 -56.77 50.05 1.61
C LYS F 78 -56.32 50.56 2.96
N SER F 79 -55.79 49.66 3.79
CA SER F 79 -55.45 49.95 5.17
C SER F 79 -56.61 50.64 5.85
N THR F 80 -57.84 50.15 5.62
CA THR F 80 -58.98 50.85 6.19
C THR F 80 -59.91 50.03 7.07
N LEU F 81 -60.24 50.65 8.19
CA LEU F 81 -61.18 50.16 9.17
C LEU F 81 -62.50 50.86 8.93
N TYR F 82 -63.59 50.12 8.98
CA TYR F 82 -64.90 50.72 8.77
C TYR F 82 -65.84 50.45 9.93
N LEU F 83 -66.77 51.38 10.15
CA LEU F 83 -67.87 51.18 11.07
C LEU F 83 -69.18 51.62 10.44
N GLN F 84 -70.08 50.67 10.25
CA GLN F 84 -71.37 50.96 9.67
C GLN F 84 -72.40 51.04 10.76
N MET F 85 -72.96 52.22 10.97
CA MET F 85 -73.90 52.38 12.05
C MET F 85 -75.31 52.52 11.54
N ASN F 86 -76.12 51.50 11.77
CA ASN F 86 -77.49 51.50 11.30
C ASN F 86 -78.42 51.84 12.43
N SER F 87 -79.63 52.29 12.11
CA SER F 87 -80.60 52.55 13.15
C SER F 87 -80.01 53.45 14.21
N LEU F 88 -79.46 54.58 13.77
CA LEU F 88 -78.84 55.56 14.64
C LEU F 88 -79.84 56.19 15.57
N LYS F 89 -79.38 56.46 16.77
CA LYS F 89 -80.15 57.11 17.82
C LYS F 89 -79.47 58.42 18.24
N ILE F 90 -80.14 59.29 18.98
CA ILE F 90 -79.48 60.52 19.40
C ILE F 90 -78.25 60.24 20.26
N GLU F 91 -78.33 59.24 21.12
CA GLU F 91 -77.22 58.88 22.00
C GLU F 91 -75.96 58.42 21.28
N ASP F 92 -76.01 58.24 19.95
CA ASP F 92 -74.83 57.83 19.19
C ASP F 92 -74.01 59.05 18.75
N THR F 93 -74.48 60.26 19.09
CA THR F 93 -73.80 61.51 18.77
C THR F 93 -72.53 61.61 19.60
N GLY F 94 -71.41 61.99 18.97
CA GLY F 94 -70.16 62.10 19.71
C GLY F 94 -68.92 61.86 18.89
N VAL F 95 -67.76 61.90 19.54
CA VAL F 95 -66.53 61.71 18.78
C VAL F 95 -66.15 60.27 18.69
N TYR F 96 -65.96 59.79 17.48
CA TYR F 96 -65.55 58.41 17.29
C TYR F 96 -64.08 58.35 16.99
N TYR F 97 -63.37 57.67 17.86
CA TYR F 97 -61.93 57.55 17.77
C TYR F 97 -61.56 56.15 17.28
N CYS F 98 -60.53 56.10 16.44
CA CYS F 98 -59.87 54.93 15.90
C CYS F 98 -58.55 54.79 16.68
N MET F 99 -58.39 53.67 17.39
CA MET F 99 -57.16 53.51 18.22
C MET F 99 -56.60 52.09 18.06
N THR F 100 -55.28 51.98 18.00
CA THR F 100 -54.64 50.65 17.88
C THR F 100 -53.24 50.70 18.51
N GLY F 101 -52.51 49.59 18.46
CA GLY F 101 -51.13 49.59 18.96
C GLY F 101 -50.17 49.04 17.94
N VAL F 102 -48.94 49.56 17.89
CA VAL F 102 -47.90 49.04 16.97
C VAL F 102 -46.66 48.70 17.80
N GLU F 103 -46.25 47.43 17.78
CA GLU F 103 -45.02 47.02 18.49
C GLU F 103 -43.91 46.94 17.44
N ARG F 104 -42.95 47.86 17.50
CA ARG F 104 -41.81 47.77 16.59
C ARG F 104 -40.61 47.48 17.48
N GLY F 105 -39.53 46.94 16.94
CA GLY F 105 -38.40 46.55 17.80
C GLY F 105 -37.16 46.23 17.01
N ASP F 106 -35.99 46.30 17.64
CA ASP F 106 -34.72 46.08 16.91
C ASP F 106 -34.22 44.67 17.14
N PHE F 107 -34.40 43.79 16.16
CA PHE F 107 -33.95 42.36 16.30
C PHE F 107 -32.44 42.28 16.06
N TRP F 108 -31.75 41.47 16.86
CA TRP F 108 -30.29 41.26 16.67
C TRP F 108 -29.92 39.86 17.13
N SER F 109 -29.50 38.98 16.20
CA SER F 109 -29.10 37.64 16.53
C SER F 109 -27.65 37.40 16.31
N ASP F 110 -27.11 36.51 17.16
CA ASP F 110 -25.69 36.08 17.06
C ASP F 110 -25.73 34.69 16.44
N ASP F 111 -24.86 33.79 16.89
CA ASP F 111 -24.87 32.40 16.37
C ASP F 111 -25.14 31.48 17.54
N SER F 113 -27.27 32.86 20.39
CA SER F 113 -28.48 33.38 21.07
C SER F 113 -29.10 34.50 20.23
N GLN F 114 -30.43 34.67 20.30
CA GLN F 114 -31.10 35.74 19.59
C GLN F 114 -31.94 36.54 20.53
N HIS F 115 -32.13 37.84 20.24
CA HIS F 115 -32.96 38.75 21.10
C HIS F 115 -33.79 39.71 20.27
N TYR F 116 -34.98 40.12 20.75
CA TYR F 116 -35.85 41.09 20.03
C TYR F 116 -36.36 42.15 21.00
N ASN F 117 -35.77 43.34 21.01
CA ASN F 117 -36.15 44.37 22.00
C ASN F 117 -37.32 45.20 21.45
N THR F 118 -38.52 45.08 22.03
CA THR F 118 -39.72 45.72 21.46
C THR F 118 -40.14 47.01 22.16
N TYR F 119 -40.87 47.90 21.46
CA TYR F 119 -41.39 49.15 22.07
C TYR F 119 -42.80 49.39 21.52
N LEU F 120 -43.78 49.81 22.35
CA LEU F 120 -45.20 49.95 21.91
C LEU F 120 -45.54 51.38 21.53
N ILE F 121 -45.97 51.63 20.29
CA ILE F 121 -46.34 53.00 19.82
C ILE F 121 -47.87 53.16 19.86
N ASP F 122 -48.41 53.76 20.93
CA ASP F 122 -49.88 53.95 21.08
C ASP F 122 -50.33 54.94 19.99
N VAL F 123 -51.12 54.49 19.02
CA VAL F 123 -51.56 55.42 18.01
C VAL F 123 -53.08 55.57 18.02
N TRP F 124 -53.49 56.83 18.18
CA TRP F 124 -54.92 57.17 18.13
C TRP F 124 -55.05 58.16 16.99
N GLY F 125 -56.20 58.23 16.33
CA GLY F 125 -56.45 59.28 15.36
C GLY F 125 -56.97 60.48 16.13
N LYS F 126 -57.34 61.53 15.42
CA LYS F 126 -57.85 62.75 16.03
C LYS F 126 -59.33 62.64 16.45
N GLY F 127 -60.05 61.75 15.77
CA GLY F 127 -61.46 61.50 16.03
C GLY F 127 -62.38 62.25 15.07
N THR F 128 -63.49 61.63 14.70
CA THR F 128 -64.45 62.25 13.79
C THR F 128 -65.80 62.37 14.51
N THR F 129 -66.44 63.54 14.45
CA THR F 129 -67.67 63.71 15.22
C THR F 129 -68.94 63.36 14.46
N VAL F 130 -69.78 62.48 15.04
CA VAL F 130 -71.06 62.00 14.53
C VAL F 130 -72.14 62.88 15.13
N ASN G 34 12.59 -24.99 -35.34
CA ASN G 34 13.13 -23.91 -36.15
C ASN G 34 13.47 -22.74 -35.20
N LEU G 35 12.47 -21.89 -34.83
CA LEU G 35 12.60 -20.74 -33.91
C LEU G 35 11.84 -21.03 -32.66
N TRP G 36 12.29 -20.45 -31.55
CA TRP G 36 11.72 -20.63 -30.22
C TRP G 36 11.40 -19.33 -29.53
N VAL G 37 10.43 -19.35 -28.61
CA VAL G 37 10.07 -18.15 -27.88
C VAL G 37 11.09 -17.78 -26.83
N THR G 38 11.58 -16.55 -26.87
CA THR G 38 12.50 -16.04 -25.87
C THR G 38 11.83 -14.90 -25.15
N VAL G 39 11.90 -14.95 -23.83
CA VAL G 39 11.28 -13.96 -22.99
C VAL G 39 12.29 -12.92 -22.57
N TYR G 40 11.93 -11.65 -22.75
CA TYR G 40 12.80 -10.55 -22.37
C TYR G 40 12.13 -9.65 -21.36
N TYR G 41 12.90 -9.22 -20.38
CA TYR G 41 12.38 -8.28 -19.40
C TYR G 41 13.28 -7.07 -19.34
N GLY G 42 12.71 -5.88 -19.44
CA GLY G 42 13.44 -4.64 -19.48
C GLY G 42 13.34 -4.03 -20.88
N VAL G 43 12.34 -4.44 -21.62
CA VAL G 43 12.09 -3.99 -22.97
C VAL G 43 11.56 -2.56 -22.99
N PRO G 44 12.13 -1.61 -23.76
CA PRO G 44 11.76 -0.21 -23.80
C PRO G 44 10.50 0.12 -24.58
N VAL G 45 9.36 -0.35 -24.10
CA VAL G 45 8.08 -0.07 -24.74
C VAL G 45 7.08 0.48 -23.77
N TRP G 46 6.04 1.10 -24.29
CA TRP G 46 5.02 1.69 -23.45
C TRP G 46 3.65 1.79 -24.07
N LYS G 47 2.66 2.05 -23.23
CA LYS G 47 1.27 2.22 -23.63
C LYS G 47 0.70 3.53 -23.11
N ASP G 48 -0.30 4.08 -23.78
CA ASP G 48 -0.92 5.29 -23.24
C ASP G 48 -1.48 4.95 -21.89
N ALA G 49 -1.33 5.83 -20.90
CA ALA G 49 -1.89 5.48 -19.60
C ALA G 49 -2.29 6.68 -18.80
N GLU G 50 -3.19 6.45 -17.85
CA GLU G 50 -3.62 7.50 -16.95
C GLU G 50 -3.31 7.13 -15.53
N THR G 51 -2.47 7.91 -14.89
CA THR G 51 -2.12 7.64 -13.51
C THR G 51 -2.12 8.91 -12.75
N THR G 52 -1.87 8.82 -11.47
CA THR G 52 -1.78 9.96 -10.58
C THR G 52 -0.37 10.51 -10.60
N LEU G 53 -0.23 11.79 -10.86
CA LEU G 53 1.07 12.42 -10.87
C LEU G 53 1.26 13.12 -9.57
N PHE G 54 2.49 13.43 -9.21
CA PHE G 54 2.66 14.16 -7.98
C PHE G 54 3.31 15.49 -8.26
N CYS G 55 3.10 16.41 -7.34
CA CYS G 55 3.62 17.75 -7.48
C CYS G 55 4.98 17.91 -6.85
N ALA G 56 5.77 18.78 -7.43
CA ALA G 56 7.06 19.11 -6.87
C ALA G 56 7.38 20.57 -7.11
N SER G 57 8.16 21.16 -6.21
CA SER G 57 8.60 22.54 -6.37
C SER G 57 9.86 22.78 -5.53
N ASP G 58 10.56 23.91 -5.78
CA ASP G 58 11.75 24.39 -5.06
C ASP G 58 11.49 24.52 -3.55
N GLN G 83 18.10 14.43 -16.52
CA GLN G 83 16.67 14.75 -16.37
C GLN G 83 15.87 14.60 -17.70
N GLU G 84 16.55 14.75 -18.88
CA GLU G 84 15.95 14.65 -20.23
C GLU G 84 16.78 13.77 -21.17
N ILE G 85 16.08 12.83 -21.82
CA ILE G 85 16.66 11.88 -22.78
C ILE G 85 16.07 12.05 -24.17
N HIS G 86 16.90 12.22 -25.18
CA HIS G 86 16.39 12.49 -26.53
C HIS G 86 15.59 11.43 -27.31
N LEU G 87 15.75 10.14 -27.05
CA LEU G 87 14.99 9.12 -27.82
C LEU G 87 15.13 9.30 -29.34
N GLU G 88 16.34 9.17 -29.84
CA GLU G 88 16.70 9.52 -31.22
C GLU G 88 15.69 9.33 -32.37
N ASN G 89 15.06 8.14 -32.53
CA ASN G 89 14.17 7.84 -33.67
C ASN G 89 12.70 7.58 -33.27
N VAL G 90 12.26 8.06 -32.09
CA VAL G 90 10.88 7.83 -31.63
C VAL G 90 9.92 8.88 -32.12
N THR G 91 8.87 8.42 -32.75
CA THR G 91 7.80 9.29 -33.20
C THR G 91 6.62 8.89 -32.39
N GLU G 92 5.95 9.84 -31.79
CA GLU G 92 4.83 9.51 -30.94
C GLU G 92 3.60 10.31 -31.28
N GLU G 93 2.44 9.75 -30.99
CA GLU G 93 1.15 10.38 -31.21
C GLU G 93 0.65 11.13 -29.98
N PHE G 94 0.47 12.42 -30.11
CA PHE G 94 0.02 13.25 -29.03
C PHE G 94 -1.39 13.73 -29.28
N ASN G 95 -2.17 13.95 -28.22
CA ASN G 95 -3.51 14.46 -28.42
C ASN G 95 -3.98 15.32 -27.26
N MET G 96 -3.68 16.61 -27.31
CA MET G 96 -4.09 17.48 -26.22
C MET G 96 -5.61 17.43 -26.25
N TRP G 97 -6.25 17.82 -25.17
CA TRP G 97 -7.71 17.76 -24.99
C TRP G 97 -8.14 16.38 -24.52
N LYS G 98 -7.32 15.36 -24.71
CA LYS G 98 -7.65 14.03 -24.22
C LYS G 98 -6.64 13.64 -23.15
N ASN G 99 -5.85 14.63 -22.77
CA ASN G 99 -4.74 14.56 -21.84
C ASN G 99 -5.19 14.74 -20.41
N ASN G 100 -5.14 13.70 -19.59
CA ASN G 100 -5.67 13.80 -18.25
C ASN G 100 -4.79 14.56 -17.28
N MET G 101 -3.65 15.05 -17.75
CA MET G 101 -2.78 15.82 -16.89
C MET G 101 -3.47 17.14 -16.62
N VAL G 102 -4.35 17.54 -17.54
CA VAL G 102 -5.06 18.78 -17.45
C VAL G 102 -6.06 18.68 -16.33
N GLU G 103 -6.75 17.55 -16.28
CA GLU G 103 -7.74 17.35 -15.25
C GLU G 103 -7.09 17.29 -13.90
N GLN G 104 -5.91 16.69 -13.80
CA GLN G 104 -5.31 16.70 -12.49
C GLN G 104 -4.88 18.06 -12.08
N MET G 105 -4.34 18.87 -13.00
CA MET G 105 -3.94 20.18 -12.55
C MET G 105 -5.17 20.95 -12.12
N HIS G 106 -6.28 20.77 -12.82
CA HIS G 106 -7.50 21.47 -12.48
C HIS G 106 -7.92 21.13 -11.06
N GLU G 107 -7.95 19.84 -10.74
CA GLU G 107 -8.37 19.43 -9.42
C GLU G 107 -7.39 19.84 -8.33
N ASP G 108 -6.09 19.81 -8.63
CA ASP G 108 -5.11 20.17 -7.62
C ASP G 108 -5.13 21.65 -7.32
N ILE G 109 -5.31 22.49 -8.33
CA ILE G 109 -5.34 23.91 -8.05
C ILE G 109 -6.55 24.25 -7.24
N ILE G 110 -7.70 23.67 -7.57
CA ILE G 110 -8.86 23.98 -6.79
C ILE G 110 -8.70 23.49 -5.38
N SER G 111 -8.21 22.28 -5.19
CA SER G 111 -8.05 21.78 -3.86
C SER G 111 -7.12 22.63 -3.03
N LEU G 112 -5.99 23.04 -3.58
CA LEU G 112 -5.07 23.85 -2.82
C LEU G 112 -5.68 25.18 -2.48
N TRP G 113 -6.44 25.75 -3.41
CA TRP G 113 -7.10 27.00 -3.17
C TRP G 113 -7.98 26.89 -1.95
N ASP G 114 -8.83 25.87 -1.93
CA ASP G 114 -9.75 25.74 -0.81
C ASP G 114 -9.05 25.46 0.50
N GLN G 115 -7.97 24.69 0.47
CA GLN G 115 -7.30 24.38 1.72
C GLN G 115 -6.72 25.62 2.34
N SER G 116 -6.28 26.57 1.52
CA SER G 116 -5.63 27.76 2.05
C SER G 116 -6.60 28.65 2.81
N LEU G 117 -7.90 28.47 2.63
CA LEU G 117 -8.88 29.30 3.29
C LEU G 117 -9.42 28.66 4.55
N LYS G 118 -9.03 27.41 4.83
CA LYS G 118 -9.59 26.74 5.98
C LYS G 118 -9.41 27.46 7.29
N PRO G 119 -8.24 28.04 7.63
CA PRO G 119 -8.03 28.72 8.88
C PRO G 119 -8.43 30.21 8.93
N CYS G 120 -9.13 30.74 7.88
CA CYS G 120 -9.43 32.15 7.77
C CYS G 120 -10.82 32.45 8.34
N VAL G 121 -11.04 33.68 8.74
CA VAL G 121 -12.29 34.10 9.34
C VAL G 121 -13.47 34.09 8.40
N LYS G 122 -14.57 33.49 8.84
CA LYS G 122 -15.80 33.46 8.08
C LYS G 122 -16.58 34.71 8.41
N LEU G 123 -16.94 35.47 7.40
CA LEU G 123 -17.58 36.75 7.63
C LEU G 123 -19.07 36.64 7.73
N THR G 124 -19.51 35.99 8.79
CA THR G 124 -20.93 35.82 9.00
C THR G 124 -21.54 37.03 9.71
N PRO G 125 -20.83 37.83 10.53
CA PRO G 125 -21.31 39.02 11.18
C PRO G 125 -21.62 40.12 10.20
N LEU G 126 -21.24 39.97 8.95
CA LEU G 126 -21.53 41.05 8.03
C LEU G 126 -22.87 40.99 7.31
N CYS G 127 -23.67 39.88 7.44
CA CYS G 127 -24.96 39.80 6.76
C CYS G 127 -26.05 40.48 7.56
N VAL G 128 -25.98 41.78 7.51
CA VAL G 128 -26.90 42.68 8.16
C VAL G 128 -27.34 43.69 7.16
N THR G 129 -28.43 44.36 7.44
CA THR G 129 -28.81 45.44 6.56
C THR G 129 -27.78 46.53 6.66
N LEU G 130 -27.26 46.97 5.51
CA LEU G 130 -26.28 48.08 5.50
C LEU G 130 -27.00 49.33 5.01
N GLN G 131 -26.79 50.48 5.68
CA GLN G 131 -27.39 51.74 5.19
C GLN G 131 -26.37 52.40 4.28
N CYS G 132 -26.66 52.46 2.97
CA CYS G 132 -25.62 52.97 2.03
C CYS G 132 -26.01 54.30 1.37
N THR G 133 -25.05 55.22 1.25
CA THR G 133 -25.20 56.50 0.61
C THR G 133 -24.06 56.72 -0.39
N ASN G 134 -24.01 57.92 -1.01
CA ASN G 134 -23.02 58.35 -1.99
C ASN G 134 -21.71 58.71 -1.29
N VAL G 135 -20.58 58.55 -2.01
CA VAL G 135 -19.23 58.88 -1.54
C VAL G 135 -18.93 60.36 -1.72
N THR G 136 -18.58 61.02 -0.63
CA THR G 136 -18.36 62.46 -0.63
C THR G 136 -16.98 62.83 -1.05
N ASN G 137 -16.73 62.67 -2.33
CA ASN G 137 -15.41 62.92 -2.88
C ASN G 137 -15.56 63.41 -4.34
N ASN G 138 -14.43 63.70 -5.00
CA ASN G 138 -14.33 64.14 -6.39
C ASN G 138 -14.24 62.89 -7.28
N ILE G 139 -15.39 62.51 -7.87
CA ILE G 139 -15.57 61.30 -8.67
C ILE G 139 -15.70 61.63 -10.12
N THR G 140 -14.85 61.02 -10.93
CA THR G 140 -14.90 61.28 -12.36
C THR G 140 -16.14 60.67 -12.96
N ASP G 141 -16.48 61.05 -14.18
CA ASP G 141 -17.71 60.54 -14.76
C ASP G 141 -17.79 59.04 -14.87
N ASP G 142 -16.66 58.44 -15.18
CA ASP G 142 -16.54 57.00 -15.37
C ASP G 142 -16.80 56.20 -14.10
N MET G 143 -16.64 56.84 -12.95
CA MET G 143 -16.82 56.20 -11.67
C MET G 143 -18.09 56.58 -10.96
N ARG G 144 -18.99 57.28 -11.61
CA ARG G 144 -20.17 57.64 -10.87
C ARG G 144 -21.01 56.42 -10.65
N GLY G 145 -21.42 56.22 -9.41
CA GLY G 145 -22.26 55.08 -9.05
C GLY G 145 -21.47 53.82 -8.73
N GLU G 146 -20.14 53.86 -8.86
CA GLU G 146 -19.31 52.69 -8.62
C GLU G 146 -19.05 52.40 -7.15
N LEU G 147 -19.03 53.41 -6.32
CA LEU G 147 -18.76 53.21 -4.90
C LEU G 147 -19.89 53.69 -4.05
N LYS G 148 -20.10 53.00 -2.95
CA LYS G 148 -21.07 53.42 -1.95
C LYS G 148 -20.44 53.42 -0.56
N ASN G 149 -20.86 54.37 0.29
CA ASN G 149 -20.45 54.53 1.69
C ASN G 149 -21.51 53.90 2.59
N CYS G 150 -21.21 52.72 3.18
CA CYS G 150 -22.18 51.92 3.95
C CYS G 150 -21.86 51.82 5.43
N SER G 151 -22.87 52.06 6.25
CA SER G 151 -22.76 51.94 7.69
C SER G 151 -23.50 50.71 8.17
N PHE G 152 -23.02 50.07 9.22
CA PHE G 152 -23.70 48.91 9.75
C PHE G 152 -23.37 48.59 11.22
N ASN G 153 -24.15 47.69 11.78
CA ASN G 153 -23.95 47.26 13.18
C ASN G 153 -23.15 45.97 13.13
N ALA G 154 -21.95 45.95 13.67
CA ALA G 154 -20.98 44.85 13.68
C ALA G 154 -20.89 44.27 15.07
N THR G 155 -20.58 43.00 15.13
CA THR G 155 -20.32 42.34 16.39
C THR G 155 -18.96 42.77 16.82
N THR G 156 -18.59 42.48 18.05
CA THR G 156 -17.27 42.82 18.53
C THR G 156 -16.73 41.71 19.40
N GLU G 157 -15.70 41.98 20.17
CA GLU G 157 -15.05 40.93 20.96
C GLU G 157 -16.00 40.29 21.94
N LEU G 158 -16.88 41.07 22.55
CA LEU G 158 -17.80 40.49 23.50
C LEU G 158 -19.16 40.38 22.86
N ARG G 159 -19.86 39.29 23.18
CA ARG G 159 -21.16 39.02 22.52
C ARG G 159 -22.23 40.04 22.93
N ASN G 160 -22.12 40.66 24.10
CA ASN G 160 -23.18 41.54 24.51
C ASN G 160 -22.90 42.98 24.12
N LYS G 161 -21.97 43.18 23.18
CA LYS G 161 -21.60 44.49 22.70
C LYS G 161 -21.73 44.57 21.19
N ARG G 162 -21.98 45.78 20.70
CA ARG G 162 -22.03 46.06 19.28
C ARG G 162 -21.25 47.31 18.98
N GLN G 163 -20.80 47.44 17.75
CA GLN G 163 -20.08 48.63 17.33
C GLN G 163 -20.59 49.16 16.00
N LYS G 164 -20.49 50.47 15.81
CA LYS G 164 -20.86 51.07 14.54
C LYS G 164 -19.65 51.15 13.64
N VAL G 165 -19.79 50.60 12.46
CA VAL G 165 -18.73 50.54 11.48
C VAL G 165 -19.18 51.07 10.17
N TYR G 166 -18.32 51.77 9.47
CA TYR G 166 -18.70 52.15 8.15
C TYR G 166 -17.54 51.84 7.27
N SER G 167 -17.82 51.59 6.01
CA SER G 167 -16.79 51.26 5.05
C SER G 167 -17.20 51.57 3.64
N LEU G 168 -16.24 51.57 2.74
CA LEU G 168 -16.62 51.77 1.36
C LEU G 168 -16.69 50.45 0.64
N PHE G 169 -17.70 50.30 -0.19
CA PHE G 169 -17.90 49.11 -1.00
C PHE G 169 -18.05 49.42 -2.46
N TYR G 170 -17.68 48.46 -3.28
CA TYR G 170 -17.92 48.59 -4.69
C TYR G 170 -19.35 48.22 -4.96
N ARG G 171 -19.95 48.86 -5.91
CA ARG G 171 -21.33 48.61 -6.26
C ARG G 171 -21.59 47.17 -6.64
N LEU G 172 -20.61 46.52 -7.25
CA LEU G 172 -20.78 45.15 -7.72
C LEU G 172 -20.89 44.14 -6.59
N ASP G 173 -20.53 44.53 -5.38
CA ASP G 173 -20.57 43.62 -4.24
C ASP G 173 -21.85 43.73 -3.40
N ILE G 174 -22.75 44.66 -3.74
CA ILE G 174 -23.96 44.82 -2.92
C ILE G 174 -25.22 44.81 -3.76
N VAL G 175 -26.33 44.53 -3.10
CA VAL G 175 -27.62 44.55 -3.77
C VAL G 175 -28.64 45.28 -2.91
N PRO G 176 -29.46 46.19 -3.44
CA PRO G 176 -30.52 46.89 -2.72
C PRO G 176 -31.63 45.95 -2.41
N MET G 177 -32.33 46.19 -1.34
CA MET G 177 -33.49 45.39 -1.00
C MET G 177 -34.77 46.14 -1.15
N GLY G 178 -35.74 45.53 -1.83
CA GLY G 178 -37.08 46.10 -1.95
C GLY G 178 -37.10 47.35 -2.81
N GLU G 179 -36.05 47.50 -3.61
CA GLU G 179 -35.80 48.68 -4.42
C GLU G 179 -35.58 49.91 -3.55
N ASN G 180 -35.28 49.67 -2.26
CA ASN G 180 -35.06 50.80 -1.34
C ASN G 180 -33.63 51.30 -1.53
N SER G 181 -33.44 52.61 -1.69
CA SER G 181 -32.08 53.18 -1.79
C SER G 181 -31.38 53.05 -0.43
N THR G 182 -32.12 53.26 0.66
CA THR G 182 -31.48 53.28 2.00
C THR G 182 -30.89 51.92 2.39
N ASN G 183 -31.56 50.81 2.08
CA ASN G 183 -31.10 49.51 2.59
C ASN G 183 -30.40 48.67 1.51
N TYR G 184 -29.25 48.09 1.84
CA TYR G 184 -28.52 47.21 0.90
C TYR G 184 -27.94 46.04 1.70
N ARG G 185 -27.72 44.87 1.08
CA ARG G 185 -27.08 43.76 1.72
C ARG G 185 -25.94 43.27 0.87
N LEU G 186 -25.06 42.43 1.41
CA LEU G 186 -24.02 41.86 0.53
C LEU G 186 -24.68 40.84 -0.38
N ILE G 187 -24.23 40.73 -1.64
CA ILE G 187 -24.87 39.81 -2.63
C ILE G 187 -24.76 38.39 -2.08
N ASN G 188 -23.67 38.09 -1.40
CA ASN G 188 -23.39 36.73 -0.89
C ASN G 188 -24.44 36.25 0.12
N CYS G 189 -25.07 37.15 0.87
CA CYS G 189 -25.95 36.72 1.98
C CYS G 189 -27.12 35.81 1.57
N ASN G 190 -27.80 36.05 0.46
CA ASN G 190 -28.88 35.09 0.09
C ASN G 190 -28.31 33.71 -0.26
N THR G 191 -27.15 33.67 -0.93
CA THR G 191 -26.48 32.38 -1.26
C THR G 191 -25.53 32.00 -0.13
N SER G 192 -24.50 31.21 -0.39
CA SER G 192 -23.60 30.69 0.68
C SER G 192 -22.80 31.81 1.39
N ALA G 193 -22.33 31.56 2.61
CA ALA G 193 -21.57 32.56 3.42
C ALA G 193 -20.18 32.83 2.83
N ILE G 194 -19.60 34.00 3.13
CA ILE G 194 -18.29 34.37 2.53
C ILE G 194 -17.15 34.03 3.46
N THR G 195 -15.97 33.73 2.91
CA THR G 195 -14.80 33.56 3.76
C THR G 195 -13.78 34.65 3.45
N GLN G 196 -13.23 35.31 4.46
CA GLN G 196 -12.24 36.33 4.17
C GLN G 196 -10.93 35.68 3.84
N ALA G 197 -10.27 36.11 2.79
CA ALA G 197 -8.96 35.55 2.54
C ALA G 197 -8.03 36.04 3.62
N CYS G 198 -7.08 35.20 4.09
CA CYS G 198 -6.08 35.61 5.07
C CYS G 198 -5.11 36.61 4.39
N PRO G 199 -4.89 37.80 4.96
CA PRO G 199 -4.09 38.87 4.39
C PRO G 199 -2.61 38.53 4.34
N LYS G 200 -2.22 37.50 5.07
CA LYS G 200 -0.85 37.06 5.14
C LYS G 200 -0.50 36.10 4.01
N VAL G 201 -1.50 35.67 3.25
CA VAL G 201 -1.26 34.70 2.20
C VAL G 201 -1.43 35.36 0.85
N SER G 202 -0.39 35.34 0.05
CA SER G 202 -0.43 35.95 -1.27
C SER G 202 -1.11 35.04 -2.28
N PHE G 203 -1.46 35.60 -3.43
CA PHE G 203 -2.06 34.83 -4.51
C PHE G 203 -1.11 34.67 -5.68
N GLU G 204 0.16 34.89 -5.45
CA GLU G 204 1.15 34.81 -6.50
C GLU G 204 1.15 33.39 -7.10
N PRO G 205 1.13 33.24 -8.42
CA PRO G 205 1.11 31.99 -9.13
C PRO G 205 2.44 31.27 -9.16
N ILE G 206 2.83 30.72 -8.02
CA ILE G 206 4.10 30.03 -7.87
C ILE G 206 4.07 28.75 -8.72
N PRO G 207 5.08 28.47 -9.56
CA PRO G 207 5.18 27.31 -10.44
C PRO G 207 5.09 25.97 -9.75
N ILE G 208 4.41 25.04 -10.41
CA ILE G 208 4.24 23.66 -10.00
C ILE G 208 4.77 22.71 -11.05
N HIS G 209 5.59 21.75 -10.66
CA HIS G 209 6.09 20.77 -11.62
C HIS G 209 5.32 19.48 -11.42
N TYR G 210 4.98 18.78 -12.50
CA TYR G 210 4.33 17.48 -12.36
C TYR G 210 5.27 16.35 -12.72
N CYS G 211 5.52 15.44 -11.76
CA CYS G 211 6.49 14.35 -11.84
C CYS G 211 5.81 12.99 -11.91
N ALA G 212 6.38 12.08 -12.69
CA ALA G 212 5.80 10.75 -12.82
C ALA G 212 6.20 9.83 -11.67
N PRO G 213 5.32 8.91 -11.25
CA PRO G 213 5.60 7.85 -10.32
C PRO G 213 6.42 6.79 -11.00
N ALA G 214 7.15 5.98 -10.25
CA ALA G 214 7.93 4.94 -10.88
C ALA G 214 7.03 4.00 -11.65
N GLY G 215 7.52 3.58 -12.81
CA GLY G 215 6.79 2.68 -13.68
C GLY G 215 6.15 3.46 -14.83
N PHE G 216 6.17 4.79 -14.72
CA PHE G 216 5.62 5.71 -15.69
C PHE G 216 6.64 6.69 -16.18
N ALA G 217 6.37 7.28 -17.33
CA ALA G 217 7.26 8.28 -17.87
C ALA G 217 6.49 9.38 -18.57
N ILE G 218 7.07 10.56 -18.61
CA ILE G 218 6.46 11.68 -19.30
C ILE G 218 7.19 11.96 -20.59
N LEU G 219 6.47 11.97 -21.68
CA LEU G 219 7.08 12.24 -22.95
C LEU G 219 6.78 13.67 -23.37
N LYS G 220 7.80 14.37 -23.79
CA LYS G 220 7.70 15.76 -24.18
C LYS G 220 7.87 15.93 -25.69
N CYS G 221 6.94 16.64 -26.36
CA CYS G 221 6.98 16.92 -27.79
C CYS G 221 7.80 18.18 -28.04
N LYS G 222 8.88 18.06 -28.81
CA LYS G 222 9.76 19.17 -29.09
C LYS G 222 9.58 19.78 -30.46
N ASP G 223 8.57 19.35 -31.19
CA ASP G 223 8.35 19.91 -32.50
C ASP G 223 7.77 21.31 -32.39
N LYS G 224 8.52 22.28 -32.87
CA LYS G 224 8.21 23.71 -32.78
C LYS G 224 6.93 24.08 -33.51
N LYS G 225 6.51 23.24 -34.44
CA LYS G 225 5.31 23.47 -35.20
C LYS G 225 4.16 22.62 -34.72
N PHE G 226 4.32 21.94 -33.59
CA PHE G 226 3.27 21.07 -33.13
C PHE G 226 2.01 21.87 -32.75
N ASN G 227 0.86 21.45 -33.34
CA ASN G 227 -0.46 22.06 -33.22
C ASN G 227 -1.40 21.35 -32.22
N GLY G 228 -0.87 20.46 -31.35
CA GLY G 228 -1.60 19.75 -30.31
C GLY G 228 -2.00 18.32 -30.61
N THR G 229 -2.03 17.93 -31.87
CA THR G 229 -2.42 16.56 -32.17
C THR G 229 -1.54 15.94 -33.23
N GLY G 230 -1.56 14.62 -33.29
CA GLY G 230 -0.89 13.95 -34.37
C GLY G 230 0.51 13.56 -33.98
N PRO G 231 1.27 12.98 -34.91
CA PRO G 231 2.59 12.49 -34.67
C PRO G 231 3.50 13.68 -34.40
N CYS G 232 4.48 13.46 -33.54
CA CYS G 232 5.52 14.38 -33.15
C CYS G 232 6.84 13.64 -33.41
N PRO G 233 7.63 14.05 -34.42
CA PRO G 233 8.86 13.43 -34.88
C PRO G 233 10.04 13.57 -33.93
N SER G 234 9.96 14.44 -32.94
CA SER G 234 11.05 14.62 -32.01
C SER G 234 10.49 14.65 -30.63
N VAL G 235 10.71 13.56 -29.91
CA VAL G 235 10.12 13.36 -28.61
C VAL G 235 11.18 13.01 -27.64
N SER G 236 11.19 13.62 -26.48
CA SER G 236 12.16 13.26 -25.47
C SER G 236 11.48 12.79 -24.20
N THR G 237 12.19 12.04 -23.40
CA THR G 237 11.63 11.56 -22.14
C THR G 237 12.12 12.42 -21.02
N VAL G 238 11.22 12.84 -20.16
CA VAL G 238 11.66 13.63 -19.03
C VAL G 238 11.18 13.03 -17.75
N GLN G 239 11.91 13.30 -16.69
CA GLN G 239 11.48 12.84 -15.37
C GLN G 239 10.26 13.56 -14.80
N CYS G 240 10.16 14.89 -15.07
CA CYS G 240 9.19 15.80 -14.51
C CYS G 240 9.08 16.98 -15.48
N THR G 241 7.92 17.60 -15.54
CA THR G 241 7.67 18.75 -16.42
C THR G 241 8.36 19.97 -15.85
N HIS G 242 8.39 21.04 -16.66
CA HIS G 242 8.94 22.29 -16.23
C HIS G 242 7.93 22.88 -15.29
N GLY G 243 8.25 23.98 -14.63
CA GLY G 243 7.24 24.50 -13.74
C GLY G 243 6.21 25.25 -14.53
N ILE G 244 4.96 25.06 -14.18
CA ILE G 244 3.88 25.78 -14.80
C ILE G 244 3.24 26.71 -13.83
N LYS G 245 3.17 27.98 -14.18
CA LYS G 245 2.54 28.94 -13.29
C LYS G 245 1.05 28.85 -13.43
N PRO G 246 0.29 28.62 -12.36
CA PRO G 246 -1.15 28.52 -12.37
C PRO G 246 -1.74 29.90 -12.40
N VAL G 247 -1.56 30.59 -13.51
CA VAL G 247 -2.06 31.93 -13.63
C VAL G 247 -3.51 31.83 -13.97
N VAL G 248 -4.34 32.54 -13.24
CA VAL G 248 -5.75 32.48 -13.52
C VAL G 248 -6.23 33.72 -14.21
N SER G 249 -6.76 33.54 -15.39
CA SER G 249 -7.30 34.63 -16.19
C SER G 249 -8.31 34.09 -17.16
N THR G 250 -9.09 34.99 -17.77
CA THR G 250 -10.05 34.55 -18.78
C THR G 250 -9.61 34.72 -20.23
N GLN G 251 -10.11 35.71 -20.90
CA GLN G 251 -9.88 35.80 -22.33
C GLN G 251 -8.46 36.05 -22.83
N LEU G 252 -7.59 36.62 -22.03
CA LEU G 252 -6.20 36.78 -22.44
C LEU G 252 -5.36 35.99 -21.47
N LEU G 253 -4.51 35.13 -22.00
CA LEU G 253 -3.65 34.32 -21.17
C LEU G 253 -2.49 35.16 -20.76
N LEU G 254 -2.14 35.12 -19.49
CA LEU G 254 -1.02 35.92 -19.04
C LEU G 254 0.13 35.07 -18.51
N ASN G 255 1.36 35.54 -18.78
CA ASN G 255 2.67 35.02 -18.32
C ASN G 255 2.89 33.53 -18.65
N GLY G 256 2.46 33.06 -19.84
CA GLY G 256 2.63 31.68 -20.29
C GLY G 256 3.84 31.57 -21.18
N SER G 257 3.95 30.44 -21.86
CA SER G 257 5.06 30.20 -22.76
C SER G 257 4.76 30.81 -24.12
N LEU G 258 5.79 31.25 -24.80
CA LEU G 258 5.65 31.74 -26.16
C LEU G 258 6.00 30.67 -27.13
N ALA G 259 5.42 30.75 -28.31
CA ALA G 259 5.75 29.85 -29.39
C ALA G 259 7.18 30.14 -29.78
N GLU G 260 7.92 29.13 -30.18
CA GLU G 260 9.31 29.35 -30.54
C GLU G 260 9.53 30.19 -31.78
N GLU G 261 8.68 30.01 -32.78
CA GLU G 261 8.88 30.71 -34.04
C GLU G 261 7.69 31.45 -34.61
N GLU G 262 6.52 30.83 -34.56
CA GLU G 262 5.35 31.32 -35.29
C GLU G 262 4.13 31.24 -34.41
N VAL G 263 3.12 32.05 -34.73
CA VAL G 263 1.88 32.00 -34.00
C VAL G 263 1.18 30.69 -34.32
N ILE G 264 0.74 29.97 -33.29
CA ILE G 264 0.12 28.69 -33.51
C ILE G 264 -1.31 28.64 -33.08
N ILE G 265 -2.17 28.21 -33.98
CA ILE G 265 -3.57 28.10 -33.67
C ILE G 265 -3.95 26.65 -33.44
N ARG G 266 -4.46 26.35 -32.26
CA ARG G 266 -4.81 24.99 -31.90
C ARG G 266 -6.29 24.89 -31.59
N SER G 267 -6.95 23.83 -32.07
CA SER G 267 -8.36 23.65 -31.76
C SER G 267 -8.70 22.18 -31.80
N GLU G 268 -9.68 21.75 -31.01
CA GLU G 268 -10.07 20.34 -31.07
C GLU G 268 -10.66 19.95 -32.44
N ASN G 269 -11.50 20.84 -33.00
CA ASN G 269 -12.16 20.76 -34.30
C ASN G 269 -12.40 22.18 -34.80
N ILE G 270 -11.61 22.64 -35.79
CA ILE G 270 -11.65 24.02 -36.29
C ILE G 270 -12.96 24.35 -36.99
N THR G 271 -13.68 23.35 -37.51
CA THR G 271 -14.90 23.64 -38.22
C THR G 271 -16.11 23.59 -37.31
N ASN G 272 -15.89 23.27 -36.04
CA ASN G 272 -16.96 23.19 -35.07
C ASN G 272 -16.98 24.48 -34.28
N ASN G 273 -17.97 25.32 -34.49
CA ASN G 273 -17.95 26.64 -33.87
C ASN G 273 -18.26 26.60 -32.37
N ALA G 274 -18.55 25.43 -31.85
CA ALA G 274 -18.79 25.28 -30.44
C ALA G 274 -17.48 25.10 -29.68
N LYS G 275 -16.38 24.94 -30.40
CA LYS G 275 -15.10 24.71 -29.77
C LYS G 275 -14.33 26.00 -29.59
N ASN G 276 -13.43 26.02 -28.60
CA ASN G 276 -12.62 27.20 -28.43
C ASN G 276 -11.33 27.06 -29.22
N ILE G 277 -10.78 28.19 -29.61
CA ILE G 277 -9.52 28.25 -30.30
C ILE G 277 -8.45 28.84 -29.41
N LEU G 278 -7.37 28.12 -29.22
CA LEU G 278 -6.30 28.62 -28.38
C LEU G 278 -5.21 29.16 -29.27
N VAL G 279 -4.89 30.42 -29.12
CA VAL G 279 -3.88 30.98 -29.98
C VAL G 279 -2.66 31.33 -29.18
N GLN G 280 -1.54 30.69 -29.50
CA GLN G 280 -0.27 30.94 -28.80
C GLN G 280 0.53 31.93 -29.59
N LEU G 281 0.99 32.98 -28.94
CA LEU G 281 1.73 34.00 -29.65
C LEU G 281 3.20 33.68 -29.64
N ASN G 282 3.95 34.19 -30.62
CA ASN G 282 5.40 34.00 -30.65
C ASN G 282 6.15 35.20 -30.12
N THR G 283 5.40 36.22 -29.73
CA THR G 283 5.93 37.44 -29.14
C THR G 283 4.97 37.83 -28.04
N PRO G 284 5.40 38.41 -26.93
CA PRO G 284 4.56 38.88 -25.89
C PRO G 284 3.95 40.20 -26.26
N VAL G 285 2.80 40.52 -25.69
CA VAL G 285 2.30 41.89 -25.77
C VAL G 285 2.29 42.40 -24.34
N GLN G 286 2.97 43.49 -24.06
CA GLN G 286 3.01 43.91 -22.68
C GLN G 286 1.77 44.69 -22.31
N ILE G 287 1.19 44.36 -21.16
CA ILE G 287 0.04 45.05 -20.63
C ILE G 287 0.32 45.61 -19.22
N ASN G 288 0.05 46.93 -19.01
CA ASN G 288 0.26 47.68 -17.77
C ASN G 288 -1.08 48.04 -17.11
N CYS G 289 -1.40 47.41 -15.95
CA CYS G 289 -2.68 47.61 -15.26
C CYS G 289 -2.50 48.34 -13.95
N THR G 290 -3.45 49.21 -13.67
CA THR G 290 -3.39 49.96 -12.43
C THR G 290 -4.73 50.30 -11.82
N ARG G 291 -4.67 50.50 -10.51
CA ARG G 291 -5.76 50.97 -9.69
C ARG G 291 -5.24 52.22 -8.99
N PRO G 292 -5.33 53.39 -9.64
CA PRO G 292 -4.71 54.65 -9.29
C PRO G 292 -5.45 55.43 -8.22
N ASN G 293 -5.72 54.80 -7.10
CA ASN G 293 -6.47 55.41 -6.01
C ASN G 293 -5.82 55.04 -4.69
N ASN G 294 -5.35 56.03 -3.89
CA ASN G 294 -4.64 55.77 -2.64
C ASN G 294 -5.64 55.36 -1.55
N ASN G 295 -5.70 54.04 -1.29
CA ASN G 295 -6.62 53.32 -0.42
C ASN G 295 -6.16 53.21 1.03
N THR G 296 -6.97 53.75 1.95
CA THR G 296 -6.65 53.66 3.36
C THR G 296 -7.41 52.48 3.91
N VAL G 297 -6.68 51.49 4.42
CA VAL G 297 -7.26 50.26 4.93
C VAL G 297 -7.32 50.23 6.44
N LYS G 298 -8.49 49.90 6.95
CA LYS G 298 -8.77 49.83 8.37
C LYS G 298 -9.23 48.45 8.75
N SER G 299 -9.13 48.12 10.03
CA SER G 299 -9.65 46.84 10.45
C SER G 299 -10.30 46.93 11.81
N ILE G 300 -11.21 46.01 12.04
CA ILE G 300 -11.89 45.88 13.31
C ILE G 300 -11.95 44.47 13.81
N ARG G 301 -12.14 44.30 15.10
CA ARG G 301 -12.37 42.98 15.60
C ARG G 301 -13.85 42.73 15.51
N ILE G 302 -14.20 41.56 15.05
CA ILE G 302 -15.59 41.13 14.96
C ILE G 302 -15.82 39.94 15.85
N GLY G 303 -14.75 39.42 16.41
CA GLY G 303 -14.87 38.28 17.29
C GLY G 303 -13.56 37.99 18.01
N PRO G 304 -13.46 36.85 18.68
CA PRO G 304 -12.35 36.47 19.52
C PRO G 304 -11.11 36.17 18.71
N GLY G 305 -10.38 37.22 18.39
CA GLY G 305 -9.16 37.13 17.59
C GLY G 305 -9.48 37.14 16.11
N GLN G 306 -10.68 37.57 15.77
CA GLN G 306 -11.12 37.59 14.40
C GLN G 306 -11.20 39.00 13.87
N ALA G 307 -10.34 39.33 12.91
CA ALA G 307 -10.31 40.67 12.36
C ALA G 307 -10.84 40.73 10.95
N PHE G 308 -11.58 41.78 10.68
CA PHE G 308 -12.14 42.10 9.38
C PHE G 308 -11.46 43.31 8.78
N TYR G 309 -11.09 43.19 7.51
CA TYR G 309 -10.42 44.30 6.82
C TYR G 309 -11.32 44.96 5.81
N TYR G 310 -11.27 46.28 5.77
CA TYR G 310 -12.11 47.01 4.84
C TYR G 310 -11.51 48.32 4.39
N THR G 311 -12.03 48.86 3.28
CA THR G 311 -11.55 50.17 2.87
C THR G 311 -12.19 51.18 3.75
N GLY G 312 -11.37 51.98 4.38
CA GLY G 312 -11.81 52.99 5.30
C GLY G 312 -12.18 54.19 4.50
N ASP G 313 -11.22 54.65 3.72
CA ASP G 313 -11.43 55.83 2.92
C ASP G 313 -10.53 55.86 1.70
N ILE G 314 -10.69 56.89 0.88
CA ILE G 314 -9.87 57.15 -0.28
C ILE G 314 -9.26 58.52 -0.17
N ILE G 315 -7.97 58.57 -0.36
CA ILE G 315 -7.22 59.79 -0.31
C ILE G 315 -7.10 60.34 -1.70
N GLY G 316 -7.58 61.55 -1.89
CA GLY G 316 -7.55 62.17 -3.19
C GLY G 316 -8.73 61.77 -4.05
N ASP G 317 -8.63 62.09 -5.33
CA ASP G 317 -9.67 61.92 -6.33
C ASP G 317 -9.94 60.47 -6.64
N ILE G 318 -11.14 60.19 -7.13
CA ILE G 318 -11.52 58.85 -7.52
C ILE G 318 -11.54 58.67 -9.04
N ARG G 319 -10.69 57.74 -9.49
CA ARG G 319 -10.48 57.46 -10.90
C ARG G 319 -10.68 55.98 -11.22
N GLN G 320 -11.00 55.69 -12.47
CA GLN G 320 -11.24 54.31 -12.85
C GLN G 320 -9.96 53.54 -13.10
N ALA G 321 -9.96 52.29 -12.64
CA ALA G 321 -8.86 51.36 -12.87
C ALA G 321 -8.80 51.09 -14.35
N HIS G 322 -7.63 50.86 -14.87
CA HIS G 322 -7.51 50.63 -16.31
C HIS G 322 -6.23 49.87 -16.67
N CYS G 323 -6.20 49.31 -17.91
CA CYS G 323 -5.02 48.63 -18.48
C CYS G 323 -4.60 49.24 -19.81
N ASN G 324 -3.31 49.39 -19.99
CA ASN G 324 -2.71 49.94 -21.20
C ASN G 324 -1.95 48.89 -22.02
N VAL G 325 -2.33 48.77 -23.31
CA VAL G 325 -1.71 47.88 -24.31
C VAL G 325 -1.17 48.72 -25.47
N SER G 326 0.10 48.59 -25.83
CA SER G 326 0.64 49.42 -26.92
C SER G 326 -0.14 49.21 -28.18
N LYS G 327 -0.55 50.29 -28.86
CA LYS G 327 -1.41 50.09 -30.02
C LYS G 327 -0.73 49.41 -31.17
N ALA G 328 0.50 49.81 -31.47
CA ALA G 328 1.15 49.21 -32.63
C ALA G 328 1.44 47.75 -32.40
N THR G 329 1.85 47.40 -31.18
CA THR G 329 2.21 46.04 -30.90
C THR G 329 0.97 45.18 -31.02
N TRP G 330 -0.14 45.66 -30.47
CA TRP G 330 -1.37 44.91 -30.57
C TRP G 330 -1.82 44.70 -32.01
N ASN G 331 -1.74 45.75 -32.88
CA ASN G 331 -2.16 45.65 -34.28
C ASN G 331 -1.30 44.64 -35.07
N GLU G 332 0.03 44.57 -34.79
CA GLU G 332 0.95 43.61 -35.41
C GLU G 332 0.61 42.20 -34.98
N THR G 333 0.25 42.06 -33.71
CA THR G 333 -0.11 40.78 -33.16
C THR G 333 -1.36 40.25 -33.84
N LEU G 334 -2.37 41.10 -34.01
CA LEU G 334 -3.54 40.59 -34.68
C LEU G 334 -3.23 40.28 -36.11
N GLY G 335 -2.41 41.08 -36.77
CA GLY G 335 -2.14 40.76 -38.16
C GLY G 335 -1.58 39.36 -38.27
N LYS G 336 -0.67 38.98 -37.37
CA LYS G 336 -0.12 37.63 -37.40
C LYS G 336 -1.17 36.56 -37.16
N VAL G 337 -2.10 36.83 -36.24
CA VAL G 337 -3.15 35.86 -35.92
C VAL G 337 -4.06 35.68 -37.13
N VAL G 338 -4.39 36.76 -37.80
CA VAL G 338 -5.25 36.72 -38.96
C VAL G 338 -4.59 35.92 -40.06
N LYS G 339 -3.31 36.15 -40.30
CA LYS G 339 -2.63 35.40 -41.34
C LYS G 339 -2.68 33.92 -41.06
N GLN G 340 -2.52 33.54 -39.80
CA GLN G 340 -2.61 32.13 -39.47
C GLN G 340 -4.04 31.61 -39.59
N LEU G 341 -5.04 32.41 -39.26
CA LEU G 341 -6.40 31.91 -39.42
C LEU G 341 -6.69 31.61 -40.87
N ARG G 342 -6.14 32.39 -41.78
CA ARG G 342 -6.40 32.20 -43.21
C ARG G 342 -5.86 30.88 -43.76
N LYS G 343 -5.04 30.13 -43.01
CA LYS G 343 -4.58 28.87 -43.56
C LYS G 343 -5.60 27.77 -43.23
N HIS G 344 -6.57 28.08 -42.35
CA HIS G 344 -7.59 27.12 -41.95
C HIS G 344 -8.90 27.48 -42.61
N PHE G 345 -9.03 28.75 -42.93
CA PHE G 345 -10.16 29.36 -43.59
C PHE G 345 -9.62 29.71 -44.96
N GLY G 346 -10.38 30.33 -45.84
CA GLY G 346 -9.80 30.59 -47.15
C GLY G 346 -8.90 31.81 -47.11
N ASN G 347 -8.16 32.07 -48.23
CA ASN G 347 -7.25 33.22 -48.38
C ASN G 347 -8.01 34.52 -48.66
N ASN G 348 -8.97 34.48 -49.62
CA ASN G 348 -9.75 35.65 -50.07
C ASN G 348 -10.97 35.75 -49.18
N THR G 349 -10.71 36.03 -47.92
CA THR G 349 -11.73 36.08 -46.90
C THR G 349 -11.64 37.33 -46.08
N ILE G 350 -12.59 37.45 -45.17
CA ILE G 350 -12.65 38.55 -44.23
C ILE G 350 -12.71 38.03 -42.82
N ILE G 351 -11.80 38.53 -41.99
CA ILE G 351 -11.76 38.17 -40.59
C ILE G 351 -12.07 39.35 -39.70
N ARG G 352 -13.12 39.18 -38.91
CA ARG G 352 -13.57 40.24 -38.05
C ARG G 352 -13.49 39.93 -36.58
N PHE G 353 -12.99 40.88 -35.83
CA PHE G 353 -12.93 40.73 -34.39
C PHE G 353 -13.99 41.58 -33.75
N ALA G 354 -14.62 41.00 -32.75
CA ALA G 354 -15.68 41.66 -32.02
C ALA G 354 -15.65 41.31 -30.55
N GLN G 355 -16.30 42.13 -29.75
CA GLN G 355 -16.42 41.97 -28.31
C GLN G 355 -17.32 40.82 -27.92
N SER G 356 -17.17 40.32 -26.71
CA SER G 356 -18.01 39.21 -26.27
C SER G 356 -19.47 39.52 -26.40
N SER G 357 -20.19 38.51 -26.87
CA SER G 357 -21.61 38.58 -27.12
C SER G 357 -22.48 38.69 -25.89
N GLY G 358 -21.96 38.36 -24.73
CA GLY G 358 -22.80 38.45 -23.54
C GLY G 358 -22.43 37.45 -22.46
N GLY G 359 -23.20 37.47 -21.38
CA GLY G 359 -22.95 36.64 -20.21
C GLY G 359 -22.62 37.55 -19.06
N ASP G 360 -22.25 36.99 -17.92
CA ASP G 360 -22.00 37.83 -16.76
C ASP G 360 -20.63 38.47 -16.80
N LEU G 361 -20.33 39.30 -15.80
CA LEU G 361 -19.07 40.02 -15.78
C LEU G 361 -17.88 39.09 -15.78
N GLU G 362 -18.01 37.95 -15.15
CA GLU G 362 -16.93 36.98 -15.05
C GLU G 362 -16.51 36.37 -16.38
N VAL G 363 -17.36 36.45 -17.41
CA VAL G 363 -17.02 35.88 -18.70
C VAL G 363 -16.98 36.90 -19.85
N THR G 364 -17.48 38.13 -19.64
CA THR G 364 -17.49 39.12 -20.73
C THR G 364 -16.32 40.06 -20.64
N THR G 365 -15.49 39.87 -19.65
CA THR G 365 -14.35 40.70 -19.40
C THR G 365 -13.10 39.90 -19.22
N HIS G 366 -12.00 40.61 -19.12
CA HIS G 366 -10.75 40.02 -18.86
C HIS G 366 -10.53 40.03 -17.39
N SER G 367 -10.66 38.88 -16.78
CA SER G 367 -10.52 38.76 -15.36
C SER G 367 -9.15 38.32 -14.99
N PHE G 368 -8.55 39.01 -14.02
CA PHE G 368 -7.23 38.64 -13.52
C PHE G 368 -6.94 39.20 -12.14
N ASN G 369 -5.98 38.57 -11.46
CA ASN G 369 -5.46 39.04 -10.19
C ASN G 369 -4.24 39.95 -10.39
N CYS G 370 -4.34 41.24 -10.00
CA CYS G 370 -3.31 42.26 -10.13
C CYS G 370 -2.88 42.76 -8.76
N GLY G 371 -1.82 42.19 -8.25
CA GLY G 371 -1.33 42.62 -6.95
C GLY G 371 -2.25 42.24 -5.81
N GLY G 372 -3.07 41.22 -5.98
CA GLY G 372 -4.02 40.83 -4.98
C GLY G 372 -5.44 41.35 -5.23
N GLU G 373 -5.62 42.31 -6.13
CA GLU G 373 -6.98 42.79 -6.39
C GLU G 373 -7.54 42.06 -7.58
N PHE G 374 -8.85 41.94 -7.65
CA PHE G 374 -9.46 41.28 -8.79
C PHE G 374 -10.12 42.25 -9.74
N PHE G 375 -9.53 42.31 -10.94
CA PHE G 375 -9.90 43.19 -12.03
C PHE G 375 -10.77 42.49 -13.04
N TYR G 376 -11.73 43.22 -13.57
CA TYR G 376 -12.64 42.80 -14.64
C TYR G 376 -12.63 43.85 -15.76
N CYS G 377 -11.69 43.75 -16.72
CA CYS G 377 -11.39 44.76 -17.73
C CYS G 377 -12.16 44.55 -19.03
N ASN G 378 -12.63 45.65 -19.58
CA ASN G 378 -13.37 45.64 -20.82
C ASN G 378 -12.41 45.69 -22.03
N THR G 379 -12.37 44.59 -22.81
CA THR G 379 -11.48 44.34 -23.94
C THR G 379 -12.07 44.69 -25.28
N SER G 380 -13.18 45.41 -25.28
CA SER G 380 -13.80 45.82 -26.53
C SER G 380 -12.87 46.74 -27.31
N GLY G 381 -11.90 47.33 -26.61
CA GLY G 381 -10.92 48.19 -27.24
C GLY G 381 -9.82 47.40 -27.95
N LEU G 382 -9.75 46.09 -27.71
CA LEU G 382 -8.76 45.24 -28.35
C LEU G 382 -9.34 44.47 -29.50
N PHE G 383 -10.61 44.13 -29.42
CA PHE G 383 -11.22 43.31 -30.46
C PHE G 383 -12.35 44.01 -31.20
N ASN G 384 -11.97 45.05 -31.98
CA ASN G 384 -12.86 45.91 -32.74
C ASN G 384 -12.20 46.28 -34.09
N SER G 385 -12.14 45.32 -35.05
CA SER G 385 -11.51 45.56 -36.38
C SER G 385 -11.92 44.54 -37.42
N THR G 386 -11.78 44.92 -38.69
CA THR G 386 -12.02 43.98 -39.77
C THR G 386 -10.82 43.93 -40.69
N TRP G 387 -10.32 42.72 -40.94
CA TRP G 387 -9.17 42.48 -41.79
C TRP G 387 -9.64 41.87 -43.11
N ILE G 388 -9.43 42.58 -44.20
CA ILE G 388 -9.94 42.13 -45.49
C ILE G 388 -8.84 41.74 -46.46
N SER G 389 -8.90 40.49 -47.01
CA SER G 389 -8.01 39.85 -48.00
C SER G 389 -6.73 40.64 -48.37
N ASN G 402 3.62 56.92 -30.37
CA ASN G 402 3.61 56.06 -29.18
C ASN G 402 2.20 56.04 -28.53
N ASP G 403 1.17 55.68 -29.34
CA ASP G 403 -0.24 55.60 -28.94
C ASP G 403 -0.54 54.30 -28.20
N SER G 404 -1.63 54.29 -27.45
CA SER G 404 -2.00 53.09 -26.71
C SER G 404 -3.49 52.90 -26.55
N ILE G 405 -3.86 51.66 -26.27
CA ILE G 405 -5.24 51.30 -26.06
C ILE G 405 -5.52 51.23 -24.59
N THR G 406 -6.49 51.98 -24.11
CA THR G 406 -6.81 51.93 -22.70
C THR G 406 -8.11 51.17 -22.51
N LEU G 407 -8.05 50.18 -21.65
CA LEU G 407 -9.15 49.32 -21.32
C LEU G 407 -9.69 49.71 -19.93
N PRO G 408 -10.94 50.16 -19.80
CA PRO G 408 -11.56 50.49 -18.53
C PRO G 408 -11.64 49.22 -17.73
N CYS G 409 -11.45 49.26 -16.38
CA CYS G 409 -11.54 48.09 -15.49
C CYS G 409 -12.42 48.30 -14.27
N ARG G 410 -13.16 47.27 -13.93
CA ARG G 410 -13.98 47.24 -12.73
C ARG G 410 -13.30 46.40 -11.65
N ILE G 411 -13.59 46.69 -10.40
CA ILE G 411 -13.00 45.94 -9.29
C ILE G 411 -14.06 45.29 -8.43
N LYS G 412 -13.83 44.03 -8.02
CA LYS G 412 -14.77 43.36 -7.11
C LYS G 412 -14.04 42.82 -5.91
N GLN G 413 -14.66 42.87 -4.73
CA GLN G 413 -14.04 42.26 -3.57
C GLN G 413 -14.63 40.89 -3.29
N ILE G 414 -15.88 40.65 -3.71
CA ILE G 414 -16.54 39.34 -3.40
C ILE G 414 -16.51 38.48 -4.66
N ILE G 415 -15.67 37.44 -4.71
CA ILE G 415 -15.55 36.65 -5.92
C ILE G 415 -15.79 35.18 -5.69
N ASN G 416 -16.08 34.43 -6.77
CA ASN G 416 -16.30 32.96 -6.64
C ASN G 416 -15.13 32.14 -7.21
N MET G 417 -14.24 32.76 -8.00
CA MET G 417 -13.08 32.09 -8.63
C MET G 417 -13.35 30.99 -9.61
N TRP G 418 -13.86 29.91 -9.10
CA TRP G 418 -14.08 28.73 -9.87
C TRP G 418 -15.52 28.75 -10.27
N GLN G 419 -15.90 28.02 -11.29
CA GLN G 419 -17.30 28.06 -11.66
C GLN G 419 -18.11 27.18 -10.74
N ARG G 420 -18.33 27.70 -9.55
CA ARG G 420 -19.00 27.04 -8.45
C ARG G 420 -20.04 27.96 -7.85
N ILE G 421 -20.98 27.37 -7.14
CA ILE G 421 -22.07 28.13 -6.53
C ILE G 421 -21.94 28.36 -5.02
N GLY G 422 -21.49 27.36 -4.29
CA GLY G 422 -21.54 27.36 -2.83
C GLY G 422 -20.34 27.95 -2.10
N GLN G 423 -19.43 28.57 -2.80
CA GLN G 423 -18.26 29.13 -2.16
C GLN G 423 -18.08 30.56 -2.60
N ALA G 424 -17.62 31.39 -1.67
CA ALA G 424 -17.37 32.80 -2.02
C ALA G 424 -16.23 33.30 -1.14
N MET G 425 -15.41 34.19 -1.67
CA MET G 425 -14.32 34.76 -0.91
C MET G 425 -14.32 36.27 -0.90
N TYR G 426 -13.96 36.84 0.24
CA TYR G 426 -13.79 38.28 0.32
C TYR G 426 -12.33 38.61 0.23
N ALA G 427 -11.96 39.37 -0.76
CA ALA G 427 -10.58 39.75 -0.91
C ALA G 427 -10.35 41.04 -0.14
N PRO G 428 -9.47 41.09 0.87
CA PRO G 428 -9.23 42.27 1.64
C PRO G 428 -8.73 43.31 0.67
N PRO G 429 -9.00 44.58 0.88
CA PRO G 429 -8.52 45.67 0.09
C PRO G 429 -7.06 45.86 0.35
N ILE G 430 -6.35 46.41 -0.61
CA ILE G 430 -4.95 46.68 -0.41
C ILE G 430 -4.58 48.15 -0.28
N GLN G 431 -3.87 48.41 0.81
CA GLN G 431 -3.35 49.71 1.19
C GLN G 431 -2.48 50.32 0.13
N GLY G 432 -2.73 51.58 -0.20
CA GLY G 432 -1.91 52.26 -1.20
C GLY G 432 -2.46 52.15 -2.61
N VAL G 433 -1.55 52.13 -3.57
CA VAL G 433 -1.86 52.17 -5.00
C VAL G 433 -1.26 50.96 -5.70
N ILE G 434 -2.02 50.33 -6.59
CA ILE G 434 -1.52 49.14 -7.29
C ILE G 434 -1.22 49.28 -8.74
N ARG G 435 -0.04 48.81 -9.09
CA ARG G 435 0.40 48.75 -10.47
C ARG G 435 1.04 47.36 -10.69
N CYS G 436 0.69 46.66 -11.80
CA CYS G 436 1.26 45.37 -12.18
C CYS G 436 1.51 45.36 -13.68
N VAL G 437 2.57 44.68 -14.08
CA VAL G 437 2.91 44.52 -15.48
C VAL G 437 3.02 43.06 -15.84
N SER G 438 2.35 42.67 -16.89
CA SER G 438 2.36 41.29 -17.32
C SER G 438 2.45 41.14 -18.84
N ASN G 439 2.76 39.92 -19.32
CA ASN G 439 2.87 39.58 -20.74
C ASN G 439 1.63 38.81 -21.20
N ILE G 440 1.02 39.24 -22.33
CA ILE G 440 -0.08 38.52 -22.98
C ILE G 440 0.63 37.55 -23.88
N THR G 441 0.41 36.28 -23.65
CA THR G 441 1.11 35.23 -24.37
C THR G 441 0.21 34.41 -25.25
N GLY G 442 -1.07 34.70 -25.20
CA GLY G 442 -2.04 33.96 -25.99
C GLY G 442 -3.45 34.42 -25.75
N LEU G 443 -4.30 34.08 -26.68
CA LEU G 443 -5.70 34.48 -26.68
C LEU G 443 -6.64 33.30 -26.66
N ILE G 444 -7.82 33.44 -26.07
CA ILE G 444 -8.81 32.39 -26.28
C ILE G 444 -9.96 32.97 -27.07
N LEU G 445 -10.18 32.43 -28.26
CA LEU G 445 -11.22 32.92 -29.16
C LEU G 445 -12.28 31.90 -29.47
N THR G 446 -13.47 32.38 -29.81
CA THR G 446 -14.52 31.50 -30.26
C THR G 446 -14.95 32.03 -31.60
N ARG G 447 -15.65 31.22 -32.39
CA ARG G 447 -16.11 31.69 -33.68
C ARG G 447 -17.64 31.63 -33.74
N ASP G 448 -18.28 32.64 -34.40
CA ASP G 448 -19.74 32.71 -34.60
C ASP G 448 -20.22 31.55 -35.47
N THR G 455 -19.94 35.23 -47.00
CA THR G 455 -18.69 34.95 -46.30
C THR G 455 -18.57 35.91 -45.10
N THR G 456 -17.35 36.00 -44.52
CA THR G 456 -16.86 36.79 -43.38
C THR G 456 -17.02 36.04 -42.08
N GLU G 457 -15.90 35.72 -41.46
CA GLU G 457 -15.92 34.99 -40.20
C GLU G 457 -15.74 35.98 -39.07
N THR G 458 -16.45 35.78 -37.98
CA THR G 458 -16.32 36.64 -36.82
C THR G 458 -15.87 35.87 -35.61
N PHE G 459 -14.86 36.43 -34.97
CA PHE G 459 -14.25 35.86 -33.79
C PHE G 459 -14.43 36.77 -32.60
N ARG G 460 -14.66 36.18 -31.46
CA ARG G 460 -14.86 36.93 -30.24
C ARG G 460 -14.04 36.30 -29.13
N PRO G 461 -13.64 37.05 -28.12
CA PRO G 461 -13.00 36.51 -26.94
C PRO G 461 -13.88 35.54 -26.20
N GLY G 462 -13.27 34.48 -25.68
CA GLY G 462 -13.92 33.44 -24.88
C GLY G 462 -13.08 33.15 -23.64
N GLY G 463 -12.85 31.87 -23.34
CA GLY G 463 -12.01 31.50 -22.19
C GLY G 463 -12.67 31.30 -20.84
N GLY G 464 -13.98 31.15 -20.76
CA GLY G 464 -14.63 30.95 -19.47
C GLY G 464 -14.18 29.69 -18.69
N ASP G 465 -13.85 28.61 -19.41
CA ASP G 465 -13.43 27.34 -18.82
C ASP G 465 -11.94 27.26 -18.53
N MET G 466 -11.58 27.19 -17.27
CA MET G 466 -10.19 27.21 -16.81
C MET G 466 -9.29 26.12 -17.32
N ARG G 467 -9.85 25.02 -17.77
CA ARG G 467 -9.00 23.97 -18.25
C ARG G 467 -8.30 24.39 -19.52
N ASP G 468 -8.80 25.42 -20.20
CA ASP G 468 -8.17 25.89 -21.40
C ASP G 468 -6.86 26.56 -21.06
N ASN G 469 -6.75 27.14 -19.87
CA ASN G 469 -5.51 27.80 -19.58
C ASN G 469 -4.47 26.75 -19.34
N TRP G 470 -4.85 25.67 -18.70
CA TRP G 470 -3.87 24.65 -18.43
C TRP G 470 -3.49 23.86 -19.67
N ARG G 471 -4.41 23.71 -20.61
CA ARG G 471 -4.06 23.01 -21.83
C ARG G 471 -2.98 23.76 -22.59
N SER G 472 -2.98 25.08 -22.51
CA SER G 472 -2.01 25.86 -23.26
C SER G 472 -0.56 25.61 -22.81
N GLU G 473 -0.36 25.02 -21.62
CA GLU G 473 0.99 24.72 -21.17
C GLU G 473 1.28 23.22 -21.21
N LEU G 474 0.27 22.40 -20.94
CA LEU G 474 0.45 20.96 -20.88
C LEU G 474 0.31 20.23 -22.20
N TYR G 475 -0.02 20.92 -23.26
CA TYR G 475 -0.20 20.29 -24.57
C TYR G 475 0.99 19.51 -25.07
N LYS G 476 2.19 19.82 -24.59
CA LYS G 476 3.35 19.12 -25.08
C LYS G 476 3.71 17.89 -24.26
N TYR G 477 2.95 17.58 -23.22
CA TYR G 477 3.30 16.41 -22.41
C TYR G 477 2.31 15.28 -22.49
N LYS G 478 2.84 14.06 -22.47
CA LYS G 478 2.03 12.86 -22.46
C LYS G 478 2.50 11.87 -21.40
N VAL G 479 1.59 11.17 -20.75
CA VAL G 479 1.99 10.16 -19.77
C VAL G 479 1.81 8.75 -20.29
N VAL G 480 2.87 7.96 -20.18
CA VAL G 480 2.77 6.59 -20.63
C VAL G 480 3.21 5.63 -19.55
N LYS G 481 2.72 4.41 -19.65
CA LYS G 481 3.09 3.35 -18.73
C LYS G 481 4.11 2.46 -19.37
N ILE G 482 5.11 2.09 -18.61
CA ILE G 482 6.16 1.25 -19.14
C ILE G 482 5.76 -0.21 -19.02
N GLU G 483 5.91 -0.93 -20.11
CA GLU G 483 5.55 -2.35 -20.15
C GLU G 483 6.78 -3.18 -20.51
N PRO G 484 7.63 -3.52 -19.54
CA PRO G 484 8.95 -4.07 -19.71
C PRO G 484 8.99 -5.52 -20.14
N LEU G 485 7.88 -6.24 -20.13
CA LEU G 485 7.92 -7.65 -20.45
C LEU G 485 7.45 -7.91 -21.87
N GLY G 486 8.16 -8.77 -22.58
CA GLY G 486 7.70 -9.13 -23.92
C GLY G 486 8.43 -10.32 -24.48
N VAL G 487 8.00 -10.79 -25.64
CA VAL G 487 8.61 -11.97 -26.24
C VAL G 487 8.97 -11.73 -27.68
N ALA G 488 9.89 -12.53 -28.20
CA ALA G 488 10.29 -12.50 -29.61
C ALA G 488 10.95 -13.82 -29.95
N PRO G 489 10.93 -14.31 -31.19
CA PRO G 489 11.61 -15.51 -31.61
C PRO G 489 13.11 -15.37 -31.70
N THR G 490 13.83 -16.43 -31.33
CA THR G 490 15.28 -16.55 -31.50
C THR G 490 15.59 -17.99 -31.84
N ARG G 491 16.86 -18.30 -32.07
CA ARG G 491 17.28 -19.70 -32.28
C ARG G 491 17.66 -20.48 -30.98
N CYS G 492 17.49 -19.87 -29.80
CA CYS G 492 17.84 -20.34 -28.47
C CYS G 492 16.76 -21.19 -27.82
N LYS G 493 17.10 -22.39 -27.39
CA LYS G 493 16.11 -23.24 -26.71
C LYS G 493 16.77 -23.89 -25.49
N ARG G 494 15.98 -24.21 -24.44
CA ARG G 494 16.51 -24.87 -23.22
C ARG G 494 17.11 -26.25 -23.52
N LEU H 9 21.64 6.46 -24.17
CA LEU H 9 22.19 5.54 -23.17
C LEU H 9 21.42 5.51 -21.82
N GLY H 10 20.44 6.43 -21.62
CA GLY H 10 19.62 6.52 -20.43
C GLY H 10 18.33 5.75 -20.60
N PHE H 11 17.41 5.95 -19.68
CA PHE H 11 16.15 5.26 -19.70
C PHE H 11 15.38 5.51 -20.96
N LEU H 12 15.01 4.42 -21.64
CA LEU H 12 14.30 4.40 -22.91
C LEU H 12 15.09 5.02 -24.04
N GLY H 13 16.39 5.23 -23.86
CA GLY H 13 17.21 5.80 -24.91
C GLY H 13 17.21 4.94 -26.16
N ALA H 14 17.07 3.64 -25.96
CA ALA H 14 17.09 2.67 -27.02
C ALA H 14 15.72 2.46 -27.64
N ALA H 15 14.71 3.18 -27.21
CA ALA H 15 13.37 2.95 -27.73
C ALA H 15 13.33 3.12 -29.24
N GLY H 16 14.12 4.00 -29.82
CA GLY H 16 14.09 4.17 -31.26
C GLY H 16 15.08 3.27 -32.01
N SER H 17 15.82 2.44 -31.30
CA SER H 17 16.84 1.59 -31.91
C SER H 17 16.18 0.28 -32.25
N THR H 18 16.85 -0.56 -33.01
CA THR H 18 16.26 -1.83 -33.35
C THR H 18 16.33 -2.80 -32.20
N MET H 19 15.57 -3.87 -32.29
CA MET H 19 15.48 -4.84 -31.22
C MET H 19 16.81 -5.45 -30.85
N GLY H 20 17.66 -5.69 -31.83
CA GLY H 20 18.95 -6.28 -31.58
C GLY H 20 19.90 -5.35 -30.84
N ALA H 21 19.58 -4.07 -30.75
CA ALA H 21 20.42 -3.11 -30.06
C ALA H 21 19.83 -2.86 -28.69
N ALA H 22 18.51 -2.71 -28.66
CA ALA H 22 17.74 -2.39 -27.47
C ALA H 22 17.81 -3.49 -26.45
N SER H 23 18.03 -4.71 -26.89
CA SER H 23 18.15 -5.83 -26.00
C SER H 23 19.36 -5.71 -25.08
N MET H 24 20.27 -4.81 -25.37
CA MET H 24 21.44 -4.63 -24.52
C MET H 24 21.27 -3.61 -23.39
N THR H 25 20.09 -2.98 -23.25
CA THR H 25 19.87 -1.96 -22.21
C THR H 25 18.80 -2.42 -21.24
N LEU H 26 18.59 -3.71 -21.13
CA LEU H 26 17.54 -4.22 -20.30
C LEU H 26 17.68 -3.83 -18.83
N THR H 27 18.91 -3.64 -18.33
CA THR H 27 19.07 -3.26 -16.94
C THR H 27 18.77 -1.80 -16.71
N VAL H 28 18.75 -1.03 -17.79
CA VAL H 28 18.50 0.39 -17.66
C VAL H 28 17.04 0.56 -17.39
N GLN H 29 16.22 -0.18 -18.12
CA GLN H 29 14.81 -0.05 -17.87
C GLN H 29 14.39 -0.80 -16.62
N ALA H 30 14.98 -1.95 -16.32
CA ALA H 30 14.54 -2.68 -15.14
C ALA H 30 14.73 -1.85 -13.87
N ARG H 31 15.80 -1.09 -13.77
CA ARG H 31 16.04 -0.34 -12.55
C ARG H 31 15.21 0.90 -12.40
N ASN H 32 14.43 1.25 -13.41
CA ASN H 32 13.60 2.44 -13.32
C ASN H 32 12.14 2.08 -13.09
N LEU H 33 11.90 0.83 -12.72
CA LEU H 33 10.55 0.40 -12.41
C LEU H 33 10.26 0.63 -10.94
N LEU H 34 11.28 0.66 -10.11
CA LEU H 34 11.11 0.85 -8.68
C LEU H 34 11.73 2.18 -8.28
N SER H 35 10.94 3.09 -7.64
CA SER H 35 11.32 4.45 -7.20
C SER H 35 12.26 5.16 -8.20
N HIS H 59 -8.15 13.15 1.86
CA HIS H 59 -6.92 13.55 2.50
C HIS H 59 -5.75 13.62 1.49
N TRP H 60 -4.98 14.74 1.56
CA TRP H 60 -3.83 15.02 0.71
C TRP H 60 -2.73 13.99 0.99
N GLY H 61 -2.17 13.41 -0.06
CA GLY H 61 -1.14 12.39 0.10
C GLY H 61 -1.66 10.95 -0.05
N ILE H 62 -2.98 10.75 -0.01
CA ILE H 62 -3.49 9.38 -0.14
C ILE H 62 -3.45 8.91 -1.56
N LYS H 63 -3.78 9.77 -2.51
CA LYS H 63 -3.75 9.31 -3.89
C LYS H 63 -2.32 8.99 -4.31
N GLN H 64 -1.33 9.61 -3.68
CA GLN H 64 0.03 9.29 -4.00
C GLN H 64 0.36 7.92 -3.40
N LEU H 65 -0.16 7.60 -2.21
CA LEU H 65 0.08 6.25 -1.74
C LEU H 65 -0.61 5.26 -2.64
N GLN H 66 -1.80 5.57 -3.14
CA GLN H 66 -2.43 4.59 -3.99
C GLN H 66 -1.57 4.31 -5.20
N ALA H 67 -0.96 5.34 -5.77
CA ALA H 67 -0.09 5.13 -6.90
C ALA H 67 1.11 4.26 -6.55
N ARG H 68 1.68 4.45 -5.35
CA ARG H 68 2.85 3.69 -4.96
C ARG H 68 2.53 2.24 -4.65
N VAL H 69 1.40 2.00 -4.00
CA VAL H 69 1.01 0.65 -3.69
C VAL H 69 0.75 -0.07 -4.98
N LEU H 70 0.06 0.60 -5.90
CA LEU H 70 -0.25 0.01 -7.17
C LEU H 70 1.01 -0.27 -7.97
N ALA H 71 1.99 0.63 -7.96
CA ALA H 71 3.22 0.37 -8.69
C ALA H 71 3.90 -0.88 -8.17
N VAL H 72 3.87 -1.09 -6.86
CA VAL H 72 4.44 -2.29 -6.30
C VAL H 72 3.69 -3.51 -6.73
N GLU H 73 2.36 -3.46 -6.68
CA GLU H 73 1.63 -4.64 -7.08
C GLU H 73 1.88 -4.97 -8.54
N HIS H 74 1.99 -3.95 -9.40
CA HIS H 74 2.25 -4.20 -10.79
C HIS H 74 3.57 -4.94 -10.94
N TYR H 75 4.60 -4.42 -10.29
CA TYR H 75 5.91 -5.01 -10.35
C TYR H 75 5.86 -6.46 -9.94
N LEU H 76 5.20 -6.74 -8.82
CA LEU H 76 5.15 -8.09 -8.34
C LEU H 76 4.42 -9.01 -9.27
N ARG H 77 3.39 -8.54 -9.96
CA ARG H 77 2.73 -9.44 -10.87
C ARG H 77 3.65 -9.85 -11.99
N ASP H 78 4.47 -8.94 -12.51
CA ASP H 78 5.38 -9.36 -13.56
C ASP H 78 6.40 -10.32 -13.04
N GLN H 79 6.87 -10.12 -11.81
CA GLN H 79 7.85 -11.04 -11.31
C GLN H 79 7.23 -12.41 -11.09
N GLN H 80 5.97 -12.44 -10.65
CA GLN H 80 5.31 -13.71 -10.43
C GLN H 80 5.18 -14.45 -11.71
N LEU H 81 4.87 -13.73 -12.77
CA LEU H 81 4.67 -14.36 -14.04
C LEU H 81 5.98 -14.96 -14.55
N LEU H 82 7.09 -14.25 -14.39
CA LEU H 82 8.34 -14.83 -14.80
C LEU H 82 8.63 -16.07 -13.98
N GLY H 83 8.28 -16.05 -12.70
CA GLY H 83 8.49 -17.23 -11.88
C GLY H 83 7.68 -18.41 -12.39
N ILE H 84 6.44 -18.18 -12.75
CA ILE H 84 5.58 -19.25 -13.24
C ILE H 84 6.14 -19.88 -14.47
N TRP H 85 6.69 -19.07 -15.36
CA TRP H 85 7.27 -19.57 -16.61
C TRP H 85 8.66 -20.17 -16.44
N GLY H 86 9.23 -20.11 -15.24
CA GLY H 86 10.59 -20.60 -14.99
C GLY H 86 11.74 -19.66 -15.41
N CYS H 87 11.49 -18.33 -15.48
CA CYS H 87 12.43 -17.29 -15.90
C CYS H 87 12.79 -16.39 -14.73
N SER H 88 12.59 -16.85 -13.51
CA SER H 88 12.88 -16.02 -12.37
C SER H 88 14.35 -15.70 -12.27
N GLY H 89 14.66 -14.46 -11.95
CA GLY H 89 16.03 -14.07 -11.72
C GLY H 89 16.86 -13.70 -12.94
N LYS H 90 16.27 -13.69 -14.13
CA LYS H 90 17.07 -13.37 -15.31
C LYS H 90 16.36 -12.41 -16.25
N LEU H 91 17.12 -11.66 -17.06
CA LEU H 91 16.48 -10.72 -17.95
C LEU H 91 16.23 -11.31 -19.33
N ILE H 92 17.04 -12.29 -19.71
CA ILE H 92 16.87 -12.99 -20.97
C ILE H 92 16.65 -14.45 -20.63
N CYS H 93 15.53 -15.06 -21.08
CA CYS H 93 15.16 -16.43 -20.77
C CYS H 93 14.71 -17.21 -22.01
N CYS H 94 15.33 -18.35 -22.22
CA CYS H 94 14.96 -19.18 -23.35
C CYS H 94 14.01 -20.21 -22.83
N THR H 95 13.07 -20.62 -23.67
CA THR H 95 12.06 -21.56 -23.27
C THR H 95 11.98 -22.73 -24.22
N ASN H 96 11.02 -23.63 -23.98
CA ASN H 96 10.77 -24.78 -24.83
C ASN H 96 9.50 -24.63 -25.67
N VAL H 97 8.99 -23.43 -25.80
CA VAL H 97 7.81 -23.26 -26.63
C VAL H 97 8.26 -22.83 -28.01
N PRO H 98 7.92 -23.54 -29.08
CA PRO H 98 8.31 -23.25 -30.43
C PRO H 98 7.56 -22.03 -30.89
N TRP H 99 8.15 -21.30 -31.82
CA TRP H 99 7.47 -20.16 -32.39
C TRP H 99 6.56 -20.60 -33.53
N ASN H 100 5.30 -20.14 -33.52
CA ASN H 100 4.30 -20.39 -34.54
C ASN H 100 4.34 -19.28 -35.59
N SER H 101 4.50 -19.67 -36.87
CA SER H 101 4.58 -18.76 -38.02
C SER H 101 3.27 -18.01 -38.23
N SER H 102 2.20 -18.51 -37.63
CA SER H 102 0.92 -17.85 -37.72
C SER H 102 0.90 -16.61 -36.84
N TRP H 103 1.79 -16.51 -35.84
CA TRP H 103 1.83 -15.35 -34.98
C TRP H 103 2.56 -14.26 -35.74
N SER H 104 3.66 -14.67 -36.35
CA SER H 104 4.46 -13.79 -37.19
C SER H 104 5.31 -14.63 -38.08
N ASN H 105 5.32 -14.32 -39.36
CA ASN H 105 6.09 -15.07 -40.32
C ASN H 105 7.31 -14.31 -40.82
N ARG H 106 7.76 -13.32 -40.06
CA ARG H 106 8.95 -12.60 -40.44
C ARG H 106 10.15 -13.45 -40.02
N ASN H 107 11.31 -13.33 -40.71
CA ASN H 107 12.54 -14.04 -40.38
C ASN H 107 13.36 -13.24 -39.35
N LEU H 108 14.38 -13.87 -38.72
CA LEU H 108 15.18 -13.21 -37.65
C LEU H 108 15.96 -12.02 -38.10
N SER H 109 16.49 -12.03 -39.31
CA SER H 109 17.26 -10.88 -39.74
C SER H 109 16.38 -9.69 -40.01
N GLU H 110 15.08 -9.92 -40.15
CA GLU H 110 14.16 -8.84 -40.35
C GLU H 110 13.76 -8.28 -39.00
N ILE H 111 13.39 -9.17 -38.09
CA ILE H 111 12.89 -8.75 -36.80
C ILE H 111 13.94 -8.12 -35.93
N TRP H 112 15.09 -8.75 -35.81
CA TRP H 112 16.08 -8.21 -34.91
C TRP H 112 16.86 -7.04 -35.47
N ASP H 113 17.03 -6.99 -36.78
CA ASP H 113 17.82 -5.90 -37.33
C ASP H 113 17.07 -4.71 -37.96
N ASN H 114 15.84 -4.87 -38.51
CA ASN H 114 15.10 -3.79 -39.20
C ASN H 114 13.77 -3.40 -38.51
N MET H 115 13.59 -3.73 -37.20
CA MET H 115 12.37 -3.42 -36.43
C MET H 115 12.71 -3.05 -35.01
N THR H 116 11.91 -2.16 -34.41
CA THR H 116 12.07 -1.73 -33.02
C THR H 116 11.12 -2.50 -32.12
N TRP H 117 11.31 -2.41 -30.82
CA TRP H 117 10.41 -3.12 -29.94
C TRP H 117 9.01 -2.55 -29.93
N LEU H 118 8.87 -1.26 -30.16
CA LEU H 118 7.53 -0.70 -30.17
C LEU H 118 6.76 -1.28 -31.34
N GLN H 119 7.41 -1.43 -32.49
CA GLN H 119 6.74 -1.95 -33.65
C GLN H 119 6.37 -3.39 -33.48
N TRP H 120 7.27 -4.16 -32.91
CA TRP H 120 7.06 -5.57 -32.67
C TRP H 120 5.91 -5.77 -31.72
N ASP H 121 5.87 -4.98 -30.66
CA ASP H 121 4.80 -5.15 -29.71
C ASP H 121 3.45 -4.98 -30.39
N LYS H 122 3.34 -4.02 -31.31
CA LYS H 122 2.05 -3.92 -31.98
C LYS H 122 1.79 -5.12 -32.88
N GLU H 123 2.80 -5.57 -33.61
CA GLU H 123 2.60 -6.67 -34.55
C GLU H 123 2.04 -7.93 -33.93
N ILE H 124 2.48 -8.28 -32.74
CA ILE H 124 1.98 -9.51 -32.15
C ILE H 124 1.11 -9.28 -30.94
N SER H 125 0.48 -8.13 -30.81
CA SER H 125 -0.34 -7.88 -29.63
C SER H 125 -1.55 -8.83 -29.45
N ASN H 126 -2.05 -9.45 -30.54
CA ASN H 126 -3.19 -10.37 -30.54
C ASN H 126 -2.82 -11.80 -30.07
N TYR H 127 -1.52 -12.14 -29.90
CA TYR H 127 -1.09 -13.49 -29.57
C TYR H 127 -0.46 -13.55 -28.21
N THR H 128 -0.43 -12.43 -27.52
CA THR H 128 0.23 -12.38 -26.24
C THR H 128 -0.36 -13.36 -25.26
N GLN H 129 -1.68 -13.47 -25.22
CA GLN H 129 -2.27 -14.34 -24.25
C GLN H 129 -2.07 -15.81 -24.61
N ILE H 130 -1.98 -16.10 -25.89
CA ILE H 130 -1.78 -17.45 -26.32
C ILE H 130 -0.39 -17.88 -25.93
N ILE H 131 0.57 -17.00 -26.18
CA ILE H 131 1.94 -17.30 -25.89
C ILE H 131 2.12 -17.47 -24.40
N TYR H 132 1.52 -16.60 -23.60
CA TYR H 132 1.69 -16.75 -22.18
C TYR H 132 1.10 -18.06 -21.71
N GLY H 133 -0.04 -18.46 -22.25
CA GLY H 133 -0.62 -19.72 -21.84
C GLY H 133 0.31 -20.88 -22.15
N LEU H 134 0.93 -20.85 -23.31
CA LEU H 134 1.83 -21.92 -23.66
C LEU H 134 3.06 -21.96 -22.78
N LEU H 135 3.58 -20.80 -22.40
CA LEU H 135 4.76 -20.79 -21.57
C LEU H 135 4.45 -21.39 -20.21
N GLU H 136 3.27 -21.09 -19.67
CA GLU H 136 2.88 -21.66 -18.38
C GLU H 136 2.74 -23.17 -18.46
N GLU H 137 2.13 -23.66 -19.52
CA GLU H 137 1.96 -25.09 -19.63
C GLU H 137 3.29 -25.80 -19.76
N SER H 138 4.20 -25.20 -20.51
CA SER H 138 5.49 -25.80 -20.68
C SER H 138 6.18 -25.94 -19.35
N GLN H 139 6.15 -24.91 -18.52
CA GLN H 139 6.83 -25.03 -17.25
C GLN H 139 6.16 -26.06 -16.37
N ASN H 140 4.84 -26.17 -16.41
CA ASN H 140 4.25 -27.16 -15.53
C ASN H 140 4.74 -28.55 -15.88
N GLN H 141 4.91 -28.82 -17.17
CA GLN H 141 5.42 -30.12 -17.55
C GLN H 141 6.88 -30.27 -17.18
N GLN H 142 7.64 -29.21 -17.29
CA GLN H 142 9.05 -29.28 -16.95
C GLN H 142 9.25 -29.56 -15.49
N GLU H 143 8.46 -28.95 -14.61
CA GLU H 143 8.66 -29.21 -13.19
C GLU H 143 8.30 -30.63 -12.84
N LYS H 144 7.25 -31.15 -13.45
CA LYS H 144 6.88 -32.50 -13.11
C LYS H 144 7.94 -33.48 -13.59
N ASN H 145 8.52 -33.25 -14.76
CA ASN H 145 9.54 -34.18 -15.22
C ASN H 145 10.76 -34.14 -14.34
N GLU H 146 11.14 -32.96 -13.86
CA GLU H 146 12.30 -32.91 -12.99
C GLU H 146 12.03 -33.62 -11.70
N GLN H 147 10.82 -33.48 -11.17
CA GLN H 147 10.52 -34.16 -9.94
C GLN H 147 10.65 -35.64 -10.11
N ASP H 148 10.19 -36.21 -11.22
CA ASP H 148 10.34 -37.66 -11.35
C ASP H 148 11.78 -38.09 -11.48
N LEU H 149 12.60 -37.29 -12.16
CA LEU H 149 14.01 -37.66 -12.33
C LEU H 149 14.75 -37.66 -11.02
N LEU H 150 14.32 -36.87 -10.07
CA LEU H 150 14.97 -36.86 -8.75
C LEU H 150 14.55 -38.00 -7.80
N GLU H 151 13.62 -38.89 -8.23
CA GLU H 151 13.11 -40.02 -7.47
C GLU H 151 14.20 -41.07 -7.26
N GLU I 1 34.44 -6.37 -51.67
CA GLU I 1 35.21 -7.61 -51.63
C GLU I 1 35.76 -7.83 -50.22
N VAL I 2 35.57 -9.05 -49.70
CA VAL I 2 36.07 -9.51 -48.40
C VAL I 2 37.45 -10.07 -48.52
N GLN I 3 38.34 -9.57 -47.68
CA GLN I 3 39.69 -10.04 -47.70
C GLN I 3 40.15 -10.42 -46.31
N LEU I 4 40.77 -11.58 -46.23
CA LEU I 4 41.33 -12.06 -45.00
C LEU I 4 42.79 -12.31 -45.26
N VAL I 5 43.66 -11.63 -44.54
CA VAL I 5 45.07 -11.77 -44.83
C VAL I 5 45.88 -12.30 -43.69
N GLU I 6 46.41 -13.51 -43.85
CA GLU I 6 47.24 -14.06 -42.81
C GLU I 6 48.61 -13.46 -42.88
N THR I 7 49.14 -13.13 -41.72
CA THR I 7 50.51 -12.64 -41.58
C THR I 7 51.10 -13.47 -40.47
N GLY I 8 51.41 -14.72 -40.80
CA GLY I 8 51.81 -15.69 -39.81
C GLY I 8 53.30 -15.80 -39.63
N GLY I 9 53.71 -16.86 -38.96
CA GLY I 9 55.11 -17.11 -38.66
C GLY I 9 55.72 -18.01 -39.72
N GLY I 10 56.86 -18.63 -39.40
CA GLY I 10 57.58 -19.47 -40.35
C GLY I 10 57.95 -20.82 -39.77
N LEU I 11 59.25 -21.11 -39.80
CA LEU I 11 59.81 -22.37 -39.32
C LEU I 11 60.31 -22.25 -37.90
N VAL I 12 59.79 -23.11 -37.06
CA VAL I 12 60.09 -23.19 -35.64
C VAL I 12 60.45 -24.58 -35.15
N GLN I 13 61.04 -24.63 -33.96
CA GLN I 13 61.42 -25.89 -33.38
C GLN I 13 60.33 -26.45 -32.49
N PRO I 14 60.21 -27.78 -32.36
CA PRO I 14 59.25 -28.44 -31.52
C PRO I 14 59.37 -28.01 -30.09
N GLY I 15 58.24 -27.86 -29.46
CA GLY I 15 58.20 -27.49 -28.06
C GLY I 15 58.16 -25.99 -27.80
N GLY I 16 58.30 -25.18 -28.84
CA GLY I 16 58.30 -23.74 -28.67
C GLY I 16 56.92 -23.14 -28.88
N SER I 17 56.86 -21.96 -29.47
CA SER I 17 55.58 -21.31 -29.68
C SER I 17 55.61 -20.47 -30.94
N LEU I 18 54.43 -20.27 -31.52
CA LEU I 18 54.28 -19.44 -32.70
C LEU I 18 52.94 -18.74 -32.69
N LYS I 19 52.92 -17.45 -33.00
CA LYS I 19 51.65 -16.75 -33.06
C LYS I 19 51.30 -16.28 -34.46
N LEU I 20 50.07 -16.56 -34.85
CA LEU I 20 49.52 -16.15 -36.14
C LEU I 20 48.55 -15.03 -35.94
N SER I 21 48.41 -14.20 -36.95
CA SER I 21 47.36 -13.20 -36.91
C SER I 21 46.81 -13.06 -38.33
N CYS I 22 45.56 -12.57 -38.43
CA CYS I 22 44.81 -12.36 -39.66
C CYS I 22 44.08 -11.02 -39.62
N ARG I 23 44.37 -10.21 -40.62
CA ARG I 23 43.75 -8.91 -40.75
C ARG I 23 42.56 -9.00 -41.65
N ALA I 24 41.44 -8.48 -41.21
CA ALA I 24 40.26 -8.56 -42.03
C ALA I 24 39.76 -7.22 -42.50
N SER I 25 39.20 -7.20 -43.69
CA SER I 25 38.54 -6.01 -44.24
C SER I 25 37.43 -6.35 -45.22
N GLY I 26 36.58 -5.36 -45.50
CA GLY I 26 35.50 -5.50 -46.49
C GLY I 26 34.14 -5.89 -45.91
N TYR I 27 34.06 -6.13 -44.62
CA TYR I 27 32.83 -6.53 -43.98
C TYR I 27 32.87 -6.12 -42.54
N THR I 28 31.72 -6.13 -41.88
CA THR I 28 31.76 -5.80 -40.48
C THR I 28 32.35 -6.99 -39.77
N PHE I 29 33.52 -6.78 -39.20
CA PHE I 29 34.27 -7.84 -38.56
C PHE I 29 33.49 -8.40 -37.41
N SER I 30 32.95 -7.50 -36.64
CA SER I 30 32.21 -7.78 -35.43
C SER I 30 30.88 -8.52 -35.66
N SER I 31 30.43 -8.67 -36.90
CA SER I 31 29.17 -9.36 -37.13
C SER I 31 29.36 -10.87 -37.31
N PHE I 32 30.61 -11.32 -37.45
CA PHE I 32 30.84 -12.73 -37.73
C PHE I 32 31.73 -13.46 -36.78
N ALA I 33 31.40 -14.73 -36.57
CA ALA I 33 32.27 -15.63 -35.84
C ALA I 33 33.39 -16.02 -36.79
N MET I 34 34.54 -16.40 -36.24
CA MET I 34 35.67 -16.79 -37.09
C MET I 34 36.33 -18.05 -36.60
N SER I 35 37.07 -18.70 -37.48
CA SER I 35 37.74 -19.93 -37.14
C SER I 35 39.04 -20.15 -37.87
N TRP I 36 39.80 -21.13 -37.38
CA TRP I 36 40.99 -21.55 -38.08
C TRP I 36 40.80 -22.97 -38.56
N VAL I 37 41.20 -23.19 -39.79
CA VAL I 37 41.14 -24.50 -40.45
C VAL I 37 42.55 -24.86 -40.89
N ARG I 38 42.96 -26.05 -40.58
CA ARG I 38 44.30 -26.47 -40.89
C ARG I 38 44.39 -27.49 -42.03
N GLN I 39 45.42 -27.37 -42.85
CA GLN I 39 45.66 -28.38 -43.88
C GLN I 39 47.09 -28.88 -43.92
N ALA I 40 47.30 -30.12 -43.50
CA ALA I 40 48.64 -30.67 -43.49
C ALA I 40 49.06 -30.73 -44.94
N PRO I 41 50.35 -30.68 -45.29
CA PRO I 41 50.84 -30.70 -46.66
C PRO I 41 50.25 -31.79 -47.56
N GLY I 42 49.98 -32.97 -47.03
CA GLY I 42 49.43 -34.06 -47.84
C GLY I 42 47.98 -34.41 -47.51
N LYS I 43 47.30 -33.59 -46.75
CA LYS I 43 45.96 -33.94 -46.29
C LYS I 43 44.83 -33.00 -46.70
N GLY I 44 43.64 -33.32 -46.21
CA GLY I 44 42.46 -32.52 -46.45
C GLY I 44 42.35 -31.48 -45.35
N LEU I 45 41.17 -30.95 -45.16
CA LEU I 45 41.00 -29.88 -44.20
C LEU I 45 40.61 -30.41 -42.83
N GLU I 46 41.07 -29.74 -41.78
CA GLU I 46 40.70 -30.07 -40.41
C GLU I 46 40.29 -28.83 -39.63
N TRP I 47 39.19 -28.90 -38.92
CA TRP I 47 38.83 -27.75 -38.11
C TRP I 47 39.68 -27.71 -36.86
N VAL I 48 40.20 -26.54 -36.49
CA VAL I 48 41.02 -26.44 -35.29
C VAL I 48 40.37 -25.66 -34.18
N SER I 49 39.91 -24.45 -34.47
CA SER I 49 39.33 -23.63 -33.42
C SER I 49 38.30 -22.65 -33.92
N LEU I 50 37.40 -22.27 -33.02
CA LEU I 50 36.30 -21.33 -33.29
C LEU I 50 36.12 -20.28 -32.22
N ILE I 51 35.96 -19.04 -32.63
CA ILE I 51 35.71 -17.97 -31.71
C ILE I 51 34.47 -17.17 -32.08
N ASN I 52 33.72 -16.77 -31.08
CA ASN I 52 32.52 -16.00 -31.26
C ASN I 52 32.84 -14.58 -31.68
N ASP I 53 31.87 -13.92 -32.27
CA ASP I 53 32.01 -12.56 -32.78
C ASP I 53 32.41 -11.52 -31.73
N ARG I 54 31.98 -11.74 -30.50
CA ARG I 54 32.26 -10.86 -29.38
C ARG I 54 33.52 -11.25 -28.61
N GLY I 55 34.12 -12.36 -28.96
CA GLY I 55 35.35 -12.85 -28.35
C GLY I 55 35.22 -13.61 -27.03
N GLY I 56 34.02 -13.74 -26.49
CA GLY I 56 33.84 -14.41 -25.20
C GLY I 56 33.84 -15.95 -25.20
N LEU I 57 33.49 -16.56 -26.31
CA LEU I 57 33.39 -18.00 -26.34
C LEU I 57 34.33 -18.60 -27.33
N THR I 58 35.07 -19.60 -26.89
CA THR I 58 36.00 -20.28 -27.75
C THR I 58 35.82 -21.78 -27.69
N PHE I 59 36.08 -22.43 -28.80
CA PHE I 59 35.99 -23.87 -28.87
C PHE I 59 37.22 -24.43 -29.58
N TYR I 60 37.66 -25.60 -29.16
CA TYR I 60 38.82 -26.21 -29.79
C TYR I 60 38.62 -27.67 -30.08
N VAL I 61 39.33 -28.17 -31.08
CA VAL I 61 39.39 -29.59 -31.34
C VAL I 61 40.24 -30.18 -30.24
N ASP I 62 39.91 -31.37 -29.75
CA ASP I 62 40.66 -31.98 -28.66
C ASP I 62 42.16 -32.03 -28.84
N SER I 63 42.65 -32.25 -30.04
CA SER I 63 44.08 -32.39 -30.25
C SER I 63 44.92 -31.14 -29.93
N VAL I 64 44.29 -29.98 -29.82
CA VAL I 64 45.01 -28.75 -29.51
C VAL I 64 44.42 -28.09 -28.28
N LYS I 65 43.50 -28.76 -27.62
CA LYS I 65 42.71 -28.14 -26.57
C LYS I 65 43.50 -27.55 -25.43
N GLY I 66 44.57 -28.20 -25.05
CA GLY I 66 45.37 -27.68 -23.96
C GLY I 66 46.56 -26.86 -24.45
N ARG I 67 46.63 -26.61 -25.76
CA ARG I 67 47.81 -25.95 -26.30
C ARG I 67 47.54 -24.64 -27.03
N PHE I 68 46.37 -24.50 -27.65
CA PHE I 68 46.11 -23.31 -28.47
C PHE I 68 45.16 -22.30 -27.83
N THR I 69 45.43 -21.02 -28.06
CA THR I 69 44.52 -19.97 -27.63
C THR I 69 44.03 -19.12 -28.81
N ILE I 70 42.72 -18.95 -28.93
CA ILE I 70 42.18 -18.14 -30.03
C ILE I 70 41.60 -16.88 -29.44
N SER I 71 41.91 -15.73 -30.04
CA SER I 71 41.40 -14.48 -29.52
C SER I 71 41.14 -13.43 -30.60
N ARG I 72 40.39 -12.40 -30.23
CA ARG I 72 40.05 -11.31 -31.13
C ARG I 72 40.16 -9.94 -30.57
N ASP I 73 40.45 -9.01 -31.46
CA ASP I 73 40.43 -7.59 -31.18
C ASP I 73 39.57 -6.94 -32.25
N ASN I 74 38.36 -6.57 -31.87
CA ASN I 74 37.45 -6.08 -32.86
C ASN I 74 37.66 -4.63 -33.21
N SER I 75 38.56 -3.94 -32.50
CA SER I 75 38.78 -2.54 -32.84
C SER I 75 39.82 -2.51 -33.95
N LYS I 76 40.67 -3.54 -33.98
CA LYS I 76 41.71 -3.64 -34.98
C LYS I 76 41.42 -4.64 -36.09
N ASN I 77 40.22 -5.16 -36.10
CA ASN I 77 39.78 -6.13 -37.10
C ASN I 77 40.77 -7.27 -37.23
N THR I 78 41.24 -7.75 -36.08
CA THR I 78 42.24 -8.80 -36.09
C THR I 78 41.89 -10.06 -35.30
N LEU I 79 42.12 -11.18 -35.96
CA LEU I 79 41.96 -12.51 -35.39
C LEU I 79 43.34 -13.06 -35.11
N SER I 80 43.54 -13.75 -33.99
CA SER I 80 44.85 -14.35 -33.79
C SER I 80 44.80 -15.68 -33.08
N LEU I 81 45.87 -16.46 -33.28
CA LEU I 81 46.01 -17.77 -32.68
C LEU I 81 47.38 -17.96 -32.06
N GLN I 82 47.42 -18.27 -30.77
CA GLN I 82 48.70 -18.50 -30.11
C GLN I 82 48.90 -19.97 -29.86
N MET I 83 49.92 -20.54 -30.49
CA MET I 83 50.13 -21.96 -30.35
C MET I 83 51.30 -22.26 -29.46
N HIS I 84 51.13 -23.22 -28.55
CA HIS I 84 52.22 -23.68 -27.69
C HIS I 84 52.53 -25.16 -27.81
N SER I 85 53.79 -25.46 -27.52
CA SER I 85 54.40 -26.79 -27.47
C SER I 85 54.57 -27.42 -28.84
N LEU I 86 54.28 -26.65 -29.87
CA LEU I 86 54.50 -26.96 -31.27
C LEU I 86 54.87 -28.39 -31.54
N ARG I 87 53.89 -29.22 -31.84
CA ARG I 87 54.20 -30.60 -32.12
C ARG I 87 54.62 -30.68 -33.57
N ASP I 88 55.37 -31.70 -33.97
CA ASP I 88 55.78 -31.80 -35.37
C ASP I 88 54.55 -32.01 -36.25
N GLY I 89 53.56 -32.64 -35.65
CA GLY I 89 52.27 -32.96 -36.24
C GLY I 89 51.43 -31.72 -36.52
N ASP I 90 51.86 -30.55 -36.05
CA ASP I 90 51.11 -29.34 -36.28
C ASP I 90 51.58 -28.64 -37.57
N THR I 91 52.51 -29.25 -38.32
CA THR I 91 52.92 -28.61 -39.57
C THR I 91 51.75 -28.61 -40.51
N ALA I 92 51.41 -27.44 -41.02
CA ALA I 92 50.26 -27.28 -41.90
C ALA I 92 50.12 -25.88 -42.41
N VAL I 93 49.25 -25.71 -43.38
CA VAL I 93 48.81 -24.38 -43.72
C VAL I 93 47.64 -24.03 -42.82
N TYR I 94 47.68 -22.86 -42.21
CA TYR I 94 46.61 -22.42 -41.33
C TYR I 94 45.82 -21.34 -42.00
N TYR I 95 44.56 -21.64 -42.27
CA TYR I 95 43.70 -20.72 -42.96
C TYR I 95 42.81 -19.97 -42.00
N CYS I 96 42.67 -18.66 -42.24
CA CYS I 96 41.78 -17.75 -41.57
C CYS I 96 40.44 -17.87 -42.27
N ALA I 97 39.39 -18.15 -41.54
CA ALA I 97 38.11 -18.28 -42.21
C ALA I 97 37.01 -17.61 -41.43
N THR I 98 36.03 -17.11 -42.15
CA THR I 98 34.89 -16.45 -41.54
C THR I 98 33.70 -17.36 -41.66
N GLY I 99 33.06 -17.61 -40.52
CA GLY I 99 31.93 -18.50 -40.45
C GLY I 99 32.13 -19.52 -39.34
N GLY I 100 31.32 -20.57 -39.35
CA GLY I 100 31.36 -21.63 -38.36
C GLY I 100 30.37 -21.48 -37.20
N MET I 101 29.78 -20.31 -37.03
CA MET I 101 28.83 -20.07 -35.93
C MET I 101 28.04 -18.77 -36.11
N SER I 102 26.88 -18.69 -35.47
CA SER I 102 26.06 -17.48 -35.45
C SER I 102 25.74 -17.10 -34.03
N SER I 103 25.09 -15.97 -33.84
CA SER I 103 24.81 -15.47 -32.49
C SER I 103 23.36 -15.35 -32.03
N ALA I 104 22.55 -16.41 -32.14
CA ALA I 104 21.17 -16.52 -31.59
C ALA I 104 20.07 -15.67 -32.26
N LEU I 105 20.37 -14.41 -32.53
CA LEU I 105 19.41 -13.49 -33.12
C LEU I 105 19.64 -13.37 -34.61
N GLN I 106 20.54 -14.18 -35.11
CA GLN I 106 20.96 -14.20 -36.49
C GLN I 106 20.57 -15.49 -37.16
N SER I 107 20.53 -15.50 -38.47
CA SER I 107 20.34 -16.75 -39.17
C SER I 107 21.56 -17.58 -38.88
N SER I 108 21.41 -18.89 -38.87
CA SER I 108 22.50 -19.79 -38.58
C SER I 108 23.51 -19.87 -39.68
N LYS I 109 24.69 -20.35 -39.34
CA LYS I 109 25.76 -20.59 -40.29
C LYS I 109 26.08 -22.05 -40.35
N TYR I 110 27.04 -22.47 -39.54
CA TYR I 110 27.55 -23.83 -39.53
C TYR I 110 28.25 -24.25 -40.82
N TYR I 111 28.81 -23.28 -41.53
CA TYR I 111 29.60 -23.49 -42.72
C TYR I 111 30.54 -22.30 -42.81
N PHE I 112 31.56 -22.34 -43.67
CA PHE I 112 32.48 -21.21 -43.76
C PHE I 112 32.25 -20.40 -45.04
N ASP I 113 32.07 -19.08 -44.91
CA ASP I 113 31.81 -18.20 -46.07
C ASP I 113 33.06 -17.67 -46.76
N PHE I 114 34.08 -17.31 -45.98
CA PHE I 114 35.25 -16.69 -46.58
C PHE I 114 36.51 -17.33 -46.10
N TRP I 115 37.51 -17.37 -46.97
CA TRP I 115 38.80 -17.92 -46.62
C TRP I 115 39.92 -16.95 -46.96
N GLY I 116 40.98 -16.98 -46.17
CA GLY I 116 42.20 -16.23 -46.43
C GLY I 116 43.07 -17.13 -47.28
N GLN I 117 44.37 -16.84 -47.40
CA GLN I 117 45.16 -17.69 -48.29
C GLN I 117 45.90 -18.75 -47.55
N GLY I 118 46.17 -18.50 -46.29
CA GLY I 118 46.82 -19.45 -45.43
C GLY I 118 48.29 -19.21 -45.15
N ALA I 119 48.64 -19.29 -43.87
CA ALA I 119 50.02 -19.10 -43.45
C ALA I 119 50.65 -20.47 -43.38
N LEU I 120 51.92 -20.59 -43.74
CA LEU I 120 52.53 -21.91 -43.58
C LEU I 120 53.34 -21.99 -42.33
N VAL I 121 52.95 -22.91 -41.47
CA VAL I 121 53.59 -23.11 -40.20
C VAL I 121 54.33 -24.42 -40.21
N THR I 122 55.63 -24.36 -40.00
CA THR I 122 56.38 -25.60 -40.03
C THR I 122 57.11 -25.82 -38.74
N VAL I 123 57.00 -27.03 -38.23
CA VAL I 123 57.66 -27.40 -36.99
C VAL I 123 58.64 -28.55 -37.30
N SER I 124 59.94 -28.38 -36.95
CA SER I 124 61.03 -29.35 -37.17
C SER I 124 61.08 -30.47 -36.10
N ALA J 1 37.31 -38.54 -41.26
CA ALA J 1 36.04 -38.63 -40.54
C ALA J 1 34.90 -39.04 -41.50
N LEU J 2 34.68 -38.25 -42.58
CA LEU J 2 33.64 -38.51 -43.60
C LEU J 2 34.28 -39.24 -44.76
N THR J 3 33.52 -40.09 -45.42
CA THR J 3 34.07 -40.79 -46.56
C THR J 3 33.54 -40.27 -47.87
N GLN J 4 34.44 -39.90 -48.73
CA GLN J 4 34.07 -39.43 -50.05
C GLN J 4 35.12 -40.06 -50.94
N PRO J 5 34.83 -40.40 -52.20
CA PRO J 5 35.73 -41.08 -53.10
C PRO J 5 36.84 -40.24 -53.70
N PRO J 6 37.95 -40.86 -54.08
CA PRO J 6 38.99 -40.34 -54.94
C PRO J 6 38.58 -40.57 -56.39
N SER J 7 39.31 -39.99 -57.32
CA SER J 7 39.20 -40.31 -58.75
C SER J 7 37.81 -40.28 -59.38
N VAL J 8 37.12 -39.17 -59.23
CA VAL J 8 35.82 -39.00 -59.85
C VAL J 8 36.04 -38.36 -61.19
N SER J 9 35.39 -38.84 -62.23
CA SER J 9 35.63 -38.26 -63.54
C SER J 9 34.50 -38.37 -64.52
N GLY J 10 34.64 -37.59 -65.59
CA GLY J 10 33.73 -37.60 -66.73
C GLY J 10 34.15 -36.53 -67.74
N SER J 11 33.62 -36.59 -68.94
CA SER J 11 33.93 -35.65 -70.01
C SER J 11 33.10 -34.39 -69.90
N PRO J 12 33.51 -33.28 -70.50
CA PRO J 12 32.75 -32.06 -70.50
C PRO J 12 31.37 -32.35 -71.03
N GLY J 13 30.38 -31.81 -70.37
CA GLY J 13 28.98 -31.97 -70.72
C GLY J 13 28.33 -33.15 -70.00
N GLN J 14 29.12 -34.02 -69.37
CA GLN J 14 28.56 -35.16 -68.66
C GLN J 14 28.44 -34.77 -67.22
N SER J 15 27.39 -35.23 -66.55
CA SER J 15 27.30 -34.92 -65.13
C SER J 15 28.11 -35.92 -64.33
N VAL J 16 28.49 -35.51 -63.13
CA VAL J 16 29.16 -36.39 -62.19
C VAL J 16 28.56 -36.23 -60.82
N THR J 17 28.65 -37.27 -60.00
CA THR J 17 28.19 -37.13 -58.62
C THR J 17 29.27 -37.55 -57.66
N ILE J 18 29.52 -36.70 -56.69
CA ILE J 18 30.49 -36.99 -55.66
C ILE J 18 29.73 -37.26 -54.37
N SER J 19 29.80 -38.48 -53.87
CA SER J 19 29.08 -38.80 -52.65
C SER J 19 29.93 -38.48 -51.41
N CYS J 20 29.27 -38.39 -50.23
CA CYS J 20 29.85 -38.16 -48.91
C CYS J 20 29.05 -38.90 -47.84
N THR J 21 29.63 -39.95 -47.30
CA THR J 21 28.90 -40.73 -46.32
C THR J 21 29.48 -40.56 -44.95
N GLY J 22 28.63 -40.23 -44.00
CA GLY J 22 29.01 -40.05 -42.62
C GLY J 22 28.26 -41.04 -41.77
N THR J 23 27.93 -40.61 -40.57
CA THR J 23 27.23 -41.45 -39.60
C THR J 23 25.90 -40.85 -39.17
N SER J 24 25.23 -41.53 -38.24
CA SER J 24 23.93 -41.06 -37.78
C SER J 24 24.05 -39.80 -36.95
N SER J 25 25.01 -39.74 -36.02
CA SER J 25 25.23 -38.54 -35.20
C SER J 25 26.16 -37.59 -35.92
N ASP J 26 25.76 -37.26 -37.12
CA ASP J 26 26.46 -36.46 -38.07
C ASP J 26 25.51 -35.98 -39.16
N ILE J 27 25.66 -36.53 -40.37
CA ILE J 27 24.82 -36.21 -41.50
C ILE J 27 23.41 -36.65 -41.20
N GLY J 28 23.25 -37.79 -40.57
CA GLY J 28 21.93 -38.27 -40.25
C GLY J 28 21.17 -37.42 -39.22
N SER J 29 21.86 -36.56 -38.46
CA SER J 29 21.20 -35.75 -37.44
C SER J 29 21.06 -34.28 -37.79
N TYR J 30 22.02 -33.74 -38.53
CA TYR J 30 21.93 -32.31 -38.77
C TYR J 30 21.99 -31.98 -40.24
N ASN J 31 21.16 -31.06 -40.67
CA ASN J 31 21.22 -30.63 -42.05
C ASN J 31 22.18 -29.48 -42.22
N TYR J 32 23.43 -29.69 -41.90
CA TYR J 32 24.43 -28.65 -42.06
C TYR J 32 25.60 -29.20 -42.76
N VAL J 33 25.42 -29.45 -44.03
CA VAL J 33 26.43 -30.05 -44.85
C VAL J 33 26.86 -29.02 -45.84
N SER J 34 28.14 -28.94 -46.06
CA SER J 34 28.64 -28.00 -47.03
C SER J 34 29.71 -28.63 -47.88
N TRP J 35 29.91 -28.04 -49.04
CA TRP J 35 30.93 -28.49 -49.96
C TRP J 35 31.82 -27.35 -50.35
N TYR J 36 33.11 -27.65 -50.47
CA TYR J 36 34.11 -26.67 -50.86
C TYR J 36 34.92 -27.14 -52.05
N GLN J 37 35.28 -26.19 -52.90
CA GLN J 37 36.09 -26.47 -54.08
C GLN J 37 37.46 -25.87 -53.99
N GLN J 38 38.48 -26.70 -53.92
CA GLN J 38 39.85 -26.21 -53.79
C GLN J 38 40.70 -26.49 -55.03
N HIS J 39 41.07 -25.44 -55.75
CA HIS J 39 41.91 -25.67 -56.90
C HIS J 39 43.28 -25.85 -56.29
N PRO J 40 44.17 -26.68 -56.81
CA PRO J 40 45.47 -26.89 -56.23
C PRO J 40 46.20 -25.57 -56.07
N GLY J 41 46.79 -25.37 -54.89
CA GLY J 41 47.55 -24.16 -54.59
C GLY J 41 46.70 -22.98 -54.09
N LYS J 42 45.38 -23.15 -54.04
CA LYS J 42 44.49 -22.07 -53.64
C LYS J 42 43.73 -22.38 -52.36
N ALA J 43 43.26 -21.34 -51.69
CA ALA J 43 42.41 -21.55 -50.53
C ALA J 43 41.07 -22.10 -51.04
N PRO J 44 40.34 -22.93 -50.26
CA PRO J 44 39.03 -23.47 -50.61
C PRO J 44 37.95 -22.42 -50.82
N LYS J 45 37.04 -22.68 -51.75
CA LYS J 45 35.90 -21.81 -52.00
C LYS J 45 34.60 -22.50 -51.59
N LEU J 46 33.66 -21.78 -50.99
CA LEU J 46 32.39 -22.40 -50.67
C LEU J 46 31.52 -22.56 -51.88
N MET J 47 30.97 -23.76 -52.10
CA MET J 47 30.09 -23.97 -53.23
C MET J 47 28.66 -24.26 -52.79
N ILE J 48 28.54 -25.10 -51.77
CA ILE J 48 27.23 -25.53 -51.25
C ILE J 48 27.19 -25.42 -49.74
N TYR J 49 26.06 -25.01 -49.18
CA TYR J 49 25.88 -24.97 -47.73
C TYR J 49 24.45 -25.31 -47.35
N ASP J 50 24.24 -25.69 -46.09
CA ASP J 50 22.90 -26.08 -45.64
C ASP J 50 22.32 -27.15 -46.56
N VAL J 51 23.16 -28.09 -46.96
CA VAL J 51 22.89 -29.24 -47.81
C VAL J 51 22.59 -28.86 -49.27
N THR J 52 21.57 -28.03 -49.50
CA THR J 52 21.12 -27.68 -50.84
C THR J 52 21.32 -26.23 -51.34
N GLN J 53 21.87 -25.33 -50.56
CA GLN J 53 21.95 -23.94 -51.00
C GLN J 53 23.26 -23.61 -51.64
N ARG J 54 23.27 -22.63 -52.51
CA ARG J 54 24.52 -22.19 -53.07
C ARG J 54 24.61 -20.71 -52.83
N PRO J 55 25.78 -20.15 -52.60
CA PRO J 55 26.02 -18.75 -52.40
C PRO J 55 25.92 -17.99 -53.68
N SER J 56 25.70 -16.70 -53.56
CA SER J 56 25.79 -15.86 -54.71
C SER J 56 27.23 -15.96 -55.14
N GLY J 57 27.48 -15.91 -56.43
CA GLY J 57 28.85 -16.00 -56.90
C GLY J 57 29.19 -17.37 -57.49
N VAL J 58 28.31 -18.37 -57.34
CA VAL J 58 28.64 -19.64 -57.98
C VAL J 58 27.52 -19.99 -58.92
N SER J 59 27.84 -20.86 -59.85
CA SER J 59 26.89 -21.30 -60.84
C SER J 59 25.87 -22.29 -60.35
N ASP J 60 24.84 -22.44 -61.14
CA ASP J 60 23.72 -23.31 -60.89
C ASP J 60 23.96 -24.71 -61.38
N ARG J 61 25.18 -24.96 -61.81
CA ARG J 61 25.57 -26.26 -62.25
C ARG J 61 25.90 -27.11 -61.04
N PHE J 62 26.03 -26.48 -59.88
CA PHE J 62 26.37 -27.18 -58.65
C PHE J 62 25.15 -27.28 -57.77
N SER J 63 24.77 -28.52 -57.42
CA SER J 63 23.59 -28.75 -56.60
C SER J 63 23.75 -29.85 -55.58
N GLY J 64 23.43 -29.55 -54.32
CA GLY J 64 23.56 -30.56 -53.27
C GLY J 64 22.25 -31.28 -52.98
N SER J 65 22.38 -32.45 -52.37
CA SER J 65 21.23 -33.24 -51.92
C SER J 65 21.65 -34.25 -50.85
N LYS J 66 20.68 -34.86 -50.17
CA LYS J 66 21.03 -35.91 -49.21
C LYS J 66 19.89 -36.89 -48.93
N SER J 67 20.28 -38.06 -48.42
CA SER J 67 19.36 -39.07 -47.91
C SER J 67 20.07 -39.94 -46.88
N GLY J 68 19.40 -40.28 -45.79
CA GLY J 68 20.05 -41.14 -44.80
C GLY J 68 21.28 -40.45 -44.25
N ASN J 69 22.43 -41.15 -44.28
CA ASN J 69 23.67 -40.58 -43.77
C ASN J 69 24.56 -40.16 -44.92
N THR J 70 23.99 -40.08 -46.13
CA THR J 70 24.79 -39.73 -47.29
C THR J 70 24.36 -38.44 -47.98
N ALA J 71 25.34 -37.60 -48.16
CA ALA J 71 25.16 -36.33 -48.84
C ALA J 71 25.88 -36.41 -50.17
N SER J 72 25.43 -35.65 -51.14
CA SER J 72 26.14 -35.65 -52.39
C SER J 72 26.11 -34.32 -53.12
N LEU J 73 27.11 -34.17 -53.97
CA LEU J 73 27.24 -33.03 -54.87
C LEU J 73 27.11 -33.43 -56.31
N THR J 74 26.17 -32.82 -57.00
CA THR J 74 26.00 -33.12 -58.40
C THR J 74 26.46 -31.94 -59.21
N ILE J 75 27.29 -32.22 -60.19
CA ILE J 75 27.76 -31.21 -61.11
C ILE J 75 27.15 -31.59 -62.44
N SER J 76 26.42 -30.66 -63.06
CA SER J 76 25.72 -30.94 -64.30
C SER J 76 26.54 -30.70 -65.56
N GLY J 77 26.54 -29.49 -66.09
CA GLY J 77 27.28 -29.18 -67.30
C GLY J 77 28.78 -29.07 -67.02
N LEU J 78 29.40 -30.20 -66.77
CA LEU J 78 30.79 -30.29 -66.36
C LEU J 78 31.69 -29.60 -67.36
N GLN J 79 32.57 -28.76 -66.83
CA GLN J 79 33.53 -28.02 -67.62
C GLN J 79 34.93 -28.47 -67.36
N ALA J 80 35.84 -28.20 -68.28
CA ALA J 80 37.25 -28.54 -68.07
C ALA J 80 37.79 -27.85 -66.82
N ASP J 81 37.28 -26.67 -66.56
CA ASP J 81 37.71 -25.83 -65.48
C ASP J 81 37.20 -26.27 -64.13
N ASP J 82 36.43 -27.35 -64.08
CA ASP J 82 35.93 -27.81 -62.81
C ASP J 82 36.98 -28.69 -62.13
N GLU J 83 38.11 -28.96 -62.77
CA GLU J 83 39.08 -29.79 -62.06
C GLU J 83 39.45 -29.12 -60.75
N ALA J 84 39.27 -29.88 -59.69
CA ALA J 84 39.52 -29.39 -58.33
C ALA J 84 39.41 -30.51 -57.32
N ASP J 85 39.89 -30.26 -56.10
CA ASP J 85 39.65 -31.17 -55.00
C ASP J 85 38.41 -30.74 -54.26
N TYR J 86 37.40 -31.58 -54.27
CA TYR J 86 36.16 -31.22 -53.63
C TYR J 86 36.09 -31.83 -52.25
N TYR J 87 35.65 -31.06 -51.30
CA TYR J 87 35.54 -31.55 -49.93
C TYR J 87 34.15 -31.40 -49.40
N CYS J 88 33.70 -32.37 -48.59
CA CYS J 88 32.45 -32.29 -47.84
C CYS J 88 32.80 -32.12 -46.39
N SER J 89 31.92 -31.42 -45.69
CA SER J 89 32.06 -31.27 -44.26
C SER J 89 30.71 -31.18 -43.66
N ALA J 90 30.66 -31.42 -42.37
CA ALA J 90 29.39 -31.31 -41.71
C ALA J 90 29.52 -30.94 -40.25
N TYR J 91 28.47 -30.31 -39.75
CA TYR J 91 28.36 -30.05 -38.34
C TYR J 91 28.10 -31.36 -37.66
N ALA J 92 28.81 -31.66 -36.59
CA ALA J 92 28.61 -32.94 -35.96
C ALA J 92 28.31 -32.86 -34.47
N GLY J 93 27.68 -31.79 -34.04
CA GLY J 93 27.32 -31.65 -32.65
C GLY J 93 28.17 -30.60 -31.96
N ARG J 94 28.04 -30.49 -30.64
CA ARG J 94 28.72 -29.42 -29.93
C ARG J 94 30.07 -29.82 -29.36
N GLN J 95 30.36 -31.11 -29.29
CA GLN J 95 31.64 -31.52 -28.75
C GLN J 95 32.69 -31.58 -29.85
N THR J 96 32.24 -31.92 -31.04
CA THR J 96 33.09 -32.07 -32.20
C THR J 96 32.44 -31.29 -33.31
N PHE J 97 32.66 -29.99 -33.29
CA PHE J 97 31.95 -29.11 -34.17
C PHE J 97 32.03 -29.47 -35.64
N TYR J 98 33.22 -29.63 -36.19
CA TYR J 98 33.23 -29.95 -37.60
C TYR J 98 34.10 -31.08 -37.97
N ILE J 99 33.62 -31.82 -38.95
CA ILE J 99 34.40 -32.87 -39.53
C ILE J 99 34.44 -32.74 -41.03
N PHE J 100 35.49 -33.25 -41.64
CA PHE J 100 35.68 -33.24 -43.08
C PHE J 100 36.05 -34.59 -43.64
N GLY J 101 35.78 -34.78 -44.93
CA GLY J 101 36.26 -35.98 -45.62
C GLY J 101 37.62 -35.70 -46.24
N GLY J 102 38.16 -36.64 -47.00
CA GLY J 102 39.44 -36.38 -47.66
C GLY J 102 39.04 -35.65 -48.90
N GLY J 103 39.96 -35.24 -49.76
CA GLY J 103 39.46 -34.55 -50.94
C GLY J 103 39.12 -35.50 -52.06
N THR J 104 38.16 -35.11 -52.88
CA THR J 104 37.83 -35.86 -54.06
C THR J 104 38.43 -35.21 -55.25
N ARG J 105 39.30 -35.92 -55.92
CA ARG J 105 39.91 -35.32 -57.09
C ARG J 105 39.03 -35.54 -58.27
N LEU J 106 38.48 -34.44 -58.80
CA LEU J 106 37.61 -34.49 -59.96
C LEU J 106 38.37 -34.14 -61.18
N THR J 107 38.40 -35.07 -62.12
CA THR J 107 39.12 -34.94 -63.37
C THR J 107 38.13 -34.86 -64.53
N VAL J 108 38.29 -33.84 -65.35
CA VAL J 108 37.40 -33.67 -66.46
C VAL J 108 38.16 -34.12 -67.72
N LEU J 109 37.55 -35.07 -68.46
CA LEU J 109 38.09 -35.80 -69.62
C LEU J 109 37.71 -35.14 -70.97
N ASN K 34 43.60 -12.87 -7.86
CA ASN K 34 43.57 -13.98 -6.91
C ASN K 34 42.22 -14.11 -6.20
N LEU K 35 41.69 -12.97 -5.69
CA LEU K 35 40.44 -12.88 -4.94
C LEU K 35 39.33 -12.35 -5.80
N TRP K 36 38.11 -12.75 -5.47
CA TRP K 36 36.92 -12.42 -6.22
C TRP K 36 35.86 -11.80 -5.34
N VAL K 37 35.01 -10.98 -5.93
CA VAL K 37 33.95 -10.36 -5.16
C VAL K 37 32.84 -11.34 -4.84
N THR K 38 32.50 -11.45 -3.56
CA THR K 38 31.39 -12.28 -3.13
C THR K 38 30.36 -11.41 -2.47
N VAL K 39 29.13 -11.61 -2.90
CA VAL K 39 28.01 -10.86 -2.43
C VAL K 39 27.32 -11.56 -1.29
N TYR K 40 27.10 -10.85 -0.20
CA TYR K 40 26.42 -11.40 0.95
C TYR K 40 25.18 -10.61 1.29
N TYR K 41 24.10 -11.31 1.62
CA TYR K 41 22.90 -10.64 2.04
C TYR K 41 22.47 -11.15 3.40
N GLY K 42 22.19 -10.24 4.33
CA GLY K 42 21.84 -10.59 5.70
C GLY K 42 22.98 -10.18 6.64
N VAL K 43 23.80 -9.27 6.18
CA VAL K 43 24.93 -8.77 6.90
C VAL K 43 24.52 -7.82 8.04
N PRO K 44 24.98 -8.00 9.30
CA PRO K 44 24.60 -7.20 10.46
C PRO K 44 25.26 -5.84 10.50
N VAL K 45 24.87 -5.00 9.57
CA VAL K 45 25.36 -3.65 9.37
C VAL K 45 24.25 -2.64 9.37
N TRP K 46 24.52 -1.47 9.92
CA TRP K 46 23.54 -0.42 9.97
C TRP K 46 24.11 0.96 9.85
N LYS K 47 23.22 1.91 9.56
CA LYS K 47 23.52 3.34 9.48
C LYS K 47 22.54 4.18 10.24
N ASP K 48 22.96 5.32 10.71
CA ASP K 48 22.05 6.22 11.42
C ASP K 48 20.91 6.59 10.51
N ALA K 49 19.69 6.64 11.02
CA ALA K 49 18.60 6.98 10.13
C ALA K 49 17.44 7.63 10.82
N GLU K 50 16.64 8.33 10.03
CA GLU K 50 15.44 8.93 10.56
C GLU K 50 14.22 8.34 9.89
N THR K 51 13.41 7.67 10.67
CA THR K 51 12.20 7.07 10.15
C THR K 51 11.10 7.35 11.10
N THR K 52 9.91 6.92 10.73
CA THR K 52 8.73 7.05 11.53
C THR K 52 8.60 5.91 12.50
N LEU K 53 8.45 6.21 13.77
CA LEU K 53 8.28 5.16 14.76
C LEU K 53 6.82 5.10 15.09
N PHE K 54 6.35 3.96 15.55
CA PHE K 54 4.95 3.89 15.89
C PHE K 54 4.79 3.63 17.37
N CYS K 55 3.62 3.98 17.87
CA CYS K 55 3.35 3.82 19.28
C CYS K 55 2.64 2.55 19.60
N ALA K 56 2.90 2.08 20.81
CA ALA K 56 2.23 0.93 21.37
C ALA K 56 2.04 1.14 22.86
N SER K 57 0.98 0.57 23.41
CA SER K 57 0.74 0.65 24.84
C SER K 57 -0.16 -0.51 25.27
N ASP K 58 -0.22 -0.77 26.60
CA ASP K 58 -1.07 -1.80 27.24
C ASP K 58 -2.56 -1.51 26.98
N GLN K 83 13.14 -9.86 23.65
CA GLN K 83 12.87 -8.44 23.40
C GLN K 83 14.15 -7.57 23.39
N GLU K 84 15.26 -8.03 24.05
CA GLU K 84 16.56 -7.34 24.12
C GLU K 84 17.74 -8.26 23.84
N ILE K 85 18.60 -7.83 22.92
CA ILE K 85 19.79 -8.58 22.49
C ILE K 85 21.06 -7.85 22.86
N HIS K 86 21.93 -8.49 23.61
CA HIS K 86 23.12 -7.81 24.11
C HIS K 86 24.19 -7.29 23.11
N LEU K 87 24.36 -7.85 21.92
CA LEU K 87 25.40 -7.34 20.98
C LEU K 87 26.78 -7.25 21.63
N GLU K 88 27.27 -8.35 22.17
CA GLU K 88 28.48 -8.41 23.00
C GLU K 88 29.65 -7.46 22.75
N ASN K 89 30.16 -7.31 21.49
CA ASN K 89 31.36 -6.50 21.19
C ASN K 89 31.08 -5.25 20.35
N VAL K 90 29.84 -4.70 20.40
CA VAL K 90 29.48 -3.48 19.67
C VAL K 90 29.64 -2.24 20.50
N THR K 91 30.34 -1.27 19.96
CA THR K 91 30.49 0.02 20.60
C THR K 91 29.87 0.97 19.62
N GLU K 92 29.00 1.83 20.08
CA GLU K 92 28.34 2.74 19.16
C GLU K 92 28.34 4.14 19.71
N GLU K 93 28.28 5.13 18.83
CA GLU K 93 28.25 6.52 19.22
C GLU K 93 26.85 7.12 19.25
N PHE K 94 26.49 7.66 20.40
CA PHE K 94 25.17 8.24 20.65
C PHE K 94 25.26 9.75 20.70
N ASN K 95 24.16 10.42 20.35
CA ASN K 95 24.20 11.87 20.42
C ASN K 95 22.85 12.50 20.77
N MET K 96 22.52 12.56 22.06
CA MET K 96 21.24 13.11 22.43
C MET K 96 21.30 14.56 21.99
N TRP K 97 20.14 15.19 21.86
CA TRP K 97 19.98 16.57 21.35
C TRP K 97 19.92 16.58 19.83
N LYS K 98 20.43 15.53 19.18
CA LYS K 98 20.33 15.37 17.73
C LYS K 98 19.46 14.16 17.42
N ASN K 99 18.82 13.68 18.46
CA ASN K 99 17.99 12.49 18.46
C ASN K 99 16.59 12.80 17.98
N ASN K 100 16.21 12.25 16.82
CA ASN K 100 14.93 12.59 16.20
C ASN K 100 13.75 11.90 16.85
N MET K 101 14.00 11.08 17.85
CA MET K 101 12.92 10.43 18.55
C MET K 101 12.24 11.46 19.41
N VAL K 102 12.96 12.52 19.75
CA VAL K 102 12.44 13.54 20.61
C VAL K 102 11.41 14.31 19.85
N GLU K 103 11.72 14.62 18.60
CA GLU K 103 10.80 15.38 17.80
C GLU K 103 9.55 14.60 17.54
N GLN K 104 9.66 13.28 17.35
CA GLN K 104 8.43 12.55 17.13
C GLN K 104 7.59 12.51 18.38
N MET K 105 8.21 12.36 19.55
CA MET K 105 7.41 12.34 20.74
C MET K 105 6.71 13.67 20.91
N HIS K 106 7.41 14.75 20.61
CA HIS K 106 6.85 16.06 20.78
C HIS K 106 5.61 16.22 19.92
N GLU K 107 5.71 15.84 18.66
CA GLU K 107 4.58 16.00 17.77
C GLU K 107 3.44 15.05 18.10
N ASP K 108 3.73 13.83 18.54
CA ASP K 108 2.64 12.93 18.85
C ASP K 108 1.89 13.37 20.07
N ILE K 109 2.58 13.89 21.06
CA ILE K 109 1.86 14.31 22.23
C ILE K 109 0.99 15.50 21.92
N ILE K 110 1.51 16.46 21.19
CA ILE K 110 0.70 17.61 20.90
C ILE K 110 -0.48 17.23 20.05
N SER K 111 -0.27 16.41 19.03
CA SER K 111 -1.38 16.03 18.17
C SER K 111 -2.45 15.29 18.94
N LEU K 112 -2.07 14.34 19.79
CA LEU K 112 -3.09 13.60 20.52
C LEU K 112 -3.81 14.50 21.51
N TRP K 113 -3.07 15.44 22.10
CA TRP K 113 -3.67 16.38 23.02
C TRP K 113 -4.77 17.12 22.31
N ASP K 114 -4.48 17.68 21.14
CA ASP K 114 -5.49 18.42 20.42
C ASP K 114 -6.65 17.55 20.01
N GLN K 115 -6.41 16.30 19.65
CA GLN K 115 -7.51 15.45 19.25
C GLN K 115 -8.48 15.27 20.39
N SER K 116 -7.99 15.21 21.62
CA SER K 116 -8.87 14.96 22.74
C SER K 116 -9.85 16.08 22.99
N LEU K 117 -9.61 17.27 22.44
CA LEU K 117 -10.52 18.38 22.65
C LEU K 117 -11.49 18.54 21.50
N LYS K 118 -11.30 17.75 20.46
CA LYS K 118 -12.10 17.88 19.27
C LYS K 118 -13.60 17.83 19.53
N PRO K 119 -14.14 16.87 20.30
CA PRO K 119 -15.55 16.74 20.57
C PRO K 119 -16.08 17.51 21.81
N CYS K 120 -15.27 18.40 22.45
CA CYS K 120 -15.61 19.01 23.73
C CYS K 120 -16.32 20.36 23.55
N VAL K 121 -17.03 20.76 24.58
CA VAL K 121 -17.79 22.00 24.61
C VAL K 121 -16.96 23.23 24.49
N LYS K 122 -17.33 24.09 23.54
CA LYS K 122 -16.61 25.37 23.33
C LYS K 122 -17.24 26.42 24.24
N LEU K 123 -16.43 27.28 24.86
CA LEU K 123 -16.95 28.25 25.78
C LEU K 123 -17.10 29.63 25.19
N THR K 124 -17.05 29.73 23.86
CA THR K 124 -17.30 31.04 23.21
C THR K 124 -18.58 31.69 23.74
N PRO K 125 -19.73 31.00 23.88
CA PRO K 125 -20.92 31.63 24.46
C PRO K 125 -20.77 32.26 25.85
N LEU K 126 -19.57 32.30 26.41
CA LEU K 126 -19.32 32.95 27.68
C LEU K 126 -18.42 34.20 27.63
N CYS K 127 -18.04 34.60 26.40
CA CYS K 127 -17.25 35.85 26.19
C CYS K 127 -18.20 37.03 26.30
N VAL K 128 -18.63 37.35 27.51
CA VAL K 128 -19.56 38.40 27.86
C VAL K 128 -18.93 39.19 28.98
N THR K 129 -19.45 40.36 29.28
CA THR K 129 -18.86 41.08 30.38
C THR K 129 -19.30 40.41 31.65
N LEU K 130 -18.42 40.43 32.66
CA LEU K 130 -18.75 39.82 33.97
C LEU K 130 -18.70 40.93 35.04
N GLN K 131 -19.62 40.91 36.00
CA GLN K 131 -19.55 41.90 37.11
C GLN K 131 -18.89 41.18 38.28
N CYS K 132 -17.72 41.64 38.72
CA CYS K 132 -17.00 40.85 39.75
C CYS K 132 -16.82 41.57 41.09
N THR K 133 -17.23 40.92 42.19
CA THR K 133 -17.09 41.43 43.54
C THR K 133 -16.14 40.51 44.32
N ASN K 134 -15.69 40.93 45.52
CA ASN K 134 -14.84 40.15 46.41
C ASN K 134 -15.67 39.02 47.06
N VAL K 135 -14.99 37.88 47.36
CA VAL K 135 -15.57 36.67 47.94
C VAL K 135 -15.95 36.80 49.42
N THR K 136 -17.19 36.43 49.72
CA THR K 136 -17.72 36.54 51.07
C THR K 136 -17.38 35.35 51.94
N ASN K 137 -16.11 35.27 52.30
CA ASN K 137 -15.61 34.16 53.11
C ASN K 137 -14.40 34.63 53.95
N ASN K 138 -13.82 33.71 54.77
CA ASN K 138 -12.64 33.90 55.62
C ASN K 138 -11.40 33.59 54.78
N ILE K 139 -10.75 34.66 54.29
CA ILE K 139 -9.63 34.63 53.36
C ILE K 139 -8.37 35.02 54.03
N THR K 140 -7.36 34.18 53.91
CA THR K 140 -6.09 34.51 54.54
C THR K 140 -5.36 35.56 53.73
N ASP K 141 -4.29 36.10 54.28
CA ASP K 141 -3.57 37.18 53.61
C ASP K 141 -3.01 36.81 52.25
N ASP K 142 -2.58 35.58 52.14
CA ASP K 142 -1.96 35.04 50.95
C ASP K 142 -2.93 34.91 49.79
N MET K 143 -4.22 34.91 50.12
CA MET K 143 -5.29 34.75 49.16
C MET K 143 -6.08 36.02 48.91
N ARG K 144 -5.61 37.17 49.41
CA ARG K 144 -6.42 38.34 49.19
C ARG K 144 -6.26 38.78 47.77
N GLY K 145 -7.40 38.98 47.12
CA GLY K 145 -7.40 39.40 45.74
C GLY K 145 -7.22 38.24 44.78
N GLU K 146 -7.08 37.02 45.31
CA GLU K 146 -6.85 35.85 44.47
C GLU K 146 -8.10 35.36 43.79
N LEU K 147 -9.24 35.46 44.46
CA LEU K 147 -10.49 34.98 43.89
C LEU K 147 -11.46 36.10 43.70
N LYS K 148 -12.28 35.98 42.67
CA LYS K 148 -13.37 36.93 42.47
C LYS K 148 -14.66 36.17 42.21
N ASN K 149 -15.79 36.70 42.71
CA ASN K 149 -17.14 36.20 42.54
C ASN K 149 -17.82 36.97 41.41
N CYS K 150 -17.98 36.33 40.22
CA CYS K 150 -18.45 36.99 38.99
C CYS K 150 -19.82 36.53 38.52
N SER K 151 -20.67 37.49 38.20
CA SER K 151 -22.00 37.22 37.67
C SER K 151 -22.08 37.55 36.20
N PHE K 152 -22.82 36.74 35.46
CA PHE K 152 -22.97 36.97 34.04
C PHE K 152 -24.24 36.36 33.43
N ASN K 153 -24.57 36.81 32.22
CA ASN K 153 -25.73 36.28 31.49
C ASN K 153 -25.25 35.22 30.51
N ALA K 154 -25.56 33.97 30.77
CA ALA K 154 -25.17 32.79 30.02
C ALA K 154 -26.26 32.45 29.01
N THR K 155 -25.82 31.87 27.90
CA THR K 155 -26.83 31.40 26.93
C THR K 155 -27.38 30.13 27.54
N THR K 156 -28.45 29.60 26.98
CA THR K 156 -29.04 28.38 27.47
C THR K 156 -29.48 27.48 26.33
N GLU K 157 -30.29 26.49 26.62
CA GLU K 157 -30.72 25.52 25.63
C GLU K 157 -31.52 26.16 24.50
N LEU K 158 -32.33 27.15 24.82
CA LEU K 158 -33.10 27.80 23.81
C LEU K 158 -32.48 29.15 23.48
N ARG K 159 -32.48 29.49 22.20
CA ARG K 159 -31.80 30.72 21.77
C ARG K 159 -32.49 31.97 22.31
N ASN K 160 -33.81 31.96 22.55
CA ASN K 160 -34.43 33.19 22.97
C ASN K 160 -34.54 33.32 24.47
N LYS K 161 -33.74 32.55 25.21
CA LYS K 161 -33.74 32.64 26.66
C LYS K 161 -32.32 32.83 27.18
N ARG K 162 -32.20 33.46 28.33
CA ARG K 162 -30.91 33.66 28.98
C ARG K 162 -31.01 33.34 30.45
N GLN K 163 -29.89 33.02 31.07
CA GLN K 163 -29.90 32.74 32.50
C GLN K 163 -28.81 33.49 33.22
N LYS K 164 -29.07 33.90 34.46
CA LYS K 164 -28.06 34.59 35.23
C LYS K 164 -27.38 33.61 36.14
N VAL K 165 -26.07 33.54 35.99
CA VAL K 165 -25.23 32.59 36.68
C VAL K 165 -24.09 33.27 37.36
N TYR K 166 -23.69 32.77 38.50
CA TYR K 166 -22.51 33.34 39.10
C TYR K 166 -21.56 32.20 39.37
N SER K 167 -20.29 32.52 39.38
CA SER K 167 -19.28 31.52 39.65
C SER K 167 -18.01 32.13 40.21
N LEU K 168 -17.15 31.29 40.77
CA LEU K 168 -15.90 31.83 41.26
C LEU K 168 -14.80 31.61 40.24
N PHE K 169 -13.97 32.61 40.08
CA PHE K 169 -12.83 32.56 39.19
C PHE K 169 -11.57 32.95 39.89
N TYR K 170 -10.47 32.42 39.40
CA TYR K 170 -9.21 32.85 39.91
C TYR K 170 -8.90 34.15 39.22
N ARG K 171 -8.29 35.06 39.92
CA ARG K 171 -7.95 36.36 39.38
C ARG K 171 -7.09 36.28 38.14
N LEU K 172 -6.25 35.27 38.06
CA LEU K 172 -5.34 35.11 36.93
C LEU K 172 -6.05 34.78 35.62
N ASP K 173 -7.32 34.38 35.69
CA ASP K 173 -8.07 34.04 34.51
C ASP K 173 -8.95 35.17 33.97
N ILE K 174 -8.99 36.33 34.63
CA ILE K 174 -9.83 37.42 34.16
C ILE K 174 -9.07 38.74 34.06
N VAL K 175 -9.51 39.65 33.19
CA VAL K 175 -8.74 40.91 33.00
C VAL K 175 -9.68 42.12 33.00
N PRO K 176 -9.47 43.15 33.86
CA PRO K 176 -10.43 44.26 33.97
C PRO K 176 -10.60 45.03 32.65
N MET K 177 -11.76 45.66 32.47
CA MET K 177 -12.01 46.40 31.22
C MET K 177 -12.13 47.89 31.52
N GLY K 178 -11.30 48.72 30.88
CA GLY K 178 -11.37 50.19 31.04
C GLY K 178 -11.10 50.64 32.45
N GLU K 179 -10.32 49.87 33.21
CA GLU K 179 -10.02 50.21 34.63
C GLU K 179 -11.35 50.40 35.37
N ASN K 180 -12.35 49.57 35.05
CA ASN K 180 -13.64 49.65 35.78
C ASN K 180 -13.66 48.49 36.78
N SER K 181 -13.78 48.79 38.07
CA SER K 181 -13.69 47.73 39.10
C SER K 181 -14.81 46.72 38.89
N THR K 182 -16.01 47.21 38.57
CA THR K 182 -17.18 46.32 38.39
C THR K 182 -17.02 45.40 37.17
N ASN K 183 -16.45 45.90 36.06
CA ASN K 183 -16.46 45.09 34.81
C ASN K 183 -15.16 44.31 34.56
N TYR K 184 -15.27 43.01 34.29
CA TYR K 184 -14.10 42.16 33.94
C TYR K 184 -14.53 41.24 32.81
N ARG K 185 -13.59 40.61 32.10
CA ARG K 185 -13.92 39.65 31.01
C ARG K 185 -12.89 38.51 31.02
N LEU K 186 -13.15 37.39 30.34
CA LEU K 186 -12.18 36.28 30.42
C LEU K 186 -10.91 36.66 29.65
N ILE K 187 -9.76 36.10 30.02
CA ILE K 187 -8.47 36.52 29.40
C ILE K 187 -8.43 36.20 27.91
N ASN K 188 -9.01 35.07 27.49
CA ASN K 188 -8.93 34.62 26.08
C ASN K 188 -9.86 35.37 25.13
N CYS K 189 -10.78 36.18 25.63
CA CYS K 189 -11.80 36.77 24.72
C CYS K 189 -11.18 37.60 23.60
N ASN K 190 -10.19 38.44 23.88
CA ASN K 190 -9.52 39.18 22.77
C ASN K 190 -8.73 38.24 21.86
N THR K 191 -8.09 37.20 22.43
CA THR K 191 -7.31 36.23 21.63
C THR K 191 -8.22 35.08 21.18
N SER K 192 -7.67 33.90 20.89
CA SER K 192 -8.47 32.77 20.34
C SER K 192 -9.55 32.25 21.29
N ALA K 193 -10.60 31.66 20.75
CA ALA K 193 -11.73 31.14 21.55
C ALA K 193 -11.28 30.00 22.46
N ILE K 194 -11.89 29.89 23.65
CA ILE K 194 -11.51 28.84 24.64
C ILE K 194 -12.28 27.55 24.38
N THR K 195 -11.69 26.42 24.74
CA THR K 195 -12.43 25.15 24.70
C THR K 195 -12.38 24.46 26.05
N GLN K 196 -13.51 23.96 26.55
CA GLN K 196 -13.54 23.25 27.83
C GLN K 196 -13.05 21.84 27.67
N ALA K 197 -12.18 21.40 28.55
CA ALA K 197 -11.75 20.01 28.48
C ALA K 197 -12.92 19.13 28.92
N CYS K 198 -13.09 17.96 28.29
CA CYS K 198 -14.11 16.97 28.63
C CYS K 198 -13.80 16.36 30.02
N PRO K 199 -14.78 16.32 30.95
CA PRO K 199 -14.64 15.81 32.31
C PRO K 199 -14.41 14.31 32.36
N LYS K 200 -14.67 13.66 31.24
CA LYS K 200 -14.55 12.22 31.12
C LYS K 200 -13.16 11.82 30.70
N VAL K 201 -12.31 12.79 30.40
CA VAL K 201 -10.98 12.49 29.93
C VAL K 201 -9.96 12.88 30.96
N SER K 202 -9.18 11.90 31.39
CA SER K 202 -8.15 12.13 32.39
C SER K 202 -6.91 12.73 31.78
N PHE K 203 -6.05 13.26 32.65
CA PHE K 203 -4.77 13.81 32.23
C PHE K 203 -3.63 12.95 32.71
N GLU K 204 -3.97 11.73 33.04
CA GLU K 204 -3.03 10.77 33.57
C GLU K 204 -1.92 10.50 32.54
N PRO K 205 -0.64 10.61 32.88
CA PRO K 205 0.48 10.39 32.01
C PRO K 205 0.74 8.91 31.80
N ILE K 206 -0.16 8.28 31.07
CA ILE K 206 -0.10 6.87 30.76
C ILE K 206 1.05 6.66 29.79
N PRO K 207 2.00 5.74 30.04
CA PRO K 207 3.19 5.53 29.26
C PRO K 207 2.95 5.05 27.85
N ILE K 208 3.83 5.51 26.98
CA ILE K 208 3.90 5.17 25.57
C ILE K 208 5.19 4.49 25.21
N HIS K 209 5.13 3.40 24.48
CA HIS K 209 6.33 2.71 24.05
C HIS K 209 6.54 3.04 22.57
N TYR K 210 7.77 3.33 22.16
CA TYR K 210 8.03 3.56 20.72
C TYR K 210 8.72 2.39 20.08
N CYS K 211 8.08 1.81 19.03
CA CYS K 211 8.51 0.60 18.36
C CYS K 211 9.01 0.89 16.94
N ALA K 212 10.05 0.18 16.54
CA ALA K 212 10.58 0.40 15.19
C ALA K 212 9.80 -0.38 14.15
N PRO K 213 9.68 0.13 12.92
CA PRO K 213 9.13 -0.55 11.77
C PRO K 213 10.12 -1.59 11.31
N ALA K 214 9.67 -2.61 10.60
CA ALA K 214 10.62 -3.60 10.11
C ALA K 214 11.64 -2.94 9.20
N GLY K 215 12.87 -3.41 9.31
CA GLY K 215 13.97 -2.87 8.53
C GLY K 215 14.80 -1.90 9.35
N PHE K 216 14.28 -1.54 10.52
CA PHE K 216 14.92 -0.62 11.46
C PHE K 216 15.09 -1.22 12.83
N ALA K 217 15.99 -0.65 13.60
CA ALA K 217 16.21 -1.14 14.94
C ALA K 217 16.52 -0.01 15.89
N ILE K 218 16.17 -0.21 17.14
CA ILE K 218 16.48 0.78 18.15
C ILE K 218 17.58 0.27 19.04
N LEU K 219 18.63 1.04 19.17
CA LEU K 219 19.73 0.62 20.00
C LEU K 219 19.65 1.34 21.32
N LYS K 220 19.89 0.61 22.39
CA LYS K 220 19.83 1.15 23.74
C LYS K 220 21.22 1.18 24.38
N CYS K 221 21.60 2.31 25.00
CA CYS K 221 22.87 2.48 25.71
C CYS K 221 22.70 2.08 27.17
N LYS K 222 23.48 1.09 27.61
CA LYS K 222 23.39 0.57 28.96
C LYS K 222 24.51 1.05 29.88
N ASP K 223 25.30 1.98 29.43
CA ASP K 223 26.39 2.48 30.25
C ASP K 223 25.84 3.43 31.31
N LYS K 224 25.98 3.01 32.56
CA LYS K 224 25.44 3.69 33.74
C LYS K 224 26.02 5.09 33.93
N LYS K 225 27.19 5.34 33.37
CA LYS K 225 27.82 6.63 33.50
C LYS K 225 27.71 7.45 32.23
N PHE K 226 26.93 7.01 31.28
CA PHE K 226 26.80 7.72 30.04
C PHE K 226 26.16 9.09 30.26
N ASN K 227 26.81 10.14 29.70
CA ASN K 227 26.42 11.55 29.82
C ASN K 227 25.64 12.10 28.61
N GLY K 228 25.12 11.24 27.72
CA GLY K 228 24.29 11.60 26.55
C GLY K 228 25.01 11.63 25.21
N THR K 229 26.32 11.70 25.20
CA THR K 229 27.03 11.73 23.93
C THR K 229 28.26 10.84 23.89
N GLY K 230 28.69 10.54 22.68
CA GLY K 230 29.93 9.84 22.48
C GLY K 230 29.74 8.35 22.53
N PRO K 231 30.81 7.58 22.45
CA PRO K 231 30.81 6.15 22.44
C PRO K 231 30.17 5.61 23.69
N CYS K 232 29.41 4.53 23.55
CA CYS K 232 28.74 3.77 24.57
C CYS K 232 29.23 2.32 24.40
N PRO K 233 30.04 1.80 25.33
CA PRO K 233 30.68 0.50 25.30
C PRO K 233 29.75 -0.67 25.47
N SER K 234 28.54 -0.43 25.91
CA SER K 234 27.60 -1.52 26.11
C SER K 234 26.29 -1.12 25.51
N VAL K 235 26.00 -1.70 24.36
CA VAL K 235 24.86 -1.35 23.56
C VAL K 235 24.06 -2.58 23.26
N SER K 236 22.76 -2.51 23.41
CA SER K 236 21.92 -3.66 23.09
C SER K 236 20.82 -3.28 22.13
N THR K 237 20.27 -4.24 21.43
CA THR K 237 19.19 -3.96 20.50
C THR K 237 17.86 -4.26 21.14
N VAL K 238 16.92 -3.34 21.02
CA VAL K 238 15.61 -3.59 21.60
C VAL K 238 14.58 -3.50 20.52
N GLN K 239 13.53 -4.30 20.66
CA GLN K 239 12.43 -4.25 19.71
C GLN K 239 11.60 -2.95 19.76
N CYS K 240 11.39 -2.43 20.99
CA CYS K 240 10.56 -1.31 21.32
C CYS K 240 11.11 -0.76 22.65
N THR K 241 10.97 0.54 22.88
CA THR K 241 11.48 1.18 24.09
C THR K 241 10.60 0.84 25.27
N HIS K 242 11.07 1.21 26.46
CA HIS K 242 10.32 1.01 27.67
C HIS K 242 9.21 2.02 27.61
N GLY K 243 8.23 1.92 28.49
CA GLY K 243 7.20 2.93 28.39
C GLY K 243 7.69 4.21 28.98
N ILE K 244 7.42 5.30 28.31
CA ILE K 244 7.79 6.60 28.82
C ILE K 244 6.56 7.38 29.19
N LYS K 245 6.51 7.84 30.43
CA LYS K 245 5.37 8.58 30.87
C LYS K 245 5.48 10.03 30.40
N PRO K 246 4.52 10.56 29.65
CA PRO K 246 4.51 11.90 29.11
C PRO K 246 4.09 12.87 30.19
N VAL K 247 4.93 13.01 31.19
CA VAL K 247 4.62 13.90 32.28
C VAL K 247 4.98 15.28 31.84
N VAL K 248 4.08 16.22 32.03
CA VAL K 248 4.34 17.58 31.63
C VAL K 248 4.62 18.44 32.84
N SER K 249 5.78 19.08 32.83
CA SER K 249 6.18 19.97 33.91
C SER K 249 7.24 20.92 33.41
N THR K 250 7.56 21.94 34.21
CA THR K 250 8.63 22.87 33.83
C THR K 250 9.99 22.66 34.49
N GLN K 251 10.31 23.45 35.49
CA GLN K 251 11.65 23.44 36.05
C GLN K 251 12.08 22.19 36.83
N LEU K 252 11.15 21.43 37.36
CA LEU K 252 11.50 20.19 38.04
C LEU K 252 10.79 19.06 37.33
N LEU K 253 11.55 18.03 37.01
CA LEU K 253 11.06 16.87 36.31
C LEU K 253 10.46 15.93 37.30
N LEU K 254 9.27 15.46 37.03
CA LEU K 254 8.60 14.56 37.94
C LEU K 254 8.40 13.20 37.32
N ASN K 255 8.42 12.16 38.18
CA ASN K 255 8.11 10.75 37.93
C ASN K 255 8.90 10.14 36.73
N GLY K 256 10.19 10.50 36.56
CA GLY K 256 11.07 9.99 35.50
C GLY K 256 11.95 8.90 36.03
N SER K 257 12.97 8.59 35.26
CA SER K 257 13.91 7.57 35.63
C SER K 257 15.01 8.16 36.48
N LEU K 258 15.52 7.37 37.41
CA LEU K 258 16.65 7.78 38.21
C LEU K 258 17.90 7.19 37.68
N ALA K 259 19.00 7.87 37.91
CA ALA K 259 20.32 7.42 37.54
C ALA K 259 20.65 6.20 38.38
N GLU K 260 21.38 5.26 37.81
CA GLU K 260 21.73 4.05 38.54
C GLU K 260 22.70 4.24 39.68
N GLU K 261 23.68 5.11 39.51
CA GLU K 261 24.71 5.27 40.53
C GLU K 261 24.94 6.68 41.04
N GLU K 262 25.11 7.63 40.13
CA GLU K 262 25.50 8.99 40.49
C GLU K 262 24.61 10.00 39.85
N VAL K 263 24.61 11.19 40.39
CA VAL K 263 23.89 12.26 39.73
C VAL K 263 24.63 12.58 38.44
N ILE K 264 23.90 12.65 37.34
CA ILE K 264 24.53 12.92 36.05
C ILE K 264 24.12 14.23 35.47
N ILE K 265 25.10 15.03 35.11
CA ILE K 265 24.80 16.30 34.51
C ILE K 265 25.04 16.28 33.02
N ARG K 266 23.98 16.50 32.26
CA ARG K 266 24.06 16.42 30.82
C ARG K 266 23.80 17.77 30.16
N SER K 267 24.66 18.16 29.26
CA SER K 267 24.48 19.41 28.56
C SER K 267 25.08 19.32 27.20
N GLU K 268 24.41 19.89 26.20
CA GLU K 268 24.97 19.88 24.85
C GLU K 268 26.37 20.49 24.80
N ASN K 269 26.57 21.60 25.54
CA ASN K 269 27.80 22.35 25.69
C ASN K 269 27.79 22.96 27.11
N ILE K 270 28.49 22.33 28.08
CA ILE K 270 28.45 22.72 29.49
C ILE K 270 29.04 24.11 29.75
N THR K 271 29.97 24.54 28.90
CA THR K 271 30.59 25.84 29.06
C THR K 271 29.84 26.95 28.31
N ASN K 272 28.76 26.61 27.62
CA ASN K 272 27.97 27.59 26.89
C ASN K 272 26.77 27.95 27.75
N ASN K 273 26.72 29.17 28.26
CA ASN K 273 25.65 29.52 29.19
C ASN K 273 24.30 29.68 28.52
N ALA K 274 24.26 29.57 27.21
CA ALA K 274 23.02 29.66 26.47
C ALA K 274 22.29 28.32 26.44
N LYS K 275 22.91 27.26 26.93
CA LYS K 275 22.31 25.94 26.91
C LYS K 275 21.69 25.57 28.23
N ASN K 276 20.68 24.71 28.22
CA ASN K 276 20.12 24.24 29.46
C ASN K 276 20.89 23.03 29.93
N ILE K 277 20.94 22.86 31.23
CA ILE K 277 21.59 21.74 31.85
C ILE K 277 20.56 20.80 32.43
N LEU K 278 20.61 19.55 32.01
CA LEU K 278 19.65 18.57 32.50
C LEU K 278 20.30 17.73 33.57
N VAL K 279 19.75 17.75 34.76
CA VAL K 279 20.37 17.01 35.83
C VAL K 279 19.52 15.84 36.24
N GLN K 280 20.06 14.64 36.12
CA GLN K 280 19.35 13.44 36.51
C GLN K 280 19.78 13.00 37.89
N LEU K 281 18.83 12.80 38.77
CA LEU K 281 19.17 12.42 40.13
C LEU K 281 19.27 10.93 40.26
N ASN K 282 20.05 10.45 41.22
CA ASN K 282 20.14 9.03 41.50
C ASN K 282 19.26 8.60 42.68
N THR K 283 18.57 9.57 43.26
CA THR K 283 17.65 9.36 44.37
C THR K 283 16.48 10.28 44.13
N PRO K 284 15.24 9.92 44.48
CA PRO K 284 14.09 10.76 44.37
C PRO K 284 14.02 11.75 45.50
N VAL K 285 13.36 12.87 45.27
CA VAL K 285 12.98 13.74 46.38
C VAL K 285 11.47 13.74 46.39
N GLN K 286 10.87 13.35 47.50
CA GLN K 286 9.43 13.29 47.49
C GLN K 286 8.83 14.65 47.68
N ILE K 287 7.84 14.99 46.85
CA ILE K 287 7.12 16.25 46.96
C ILE K 287 5.60 16.00 47.14
N ASN K 288 5.01 16.62 48.19
CA ASN K 288 3.60 16.53 48.59
C ASN K 288 2.87 17.84 48.24
N CYS K 289 1.93 17.82 47.25
CA CYS K 289 1.22 19.01 46.79
C CYS K 289 -0.25 18.94 47.12
N THR K 290 -0.80 20.05 47.56
CA THR K 290 -2.21 20.10 47.89
C THR K 290 -2.89 21.44 47.71
N ARG K 291 -4.18 21.35 47.48
CA ARG K 291 -5.06 22.50 47.42
C ARG K 291 -6.15 22.28 48.46
N PRO K 292 -5.97 22.77 49.69
CA PRO K 292 -6.77 22.50 50.87
C PRO K 292 -8.04 23.32 50.93
N ASN K 293 -8.84 23.27 49.89
CA ASN K 293 -10.07 24.04 49.80
C ASN K 293 -11.14 23.13 49.26
N ASN K 294 -12.28 22.96 49.97
CA ASN K 294 -13.35 22.05 49.58
C ASN K 294 -14.29 22.76 48.58
N ASN K 295 -14.12 22.44 47.27
CA ASN K 295 -14.83 23.05 46.16
C ASN K 295 -16.13 22.37 45.85
N THR K 296 -17.17 23.17 45.73
CA THR K 296 -18.47 22.66 45.33
C THR K 296 -18.62 23.02 43.90
N VAL K 297 -18.76 22.02 43.05
CA VAL K 297 -18.83 22.22 41.63
C VAL K 297 -20.24 22.07 41.10
N LYS K 298 -20.65 23.05 40.33
CA LYS K 298 -21.95 23.15 39.73
C LYS K 298 -21.86 23.20 38.22
N SER K 299 -22.96 22.95 37.55
CA SER K 299 -22.93 23.06 36.12
C SER K 299 -24.22 23.59 35.56
N ILE K 300 -24.11 24.19 34.40
CA ILE K 300 -25.24 24.71 33.66
C ILE K 300 -25.21 24.28 32.23
N ARG K 301 -26.35 24.32 31.59
CA ARG K 301 -26.32 24.09 30.16
C ARG K 301 -26.16 25.42 29.49
N ILE K 302 -25.29 25.48 28.50
CA ILE K 302 -25.08 26.70 27.74
C ILE K 302 -25.50 26.48 26.32
N GLY K 303 -25.86 25.25 26.00
CA GLY K 303 -26.29 24.95 24.66
C GLY K 303 -26.95 23.58 24.58
N PRO K 304 -27.23 23.10 23.39
CA PRO K 304 -27.95 21.88 23.11
C PRO K 304 -27.16 20.65 23.47
N GLY K 305 -27.22 20.29 24.75
CA GLY K 305 -26.48 19.16 25.28
C GLY K 305 -25.08 19.55 25.68
N GLN K 306 -24.86 20.84 25.80
CA GLN K 306 -23.54 21.34 26.13
C GLN K 306 -23.47 21.90 27.53
N ALA K 307 -22.76 21.19 28.40
CA ALA K 307 -22.65 21.60 29.79
C ALA K 307 -21.32 22.26 30.10
N PHE K 308 -21.40 23.28 30.92
CA PHE K 308 -20.28 24.04 31.45
C PHE K 308 -20.11 23.80 32.93
N TYR K 309 -18.87 23.55 33.35
CA TYR K 309 -18.62 23.30 34.76
C TYR K 309 -17.89 24.43 35.44
N TYR K 310 -18.29 24.74 36.66
CA TYR K 310 -17.65 25.82 37.38
C TYR K 310 -17.68 25.66 38.88
N THR K 311 -16.79 26.37 39.57
CA THR K 311 -16.82 26.32 41.01
C THR K 311 -17.94 27.21 41.44
N GLY K 312 -18.83 26.65 42.23
CA GLY K 312 -19.99 27.35 42.72
C GLY K 312 -19.56 28.11 43.93
N ASP K 313 -19.02 27.38 44.88
CA ASP K 313 -18.56 28.02 46.09
C ASP K 313 -17.50 27.17 46.79
N ILE K 314 -16.98 27.70 47.89
CA ILE K 314 -15.99 27.02 48.73
C ILE K 314 -16.50 26.82 50.14
N ILE K 315 -16.38 25.60 50.60
CA ILE K 315 -16.78 25.22 51.92
C ILE K 315 -15.60 25.35 52.84
N GLY K 316 -15.76 26.16 53.86
CA GLY K 316 -14.69 26.42 54.81
C GLY K 316 -13.82 27.58 54.36
N ASP K 317 -12.71 27.72 55.06
CA ASP K 317 -11.76 28.83 54.90
C ASP K 317 -11.00 28.77 53.59
N ILE K 318 -10.54 29.91 53.12
CA ILE K 318 -9.76 29.96 51.90
C ILE K 318 -8.26 30.12 52.16
N ARG K 319 -7.52 29.11 51.72
CA ARG K 319 -6.08 28.99 51.96
C ARG K 319 -5.32 28.78 50.67
N GLN K 320 -4.05 29.12 50.68
CA GLN K 320 -3.22 28.96 49.50
C GLN K 320 -2.74 27.54 49.30
N ALA K 321 -2.78 27.10 48.04
CA ALA K 321 -2.28 25.79 47.64
C ALA K 321 -0.77 25.80 47.83
N HIS K 322 -0.21 24.66 48.16
CA HIS K 322 1.22 24.61 48.38
C HIS K 322 1.82 23.21 48.21
N CYS K 323 3.17 23.13 48.08
CA CYS K 323 3.93 21.88 48.00
C CYS K 323 5.03 21.81 49.05
N ASN K 324 5.22 20.62 49.61
CA ASN K 324 6.26 20.40 50.61
C ASN K 324 7.33 19.40 50.13
N VAL K 325 8.60 19.69 50.51
CA VAL K 325 9.73 18.75 50.37
C VAL K 325 10.46 18.72 51.70
N SER K 326 11.16 17.63 51.99
CA SER K 326 11.97 17.56 53.19
C SER K 326 13.14 18.49 53.08
N LYS K 327 13.39 19.29 54.11
CA LYS K 327 14.48 20.25 54.03
C LYS K 327 15.83 19.58 53.91
N ALA K 328 16.07 18.56 54.73
CA ALA K 328 17.36 17.91 54.67
C ALA K 328 17.54 17.14 53.39
N THR K 329 16.48 16.50 52.90
CA THR K 329 16.63 15.71 51.69
C THR K 329 16.99 16.62 50.54
N TRP K 330 16.29 17.75 50.46
CA TRP K 330 16.57 18.69 49.42
C TRP K 330 18.01 19.22 49.49
N ASN K 331 18.52 19.55 50.71
CA ASN K 331 19.88 20.06 50.92
C ASN K 331 20.95 19.04 50.49
N GLU K 332 20.74 17.72 50.77
CA GLU K 332 21.64 16.63 50.37
C GLU K 332 21.65 16.47 48.86
N THR K 333 20.47 16.63 48.25
CA THR K 333 20.35 16.52 46.83
C THR K 333 21.14 17.62 46.17
N LEU K 334 21.03 18.85 46.66
CA LEU K 334 21.81 19.88 46.04
C LEU K 334 23.28 19.64 46.28
N GLY K 335 23.66 19.14 47.44
CA GLY K 335 25.07 18.95 47.66
C GLY K 335 25.65 18.01 46.60
N LYS K 336 24.91 16.96 46.24
CA LYS K 336 25.38 16.06 45.20
C LYS K 336 25.48 16.76 43.86
N VAL K 337 24.54 17.62 43.54
CA VAL K 337 24.58 18.34 42.28
C VAL K 337 25.80 19.26 42.23
N VAL K 338 26.08 19.93 43.33
CA VAL K 338 27.20 20.83 43.41
C VAL K 338 28.49 20.07 43.21
N LYS K 339 28.60 18.92 43.85
CA LYS K 339 29.78 18.09 43.73
C LYS K 339 30.07 17.71 42.30
N GLN K 340 29.02 17.41 41.53
CA GLN K 340 29.21 17.03 40.14
C GLN K 340 29.46 18.25 39.26
N LEU K 341 28.87 19.40 39.59
CA LEU K 341 29.13 20.59 38.80
C LEU K 341 30.60 20.96 38.89
N ARG K 342 31.21 20.73 40.03
CA ARG K 342 32.63 21.06 40.21
C ARG K 342 33.57 20.22 39.34
N LYS K 343 33.04 19.23 38.63
CA LYS K 343 33.86 18.46 37.72
C LYS K 343 33.96 19.14 36.36
N HIS K 344 33.09 20.13 36.11
CA HIS K 344 33.07 20.85 34.84
C HIS K 344 33.56 22.26 35.06
N PHE K 345 33.41 22.70 36.29
CA PHE K 345 33.79 24.01 36.76
C PHE K 345 34.99 23.74 37.64
N GLY K 346 35.59 24.74 38.25
CA GLY K 346 36.79 24.42 39.03
C GLY K 346 36.42 23.82 40.38
N ASN K 347 37.44 23.33 41.13
CA ASN K 347 37.28 22.75 42.47
C ASN K 347 37.12 23.85 43.53
N ASN K 348 38.04 24.85 43.52
CA ASN K 348 38.03 25.97 44.48
C ASN K 348 37.15 27.05 43.91
N THR K 349 35.88 26.74 43.87
CA THR K 349 34.92 27.66 43.29
C THR K 349 33.71 27.83 44.16
N ILE K 350 32.83 28.68 43.68
CA ILE K 350 31.59 28.95 44.34
C ILE K 350 30.41 28.71 43.44
N ILE K 351 29.47 27.92 43.93
CA ILE K 351 28.26 27.63 43.22
C ILE K 351 27.06 28.18 43.92
N ARG K 352 26.36 29.08 43.27
CA ARG K 352 25.23 29.73 43.87
C ARG K 352 23.95 29.40 43.15
N PHE K 353 22.93 29.11 43.94
CA PHE K 353 21.62 28.85 43.39
C PHE K 353 20.73 30.03 43.64
N ALA K 354 19.93 30.35 42.63
CA ALA K 354 19.02 31.47 42.70
C ALA K 354 17.73 31.19 41.96
N GLN K 355 16.71 31.98 42.29
CA GLN K 355 15.38 31.92 41.70
C GLN K 355 15.37 32.42 40.27
N SER K 356 14.34 32.02 39.51
CA SER K 356 14.24 32.47 38.13
C SER K 356 14.20 33.97 38.05
N SER K 357 14.92 34.51 37.08
CA SER K 357 15.06 35.94 36.89
C SER K 357 13.88 36.68 36.29
N GLY K 358 12.98 36.01 35.59
CA GLY K 358 11.87 36.75 35.00
C GLY K 358 11.12 35.96 33.95
N GLY K 359 10.07 36.56 33.42
CA GLY K 359 9.22 35.92 32.42
C GLY K 359 7.84 35.70 33.02
N ASP K 360 6.96 35.06 32.28
CA ASP K 360 5.61 34.90 32.77
C ASP K 360 5.49 33.74 33.74
N LEU K 361 4.29 33.53 34.28
CA LEU K 361 4.08 32.50 35.28
C LEU K 361 4.44 31.13 34.73
N GLU K 362 4.20 30.91 33.46
CA GLU K 362 4.47 29.64 32.81
C GLU K 362 5.95 29.25 32.75
N VAL K 363 6.86 30.21 32.92
CA VAL K 363 8.29 29.88 32.89
C VAL K 363 9.04 30.21 34.17
N THR K 364 8.42 30.94 35.11
CA THR K 364 9.12 31.31 36.34
C THR K 364 8.73 30.43 37.51
N THR K 365 7.79 29.54 37.29
CA THR K 365 7.28 28.67 38.34
C THR K 365 7.39 27.23 37.95
N HIS K 366 7.05 26.37 38.89
CA HIS K 366 7.03 24.96 38.64
C HIS K 366 5.62 24.59 38.29
N SER K 367 5.40 24.31 37.03
CA SER K 367 4.08 23.99 36.57
C SER K 367 3.87 22.52 36.48
N PHE K 368 2.72 22.08 36.95
CA PHE K 368 2.33 20.67 36.84
C PHE K 368 0.84 20.44 36.98
N ASN K 369 0.39 19.30 36.49
CA ASN K 369 -0.98 18.86 36.65
C ASN K 369 -1.12 17.94 37.87
N CYS K 370 -1.85 18.38 38.90
CA CYS K 370 -2.04 17.67 40.18
C CYS K 370 -3.50 17.24 40.29
N GLY K 371 -3.77 16.02 39.91
CA GLY K 371 -5.14 15.53 40.01
C GLY K 371 -6.10 16.20 39.04
N GLY K 372 -5.62 16.75 37.94
CA GLY K 372 -6.46 17.47 37.00
C GLY K 372 -6.39 18.98 37.15
N GLU K 373 -5.86 19.50 38.26
CA GLU K 373 -5.78 20.95 38.40
C GLU K 373 -4.40 21.43 37.99
N PHE K 374 -4.30 22.65 37.53
CA PHE K 374 -3.00 23.16 37.12
C PHE K 374 -2.39 24.14 38.10
N PHE K 375 -1.27 23.71 38.67
CA PHE K 375 -0.50 24.41 39.68
C PHE K 375 0.68 25.11 39.11
N TYR K 376 0.97 26.29 39.66
CA TYR K 376 2.13 27.13 39.33
C TYR K 376 2.87 27.54 40.61
N CYS K 377 3.83 26.71 41.09
CA CYS K 377 4.48 26.82 42.39
C CYS K 377 5.76 27.64 42.35
N ASN K 378 5.93 28.45 43.36
CA ASN K 378 7.10 29.31 43.52
C ASN K 378 8.23 28.54 44.22
N THR K 379 9.34 28.30 43.50
CA THR K 379 10.51 27.51 43.89
C THR K 379 11.65 28.34 44.44
N SER K 380 11.42 29.61 44.74
CA SER K 380 12.51 30.41 45.28
C SER K 380 13.01 29.83 46.59
N GLY K 381 12.16 29.10 47.31
CA GLY K 381 12.54 28.49 48.56
C GLY K 381 13.43 27.26 48.38
N LEU K 382 13.56 26.78 47.14
CA LEU K 382 14.40 25.63 46.86
C LEU K 382 15.76 26.04 46.34
N PHE K 383 15.84 27.19 45.69
CA PHE K 383 17.10 27.63 45.08
C PHE K 383 17.59 28.95 45.62
N ASN K 384 18.03 28.95 46.89
CA ASN K 384 18.48 30.14 47.63
C ASN K 384 19.65 29.76 48.55
N SER K 385 20.86 29.53 47.98
CA SER K 385 22.05 29.13 48.76
C SER K 385 23.35 29.36 48.03
N THR K 386 24.44 29.48 48.80
CA THR K 386 25.75 29.58 48.20
C THR K 386 26.67 28.51 48.76
N TRP K 387 27.25 27.74 47.87
CA TRP K 387 28.13 26.65 48.22
C TRP K 387 29.57 27.02 47.95
N ILE K 388 30.38 27.10 49.00
CA ILE K 388 31.77 27.51 48.84
C ILE K 388 32.72 26.37 49.19
N SER K 389 33.64 25.99 48.25
CA SER K 389 34.66 24.92 48.35
C SER K 389 34.45 23.90 49.51
N ASN K 402 12.05 17.63 62.07
CA ASN K 402 11.57 17.25 60.75
C ASN K 402 11.03 18.48 59.98
N ASP K 403 11.98 19.37 59.58
CA ASP K 403 11.71 20.58 58.79
C ASP K 403 11.35 20.28 57.35
N SER K 404 10.57 21.16 56.76
CA SER K 404 10.20 21.05 55.37
C SER K 404 10.16 22.42 54.76
N ILE K 405 10.23 22.44 53.45
CA ILE K 405 10.16 23.68 52.71
C ILE K 405 8.82 23.76 52.05
N THR K 406 8.08 24.83 52.34
CA THR K 406 6.77 24.99 51.75
C THR K 406 6.81 26.02 50.65
N LEU K 407 6.35 25.60 49.50
CA LEU K 407 6.30 26.39 48.31
C LEU K 407 4.86 26.82 48.08
N PRO K 408 4.52 28.11 48.03
CA PRO K 408 3.17 28.58 47.79
C PRO K 408 2.92 28.32 46.32
N CYS K 409 1.65 28.04 45.93
CA CYS K 409 1.24 27.77 44.55
C CYS K 409 0.02 28.56 44.10
N ARG K 410 0.02 28.94 42.84
CA ARG K 410 -1.12 29.61 42.24
C ARG K 410 -1.89 28.59 41.42
N ILE K 411 -3.19 28.78 41.26
CA ILE K 411 -3.99 27.89 40.43
C ILE K 411 -4.62 28.62 39.26
N LYS K 412 -4.56 28.04 38.07
CA LYS K 412 -5.22 28.68 36.91
C LYS K 412 -6.13 27.72 36.20
N GLN K 413 -7.29 28.21 35.73
CA GLN K 413 -8.16 27.36 34.95
C GLN K 413 -7.98 27.55 33.47
N ILE K 414 -7.55 28.73 33.01
CA ILE K 414 -7.43 28.98 31.54
C ILE K 414 -5.95 28.90 31.15
N ILE K 415 -5.52 27.79 30.53
CA ILE K 415 -4.12 27.59 30.25
C ILE K 415 -3.86 27.37 28.78
N ASN K 416 -2.62 27.56 28.34
CA ASN K 416 -2.26 27.32 26.91
C ASN K 416 -1.52 26.00 26.70
N MET K 417 -1.02 25.36 27.76
CA MET K 417 -0.25 24.10 27.69
C MET K 417 1.04 24.13 26.94
N TRP K 418 0.93 24.31 25.66
CA TRP K 418 2.07 24.29 24.80
C TRP K 418 2.39 25.73 24.58
N GLN K 419 3.61 26.07 24.22
CA GLN K 419 3.85 27.49 23.99
C GLN K 419 3.33 27.92 22.63
N ARG K 420 2.02 28.10 22.60
CA ARG K 420 1.26 28.43 21.42
C ARG K 420 0.38 29.62 21.69
N ILE K 421 -0.05 30.27 20.63
CA ILE K 421 -0.89 31.47 20.74
C ILE K 421 -2.37 31.27 20.47
N GLY K 422 -2.70 30.44 19.49
CA GLY K 422 -4.07 30.32 18.99
C GLY K 422 -4.98 29.31 19.69
N GLN K 423 -4.53 28.73 20.78
CA GLN K 423 -5.33 27.74 21.47
C GLN K 423 -5.36 28.04 22.96
N ALA K 424 -6.49 27.73 23.60
CA ALA K 424 -6.63 27.95 25.06
C ALA K 424 -7.63 26.95 25.61
N MET K 425 -7.29 26.28 26.71
CA MET K 425 -8.15 25.27 27.28
C MET K 425 -8.64 25.67 28.63
N TYR K 426 -9.89 25.37 28.90
CA TYR K 426 -10.44 25.60 30.22
C TYR K 426 -10.46 24.29 30.97
N ALA K 427 -9.84 24.30 32.12
CA ALA K 427 -9.81 23.12 32.95
C ALA K 427 -10.98 23.18 33.91
N PRO K 428 -11.94 22.25 33.86
CA PRO K 428 -13.07 22.24 34.73
C PRO K 428 -12.51 22.11 36.10
N PRO K 429 -13.14 22.67 37.12
CA PRO K 429 -12.77 22.53 38.49
C PRO K 429 -13.10 21.16 38.97
N ILE K 430 -12.37 20.71 39.95
CA ILE K 430 -12.63 19.44 40.58
C ILE K 430 -13.19 19.53 41.98
N GLN K 431 -14.28 18.79 42.15
CA GLN K 431 -15.02 18.67 43.40
C GLN K 431 -14.18 18.13 44.54
N GLY K 432 -14.25 18.79 45.70
CA GLY K 432 -13.51 18.33 46.86
C GLY K 432 -12.17 19.00 47.05
N VAL K 433 -11.26 18.26 47.72
CA VAL K 433 -9.94 18.71 48.12
C VAL K 433 -8.91 17.84 47.43
N ILE K 434 -7.87 18.47 46.89
CA ILE K 434 -6.88 17.71 46.12
C ILE K 434 -5.53 17.57 46.72
N ARG K 435 -5.05 16.34 46.72
CA ARG K 435 -3.71 16.02 47.17
C ARG K 435 -3.09 15.03 46.18
N CYS K 436 -1.80 15.25 45.80
CA CYS K 436 -1.02 14.39 44.92
C CYS K 436 0.41 14.28 45.47
N VAL K 437 1.00 13.11 45.30
CA VAL K 437 2.36 12.89 45.73
C VAL K 437 3.18 12.41 44.57
N SER K 438 4.31 13.05 44.35
CA SER K 438 5.17 12.70 43.23
C SER K 438 6.65 12.73 43.60
N ASN K 439 7.51 12.15 42.73
CA ASN K 439 8.96 12.11 42.91
C ASN K 439 9.64 13.11 41.99
N ILE K 440 10.59 13.91 42.51
CA ILE K 440 11.44 14.80 41.74
C ILE K 440 12.59 13.93 41.33
N THR K 441 12.77 13.77 40.04
CA THR K 441 13.78 12.88 39.51
C THR K 441 14.86 13.61 38.75
N GLY K 442 14.70 14.91 38.65
CA GLY K 442 15.66 15.72 37.93
C GLY K 442 15.29 17.18 37.89
N LEU K 443 16.27 17.97 37.50
CA LEU K 443 16.15 19.41 37.44
C LEU K 443 16.53 19.99 36.09
N ILE K 444 15.93 21.11 35.70
CA ILE K 444 16.44 21.82 34.54
C ILE K 444 17.00 23.13 34.99
N LEU K 445 18.30 23.30 34.83
CA LEU K 445 18.99 24.50 35.29
C LEU K 445 19.62 25.29 34.16
N THR K 446 19.77 26.58 34.34
CA THR K 446 20.48 27.40 33.37
C THR K 446 21.60 28.06 34.12
N ARG K 447 22.55 28.61 33.41
CA ARG K 447 23.67 29.26 34.08
C ARG K 447 23.82 30.69 33.57
N ASP K 448 24.17 31.65 34.47
CA ASP K 448 24.40 33.06 34.14
C ASP K 448 25.66 33.20 33.28
N THR K 455 35.17 35.20 39.98
CA THR K 455 34.57 33.89 39.86
C THR K 455 33.14 33.94 40.47
N THR K 456 32.54 32.75 40.69
CA THR K 456 31.21 32.40 41.20
C THR K 456 30.23 32.17 40.08
N GLU K 457 29.80 30.93 39.94
CA GLU K 457 28.83 30.59 38.91
C GLU K 457 27.46 30.59 39.55
N THR K 458 26.48 31.11 38.83
CA THR K 458 25.12 31.11 39.33
C THR K 458 24.21 30.31 38.44
N PHE K 459 23.46 29.43 39.09
CA PHE K 459 22.52 28.54 38.43
C PHE K 459 21.10 28.87 38.84
N ARG K 460 20.19 28.82 37.88
CA ARG K 460 18.80 29.14 38.12
C ARG K 460 17.91 28.08 37.47
N PRO K 461 16.71 27.83 37.96
CA PRO K 461 15.75 26.99 37.31
C PRO K 461 15.35 27.52 35.95
N GLY K 462 15.16 26.62 35.00
CA GLY K 462 14.71 26.91 33.63
C GLY K 462 13.58 25.96 33.23
N GLY K 463 13.70 25.31 32.08
CA GLY K 463 12.71 24.30 31.67
C GLY K 463 11.51 24.74 30.85
N GLY K 464 11.52 25.94 30.28
CA GLY K 464 10.36 26.35 29.48
C GLY K 464 10.06 25.46 28.25
N ASP K 465 11.10 24.90 27.61
CA ASP K 465 10.93 24.06 26.42
C ASP K 465 10.71 22.58 26.76
N MET K 466 9.53 22.09 26.41
CA MET K 466 9.09 20.72 26.69
C MET K 466 9.94 19.63 26.12
N ARG K 467 10.68 19.93 25.07
CA ARG K 467 11.49 18.89 24.49
C ARG K 467 12.56 18.43 25.47
N ASP K 468 12.94 19.25 26.44
CA ASP K 468 13.93 18.84 27.39
C ASP K 468 13.38 17.77 28.33
N ASN K 469 12.07 17.75 28.56
CA ASN K 469 11.58 16.76 29.48
C ASN K 469 11.68 15.43 28.83
N TRP K 470 11.40 15.41 27.54
CA TRP K 470 11.43 14.17 26.83
C TRP K 470 12.84 13.68 26.56
N ARG K 471 13.79 14.60 26.44
CA ARG K 471 15.17 14.19 26.28
C ARG K 471 15.68 13.42 27.49
N SER K 472 15.19 13.77 28.67
CA SER K 472 15.67 13.12 29.88
C SER K 472 15.33 11.63 29.91
N GLU K 473 14.38 11.18 29.10
CA GLU K 473 14.03 9.76 29.06
C GLU K 473 14.56 9.10 27.79
N LEU K 474 14.58 9.83 26.68
CA LEU K 474 14.99 9.27 25.40
C LEU K 474 16.48 9.31 25.10
N TYR K 475 17.28 9.92 25.95
CA TYR K 475 18.72 10.02 25.71
C TYR K 475 19.43 8.69 25.47
N LYS K 476 18.89 7.60 25.95
CA LYS K 476 19.58 6.33 25.81
C LYS K 476 19.20 5.57 24.55
N TYR K 477 18.30 6.10 23.73
CA TYR K 477 17.90 5.36 22.53
C TYR K 477 18.35 5.99 21.22
N LYS K 478 18.71 5.15 20.26
CA LYS K 478 19.08 5.61 18.92
C LYS K 478 18.39 4.79 17.83
N VAL K 479 18.00 5.41 16.73
CA VAL K 479 17.41 4.67 15.63
C VAL K 479 18.34 4.49 14.47
N VAL K 480 18.50 3.24 14.03
CA VAL K 480 19.35 2.96 12.89
C VAL K 480 18.60 2.14 11.86
N LYS K 481 19.06 2.22 10.61
CA LYS K 481 18.52 1.47 9.49
C LYS K 481 19.40 0.29 9.21
N ILE K 482 18.80 -0.83 8.89
CA ILE K 482 19.58 -2.00 8.59
C ILE K 482 19.92 -2.03 7.12
N GLU K 483 21.19 -2.27 6.82
CA GLU K 483 21.71 -2.31 5.47
C GLU K 483 22.31 -3.70 5.22
N PRO K 484 21.49 -4.70 4.88
CA PRO K 484 21.82 -6.10 4.82
C PRO K 484 22.71 -6.53 3.67
N LEU K 485 22.90 -5.67 2.69
CA LEU K 485 23.68 -6.09 1.53
C LEU K 485 25.09 -5.56 1.56
N GLY K 486 26.05 -6.39 1.22
CA GLY K 486 27.42 -5.92 1.14
C GLY K 486 28.33 -6.91 0.44
N VAL K 487 29.57 -6.52 0.22
CA VAL K 487 30.51 -7.38 -0.49
C VAL K 487 31.82 -7.50 0.25
N ALA K 488 32.56 -8.55 -0.05
CA ALA K 488 33.90 -8.78 0.49
C ALA K 488 34.65 -9.76 -0.42
N PRO K 489 35.97 -9.73 -0.51
CA PRO K 489 36.75 -10.68 -1.26
C PRO K 489 36.80 -12.05 -0.63
N THR K 490 36.76 -13.09 -1.46
CA THR K 490 36.92 -14.48 -1.07
C THR K 490 37.71 -15.18 -2.15
N ARG K 491 38.01 -16.46 -1.98
CA ARG K 491 38.68 -17.18 -3.09
C ARG K 491 37.71 -17.95 -4.03
N CYS K 492 36.39 -17.71 -3.93
CA CYS K 492 35.30 -18.37 -4.65
C CYS K 492 34.94 -17.65 -5.94
N LYS K 493 34.96 -18.36 -7.06
CA LYS K 493 34.55 -17.75 -8.33
C LYS K 493 33.62 -18.71 -9.04
N ARG K 494 32.66 -18.20 -9.85
CA ARG K 494 31.72 -19.03 -10.63
C ARG K 494 32.47 -19.98 -11.60
N LEU L 9 22.64 -14.90 19.47
CA LEU L 9 21.95 -15.72 18.47
C LEU L 9 20.70 -15.06 17.84
N GLY L 10 20.24 -13.91 18.37
CA GLY L 10 19.08 -13.16 17.88
C GLY L 10 19.50 -12.14 16.85
N PHE L 11 18.57 -11.29 16.48
CA PHE L 11 18.82 -10.27 15.48
C PHE L 11 19.97 -9.36 15.86
N LEU L 12 20.95 -9.26 14.97
CA LEU L 12 22.18 -8.48 15.13
C LEU L 12 23.06 -8.97 16.26
N GLY L 13 22.82 -10.16 16.77
CA GLY L 13 23.62 -10.68 17.85
C GLY L 13 25.10 -10.80 17.49
N ALA L 14 25.36 -11.06 16.23
CA ALA L 14 26.71 -11.24 15.71
C ALA L 14 27.32 -9.95 15.23
N ALA L 15 26.67 -8.83 15.45
CA ALA L 15 27.20 -7.57 14.95
C ALA L 15 28.59 -7.29 15.48
N GLY L 16 28.92 -7.72 16.67
CA GLY L 16 30.27 -7.46 17.19
C GLY L 16 31.28 -8.57 16.86
N SER L 17 30.84 -9.60 16.15
CA SER L 17 31.69 -10.74 15.82
C SER L 17 32.48 -10.47 14.56
N THR L 18 33.48 -11.30 14.30
CA THR L 18 34.23 -11.09 13.09
C THR L 18 33.42 -11.51 11.89
N MET L 19 33.83 -11.07 10.72
CA MET L 19 33.10 -11.33 9.50
C MET L 19 32.89 -12.80 9.23
N GLY L 20 33.89 -13.61 9.52
CA GLY L 20 33.79 -15.03 9.24
C GLY L 20 32.83 -15.77 10.16
N ALA L 21 32.42 -15.12 11.25
CA ALA L 21 31.50 -15.73 12.19
C ALA L 21 30.11 -15.19 11.96
N ALA L 22 30.04 -13.90 11.69
CA ALA L 22 28.79 -13.20 11.49
C ALA L 22 28.11 -13.72 10.25
N SER L 23 28.89 -14.17 9.28
CA SER L 23 28.39 -14.71 8.01
C SER L 23 27.55 -15.95 8.19
N MET L 24 27.57 -16.56 9.37
CA MET L 24 26.74 -17.74 9.60
C MET L 24 25.34 -17.41 10.13
N THR L 25 25.01 -16.13 10.26
CA THR L 25 23.70 -15.71 10.80
C THR L 25 22.91 -14.93 9.75
N LEU L 26 23.20 -15.12 8.49
CA LEU L 26 22.56 -14.32 7.47
C LEU L 26 21.04 -14.47 7.45
N THR L 27 20.50 -15.62 7.83
CA THR L 27 19.06 -15.78 7.82
C THR L 27 18.40 -15.07 8.98
N VAL L 28 19.18 -14.76 10.01
CA VAL L 28 18.64 -14.12 11.19
C VAL L 28 18.31 -12.71 10.84
N GLN L 29 19.20 -12.06 10.11
CA GLN L 29 18.92 -10.70 9.71
C GLN L 29 17.96 -10.66 8.53
N ALA L 30 18.05 -11.57 7.57
CA ALA L 30 17.16 -11.48 6.42
C ALA L 30 15.69 -11.56 6.83
N ARG L 31 15.38 -12.37 7.83
CA ARG L 31 13.99 -12.53 8.23
C ARG L 31 13.43 -11.39 9.03
N ASN L 32 14.24 -10.43 9.40
CA ASN L 32 13.76 -9.29 10.15
C ASN L 32 13.63 -8.05 9.29
N LEU L 33 13.66 -8.24 7.98
CA LEU L 33 13.46 -7.12 7.09
C LEU L 33 11.98 -6.93 6.76
N LEU L 34 11.21 -8.01 6.85
CA LEU L 34 9.78 -7.95 6.57
C LEU L 34 9.03 -8.28 7.85
N SER L 35 8.16 -7.36 8.33
CA SER L 35 7.37 -7.45 9.58
C SER L 35 8.19 -8.05 10.75
N HIS L 59 -3.47 12.97 8.97
CA HIS L 59 -4.39 11.96 9.46
C HIS L 59 -3.59 10.87 10.21
N TRP L 60 -4.12 10.43 11.39
CA TRP L 60 -3.48 9.43 12.25
C TRP L 60 -3.53 8.07 11.56
N GLY L 61 -2.41 7.36 11.59
CA GLY L 61 -2.33 6.06 10.95
C GLY L 61 -1.71 6.14 9.56
N ILE L 62 -1.58 7.34 9.00
CA ILE L 62 -1.01 7.44 7.67
C ILE L 62 0.48 7.36 7.74
N LYS L 63 1.10 7.99 8.72
CA LYS L 63 2.54 7.90 8.75
C LYS L 63 2.99 6.43 8.91
N GLN L 64 2.18 5.59 9.57
CA GLN L 64 2.52 4.20 9.73
C GLN L 64 2.33 3.44 8.43
N LEU L 65 1.29 3.82 7.68
CA LEU L 65 1.01 3.21 6.40
C LEU L 65 2.16 3.56 5.46
N GLN L 66 2.64 4.79 5.52
CA GLN L 66 3.73 5.20 4.67
C GLN L 66 4.98 4.42 5.01
N ALA L 67 5.22 4.21 6.30
CA ALA L 67 6.40 3.46 6.69
C ALA L 67 6.36 2.04 6.15
N ARG L 68 5.19 1.40 6.17
CA ARG L 68 5.14 0.04 5.65
C ARG L 68 5.39 0.01 4.16
N VAL L 69 4.83 0.97 3.43
CA VAL L 69 5.04 0.99 2.00
C VAL L 69 6.49 1.21 1.67
N LEU L 70 7.12 2.13 2.38
CA LEU L 70 8.50 2.44 2.11
C LEU L 70 9.39 1.24 2.40
N ALA L 71 9.12 0.53 3.50
CA ALA L 71 9.94 -0.62 3.82
C ALA L 71 9.86 -1.65 2.72
N VAL L 72 8.68 -1.83 2.13
CA VAL L 72 8.56 -2.77 1.03
C VAL L 72 9.32 -2.31 -0.17
N GLU L 73 9.24 -1.03 -0.53
CA GLU L 73 9.97 -0.60 -1.71
C GLU L 73 11.46 -0.77 -1.50
N HIS L 74 11.95 -0.50 -0.30
CA HIS L 74 13.37 -0.66 -0.05
C HIS L 74 13.77 -2.11 -0.27
N TYR L 75 13.00 -3.02 0.32
CA TYR L 75 13.28 -4.43 0.23
C TYR L 75 13.35 -4.87 -1.21
N LEU L 76 12.37 -4.47 -2.00
CA LEU L 76 12.35 -4.89 -3.37
C LEU L 76 13.52 -4.34 -4.15
N ARG L 77 14.00 -3.14 -3.85
CA ARG L 77 15.14 -2.66 -4.62
C ARG L 77 16.34 -3.54 -4.38
N ASP L 78 16.54 -3.99 -3.14
CA ASP L 78 17.70 -4.85 -2.93
C ASP L 78 17.51 -6.18 -3.63
N GLN L 79 16.29 -6.69 -3.66
CA GLN L 79 16.12 -7.96 -4.33
C GLN L 79 16.29 -7.81 -5.83
N GLN L 80 15.86 -6.69 -6.39
CA GLN L 80 16.02 -6.47 -7.81
C GLN L 80 17.46 -6.45 -8.15
N LEU L 81 18.24 -5.82 -7.30
CA LEU L 81 19.65 -5.67 -7.55
C LEU L 81 20.34 -7.02 -7.51
N LEU L 82 19.97 -7.88 -6.57
CA LEU L 82 20.58 -9.19 -6.56
C LEU L 82 20.20 -9.92 -7.82
N GLY L 83 18.98 -9.73 -8.30
CA GLY L 83 18.57 -10.36 -9.54
C GLY L 83 19.42 -9.90 -10.72
N ILE L 84 19.67 -8.61 -10.82
CA ILE L 84 20.45 -8.05 -11.89
C ILE L 84 21.85 -8.61 -11.90
N TRP L 85 22.42 -8.81 -10.74
CA TRP L 85 23.77 -9.36 -10.61
C TRP L 85 23.83 -10.88 -10.77
N GLY L 86 22.70 -11.54 -10.91
CA GLY L 86 22.66 -13.00 -11.01
C GLY L 86 22.74 -13.77 -9.68
N CYS L 87 22.34 -13.14 -8.55
CA CYS L 87 22.40 -13.68 -7.20
C CYS L 87 20.99 -13.90 -6.64
N SER L 88 20.01 -13.97 -7.50
CA SER L 88 18.68 -14.16 -7.00
C SER L 88 18.52 -15.48 -6.32
N GLY L 89 17.82 -15.48 -5.20
CA GLY L 89 17.52 -16.72 -4.51
C GLY L 89 18.58 -17.25 -3.56
N LYS L 90 19.69 -16.52 -3.38
CA LYS L 90 20.73 -17.03 -2.49
C LYS L 90 21.31 -15.97 -1.58
N LEU L 91 21.80 -16.37 -0.41
CA LEU L 91 22.36 -15.39 0.50
C LEU L 91 23.86 -15.19 0.30
N ILE L 92 24.54 -16.21 -0.22
CA ILE L 92 25.98 -16.12 -0.51
C ILE L 92 26.17 -16.35 -1.99
N CYS L 93 26.66 -15.36 -2.74
CA CYS L 93 26.80 -15.43 -4.19
C CYS L 93 28.20 -15.12 -4.69
N CYS L 94 28.76 -16.09 -5.36
CA CYS L 94 30.09 -15.93 -5.91
C CYS L 94 29.90 -15.34 -7.29
N THR L 95 30.83 -14.47 -7.71
CA THR L 95 30.74 -13.80 -8.99
C THR L 95 32.02 -13.98 -9.77
N ASN L 96 32.10 -13.34 -10.93
CA ASN L 96 33.31 -13.38 -11.76
C ASN L 96 34.05 -12.05 -11.77
N VAL L 97 33.75 -11.15 -10.85
CA VAL L 97 34.45 -9.89 -10.83
C VAL L 97 35.63 -9.99 -9.91
N PRO L 98 36.86 -9.75 -10.35
CA PRO L 98 38.07 -9.86 -9.58
C PRO L 98 38.09 -8.76 -8.57
N TRP L 99 38.72 -8.99 -7.46
CA TRP L 99 38.89 -7.98 -6.45
C TRP L 99 40.11 -7.14 -6.78
N ASN L 100 39.97 -5.82 -6.72
CA ASN L 100 41.05 -4.85 -6.95
C ASN L 100 41.71 -4.48 -5.62
N SER L 101 43.04 -4.55 -5.55
CA SER L 101 43.83 -4.23 -4.36
C SER L 101 43.74 -2.74 -4.03
N SER L 102 43.31 -1.95 -5.00
CA SER L 102 43.12 -0.53 -4.81
C SER L 102 41.86 -0.24 -4.01
N TRP L 103 40.93 -1.20 -3.91
CA TRP L 103 39.73 -0.99 -3.11
C TRP L 103 40.13 -1.29 -1.70
N SER L 104 40.83 -2.41 -1.54
CA SER L 104 41.34 -2.81 -0.24
C SER L 104 42.46 -3.80 -0.44
N ASN L 105 43.58 -3.57 0.21
CA ASN L 105 44.71 -4.46 0.07
C ASN L 105 44.92 -5.34 1.27
N ARG L 106 43.89 -5.51 2.09
CA ARG L 106 44.02 -6.38 3.24
C ARG L 106 43.99 -7.82 2.74
N ASN L 107 44.66 -8.77 3.44
CA ASN L 107 44.62 -10.19 3.07
C ASN L 107 43.44 -10.90 3.75
N LEU L 108 43.19 -12.19 3.41
CA LEU L 108 42.01 -12.92 3.93
C LEU L 108 42.00 -13.15 5.41
N SER L 109 43.14 -13.42 6.03
CA SER L 109 43.08 -13.61 7.47
C SER L 109 42.78 -12.28 8.14
N GLU L 110 43.42 -11.25 7.62
CA GLU L 110 43.30 -9.89 8.12
C GLU L 110 41.86 -9.41 8.08
N ILE L 111 41.13 -9.83 7.07
CA ILE L 111 39.75 -9.43 6.97
C ILE L 111 38.86 -10.40 7.75
N TRP L 112 38.77 -11.64 7.28
CA TRP L 112 37.72 -12.51 7.74
C TRP L 112 37.82 -12.94 9.19
N ASP L 113 39.02 -13.03 9.73
CA ASP L 113 39.16 -13.42 11.13
C ASP L 113 39.52 -12.28 12.10
N ASN L 114 39.56 -11.00 11.63
CA ASN L 114 39.99 -9.84 12.42
C ASN L 114 38.91 -8.74 12.51
N MET L 115 38.27 -8.38 11.37
CA MET L 115 37.31 -7.28 11.23
C MET L 115 35.89 -7.71 11.44
N THR L 116 35.06 -6.77 11.89
CA THR L 116 33.62 -6.97 11.97
C THR L 116 33.03 -6.43 10.70
N TRP L 117 31.75 -6.72 10.42
CA TRP L 117 31.19 -6.18 9.20
C TRP L 117 31.00 -4.68 9.25
N LEU L 118 30.80 -4.11 10.43
CA LEU L 118 30.63 -2.67 10.49
C LEU L 118 31.92 -1.98 10.08
N GLN L 119 33.05 -2.53 10.53
CA GLN L 119 34.32 -1.93 10.21
C GLN L 119 34.64 -2.07 8.74
N TRP L 120 34.33 -3.23 8.18
CA TRP L 120 34.57 -3.48 6.79
C TRP L 120 33.76 -2.55 5.94
N ASP L 121 32.49 -2.38 6.30
CA ASP L 121 31.64 -1.54 5.51
C ASP L 121 32.15 -0.13 5.48
N LYS L 122 32.69 0.37 6.59
CA LYS L 122 33.22 1.70 6.52
C LYS L 122 34.45 1.76 5.64
N GLU L 123 35.34 0.78 5.74
CA GLU L 123 36.57 0.81 4.96
C GLU L 123 36.38 0.92 3.48
N ILE L 124 35.39 0.21 2.92
CA ILE L 124 35.23 0.10 1.44
C ILE L 124 34.02 0.90 0.94
N SER L 125 33.52 1.85 1.72
CA SER L 125 32.27 2.55 1.34
C SER L 125 32.47 3.34 0.04
N ASN L 126 33.63 3.97 -0.13
CA ASN L 126 33.84 4.85 -1.31
C ASN L 126 33.74 4.01 -2.58
N TYR L 127 34.17 2.76 -2.53
CA TYR L 127 34.45 1.96 -3.74
C TYR L 127 33.26 1.04 -4.03
N THR L 128 32.13 1.28 -3.37
CA THR L 128 30.98 0.35 -3.47
C THR L 128 30.30 0.53 -4.82
N GLN L 129 30.06 1.77 -5.23
CA GLN L 129 29.22 2.00 -6.44
C GLN L 129 30.04 1.69 -7.68
N ILE L 130 31.33 1.47 -7.53
CA ILE L 130 32.17 0.95 -8.58
C ILE L 130 31.95 -0.54 -8.66
N ILE L 131 31.96 -1.19 -7.51
CA ILE L 131 31.80 -2.62 -7.49
C ILE L 131 30.44 -2.99 -8.02
N TYR L 132 29.40 -2.27 -7.63
CA TYR L 132 28.10 -2.64 -8.13
C TYR L 132 28.05 -2.51 -9.63
N GLY L 133 28.63 -1.46 -10.19
CA GLY L 133 28.59 -1.32 -11.63
C GLY L 133 29.29 -2.48 -12.33
N LEU L 134 30.39 -2.94 -11.76
CA LEU L 134 31.10 -4.05 -12.36
C LEU L 134 30.29 -5.33 -12.30
N LEU L 135 29.57 -5.55 -11.22
CA LEU L 135 28.79 -6.76 -11.12
C LEU L 135 27.69 -6.78 -12.16
N GLU L 136 27.06 -5.63 -12.39
CA GLU L 136 26.02 -5.56 -13.41
C GLU L 136 26.55 -5.85 -14.79
N GLU L 137 27.71 -5.30 -15.12
CA GLU L 137 28.25 -5.53 -16.45
C GLU L 137 28.61 -6.98 -16.65
N SER L 138 29.15 -7.60 -15.61
CA SER L 138 29.53 -8.98 -15.72
C SER L 138 28.33 -9.86 -16.01
N GLN L 139 27.22 -9.63 -15.31
CA GLN L 139 26.08 -10.47 -15.55
C GLN L 139 25.54 -10.29 -16.94
N ASN L 140 25.54 -9.07 -17.46
CA ASN L 140 24.98 -8.95 -18.79
C ASN L 140 25.77 -9.75 -19.79
N GLN L 141 27.08 -9.79 -19.64
CA GLN L 141 27.85 -10.56 -20.58
C GLN L 141 27.61 -12.03 -20.40
N GLN L 142 27.46 -12.48 -19.17
CA GLN L 142 27.21 -13.89 -18.96
C GLN L 142 25.90 -14.32 -19.55
N GLU L 143 24.84 -13.55 -19.39
CA GLU L 143 23.57 -13.98 -19.92
C GLU L 143 23.62 -14.04 -21.43
N LYS L 144 24.31 -13.10 -22.05
CA LYS L 144 24.37 -13.14 -23.48
C LYS L 144 25.16 -14.36 -23.95
N ASN L 145 26.23 -14.72 -23.25
CA ASN L 145 26.99 -15.88 -23.68
C ASN L 145 26.17 -17.13 -23.52
N GLU L 146 25.37 -17.23 -22.46
CA GLU L 146 24.59 -18.42 -22.29
C GLU L 146 23.58 -18.54 -23.40
N GLN L 147 22.99 -17.42 -23.81
CA GLN L 147 22.03 -17.47 -24.87
C GLN L 147 22.69 -18.01 -26.14
N ASP L 148 23.90 -17.55 -26.47
CA ASP L 148 24.52 -18.05 -27.69
C ASP L 148 24.84 -19.52 -27.62
N LEU L 149 25.18 -20.01 -26.44
CA LEU L 149 25.52 -21.41 -26.27
C LEU L 149 24.33 -22.32 -26.39
N LEU L 150 23.14 -21.75 -26.39
CA LEU L 150 21.93 -22.51 -26.54
C LEU L 150 21.37 -22.55 -27.97
N GLU L 151 22.11 -22.00 -28.99
CA GLU L 151 21.70 -22.05 -30.39
C GLU L 151 22.05 -23.43 -30.94
N GLU M 1 53.26 -27.80 20.10
CA GLU M 1 53.59 -28.85 19.16
C GLU M 1 52.31 -29.58 18.73
N VAL M 2 52.15 -29.77 17.40
CA VAL M 2 51.06 -30.49 16.79
C VAL M 2 51.36 -31.95 16.67
N GLN M 3 50.43 -32.76 17.15
CA GLN M 3 50.60 -34.18 17.09
C GLN M 3 49.40 -34.85 16.48
N LEU M 4 49.67 -35.76 15.58
CA LEU M 4 48.64 -36.54 14.95
C LEU M 4 49.00 -37.97 15.25
N VAL M 5 48.13 -38.70 15.93
CA VAL M 5 48.49 -40.04 16.30
C VAL M 5 47.55 -41.08 15.78
N GLU M 6 48.05 -41.93 14.90
CA GLU M 6 47.23 -42.97 14.36
C GLU M 6 47.11 -44.09 15.36
N THR M 7 45.92 -44.62 15.49
CA THR M 7 45.65 -45.77 16.34
C THR M 7 44.86 -46.73 15.48
N GLY M 8 45.55 -47.39 14.58
CA GLY M 8 44.90 -48.19 13.57
C GLY M 8 44.78 -49.65 13.91
N GLY M 9 44.50 -50.44 12.88
CA GLY M 9 44.32 -51.88 12.99
C GLY M 9 45.62 -52.60 12.66
N GLY M 10 45.52 -53.90 12.38
CA GLY M 10 46.70 -54.71 12.08
C GLY M 10 46.58 -55.50 10.79
N LEU M 11 46.67 -56.84 10.93
CA LEU M 11 46.60 -57.78 9.83
C LEU M 11 45.16 -58.25 9.66
N VAL M 12 44.66 -58.08 8.46
CA VAL M 12 43.30 -58.40 8.06
C VAL M 12 43.25 -59.22 6.78
N GLN M 13 42.25 -60.08 6.65
CA GLN M 13 42.13 -60.91 5.47
C GLN M 13 41.63 -60.11 4.27
N PRO M 14 41.98 -60.49 3.04
CA PRO M 14 41.48 -59.90 1.83
C PRO M 14 40.00 -59.99 1.81
N GLY M 15 39.34 -58.94 1.38
CA GLY M 15 37.90 -58.93 1.28
C GLY M 15 37.19 -58.55 2.57
N GLY M 16 37.94 -58.25 3.63
CA GLY M 16 37.36 -57.87 4.90
C GLY M 16 37.26 -56.36 5.02
N SER M 17 37.37 -55.86 6.24
CA SER M 17 37.27 -54.44 6.46
C SER M 17 38.17 -54.07 7.62
N LEU M 18 38.63 -52.84 7.62
CA LEU M 18 39.47 -52.36 8.71
C LEU M 18 39.28 -50.88 8.92
N LYS M 19 39.14 -50.48 10.18
CA LYS M 19 38.97 -49.06 10.44
C LYS M 19 40.18 -48.44 11.12
N LEU M 20 40.59 -47.30 10.60
CA LEU M 20 41.66 -46.52 11.17
C LEU M 20 41.09 -45.29 11.81
N SER M 21 41.77 -44.78 12.79
CA SER M 21 41.40 -43.50 13.36
C SER M 21 42.68 -42.80 13.74
N CYS M 22 42.60 -41.46 13.87
CA CYS M 22 43.68 -40.56 14.22
C CYS M 22 43.21 -39.51 15.20
N ARG M 23 43.95 -39.38 16.28
CA ARG M 23 43.64 -38.38 17.27
C ARG M 23 44.51 -37.19 17.07
N ALA M 24 43.94 -36.03 17.19
CA ALA M 24 44.75 -34.85 16.99
C ALA M 24 44.79 -33.97 18.21
N SER M 25 45.91 -33.31 18.39
CA SER M 25 46.07 -32.33 19.45
C SER M 25 47.08 -31.23 19.11
N GLY M 26 46.99 -30.12 19.84
CA GLY M 26 47.93 -29.01 19.71
C GLY M 26 47.50 -27.90 18.73
N TYR M 27 46.33 -28.03 18.14
CA TYR M 27 45.86 -27.03 17.19
C TYR M 27 44.36 -27.06 17.15
N THR M 28 43.76 -26.03 16.57
CA THR M 28 42.33 -26.07 16.47
C THR M 28 41.99 -27.07 15.38
N PHE M 29 41.41 -28.18 15.78
CA PHE M 29 41.14 -29.26 14.87
C PHE M 29 40.20 -28.81 13.78
N SER M 30 39.18 -28.11 14.20
CA SER M 30 38.11 -27.63 13.35
C SER M 30 38.53 -26.61 12.32
N SER M 31 39.74 -26.08 12.41
CA SER M 31 40.18 -25.10 11.43
C SER M 31 40.82 -25.72 10.20
N PHE M 32 41.09 -27.02 10.22
CA PHE M 32 41.79 -27.62 9.11
C PHE M 32 41.15 -28.78 8.41
N ALA M 33 41.40 -28.85 7.12
CA ALA M 33 41.02 -30.01 6.33
C ALA M 33 42.04 -31.08 6.62
N MET M 34 41.66 -32.34 6.46
CA MET M 34 42.59 -33.44 6.67
C MET M 34 42.51 -34.49 5.61
N SER M 35 43.54 -35.29 5.50
CA SER M 35 43.59 -36.32 4.49
C SER M 35 44.36 -37.53 4.93
N TRP M 36 44.20 -38.59 4.15
CA TRP M 36 45.01 -39.77 4.36
C TRP M 36 45.91 -39.95 3.14
N VAL M 37 47.18 -40.25 3.44
CA VAL M 37 48.19 -40.50 2.42
C VAL M 37 48.75 -41.88 2.66
N ARG M 38 48.83 -42.64 1.61
CA ARG M 38 49.29 -44.00 1.73
C ARG M 38 50.68 -44.26 1.20
N GLN M 39 51.41 -45.15 1.87
CA GLN M 39 52.71 -45.56 1.36
C GLN M 39 52.91 -47.07 1.37
N ALA M 40 52.89 -47.68 0.20
CA ALA M 40 53.05 -49.13 0.13
C ALA M 40 54.45 -49.42 0.64
N PRO M 41 54.77 -50.59 1.20
CA PRO M 41 56.07 -50.92 1.74
C PRO M 41 57.26 -50.63 0.82
N GLY M 42 57.10 -50.80 -0.50
CA GLY M 42 58.19 -50.55 -1.43
C GLY M 42 58.01 -49.30 -2.30
N LYS M 43 57.04 -48.45 -1.97
CA LYS M 43 56.72 -47.31 -2.83
C LYS M 43 56.82 -45.93 -2.17
N GLY M 44 56.44 -44.92 -2.95
CA GLY M 44 56.42 -43.53 -2.51
C GLY M 44 55.05 -43.23 -1.95
N LEU M 45 54.70 -41.96 -1.90
CA LEU M 45 53.45 -41.56 -1.31
C LEU M 45 52.33 -41.51 -2.34
N GLU M 46 51.12 -41.84 -1.91
CA GLU M 46 49.95 -41.73 -2.77
C GLU M 46 48.79 -41.06 -2.02
N TRP M 47 48.12 -40.12 -2.64
CA TRP M 47 46.98 -39.54 -1.95
C TRP M 47 45.79 -40.48 -2.00
N VAL M 48 45.09 -40.66 -0.88
CA VAL M 48 43.92 -41.53 -0.87
C VAL M 48 42.60 -40.80 -0.70
N SER M 49 42.51 -39.99 0.33
CA SER M 49 41.24 -39.30 0.57
C SER M 49 41.39 -37.98 1.29
N LEU M 50 40.45 -37.08 1.06
CA LEU M 50 40.41 -35.74 1.63
C LEU M 50 39.08 -35.35 2.20
N ILE M 51 39.07 -34.79 3.40
CA ILE M 51 37.85 -34.32 3.99
C ILE M 51 37.94 -32.88 4.47
N ASN M 52 36.86 -32.16 4.28
CA ASN M 52 36.62 -30.78 4.66
C ASN M 52 36.61 -30.60 6.15
N ASP M 53 36.98 -29.44 6.63
CA ASP M 53 37.00 -29.19 8.06
C ASP M 53 35.64 -29.31 8.76
N ARG M 54 34.55 -29.12 8.03
CA ARG M 54 33.23 -29.26 8.62
C ARG M 54 32.70 -30.67 8.49
N GLY M 55 33.42 -31.52 7.76
CA GLY M 55 33.06 -32.90 7.52
C GLY M 55 32.07 -33.14 6.38
N GLY M 56 31.61 -32.08 5.74
CA GLY M 56 30.60 -32.20 4.67
C GLY M 56 31.07 -32.68 3.30
N LEU M 57 32.31 -32.43 2.96
CA LEU M 57 32.77 -32.77 1.63
C LEU M 57 33.93 -33.72 1.66
N THR M 58 33.81 -34.77 0.88
CA THR M 58 34.86 -35.76 0.80
C THR M 58 35.27 -36.02 -0.61
N PHE M 59 36.54 -36.33 -0.79
CA PHE M 59 37.06 -36.66 -2.10
C PHE M 59 37.89 -37.91 -2.02
N TYR M 60 37.89 -38.71 -3.07
CA TYR M 60 38.68 -39.93 -3.07
C TYR M 60 39.47 -40.15 -4.34
N VAL M 61 40.58 -40.85 -4.22
CA VAL M 61 41.30 -41.32 -5.39
C VAL M 61 40.40 -42.38 -6.00
N ASP M 62 40.33 -42.44 -7.32
CA ASP M 62 39.44 -43.40 -7.98
C ASP M 62 39.57 -44.84 -7.53
N SER M 63 40.77 -45.29 -7.23
CA SER M 63 40.97 -46.69 -6.88
C SER M 63 40.29 -47.17 -5.58
N VAL M 64 39.83 -46.24 -4.73
CA VAL M 64 39.15 -46.60 -3.50
C VAL M 64 37.79 -45.93 -3.48
N LYS M 65 37.39 -45.32 -4.58
CA LYS M 65 36.21 -44.48 -4.58
C LYS M 65 34.95 -45.14 -4.11
N GLY M 66 34.74 -46.39 -4.45
CA GLY M 66 33.54 -47.07 -4.02
C GLY M 66 33.79 -47.95 -2.78
N ARG M 67 34.97 -47.83 -2.19
CA ARG M 67 35.32 -48.72 -1.09
C ARG M 67 35.64 -48.04 0.22
N PHE M 68 36.18 -46.84 0.18
CA PHE M 68 36.59 -46.20 1.42
C PHE M 68 35.66 -45.09 1.86
N THR M 69 35.46 -44.97 3.16
CA THR M 69 34.70 -43.87 3.73
C THR M 69 35.57 -43.01 4.64
N ILE M 70 35.60 -41.73 4.39
CA ILE M 70 36.39 -40.84 5.24
C ILE M 70 35.42 -40.01 6.04
N SER M 71 35.67 -39.90 7.32
CA SER M 71 34.78 -39.11 8.14
C SER M 71 35.52 -38.27 9.13
N ARG M 72 34.78 -37.48 9.89
CA ARG M 72 35.38 -36.57 10.84
C ARG M 72 34.46 -36.26 12.01
N ASP M 73 35.06 -36.04 13.17
CA ASP M 73 34.34 -35.63 14.36
C ASP M 73 35.05 -34.48 15.08
N ASN M 74 34.48 -33.28 14.97
CA ASN M 74 35.13 -32.11 15.52
C ASN M 74 34.98 -31.96 17.02
N SER M 75 34.13 -32.76 17.65
CA SER M 75 33.98 -32.62 19.09
C SER M 75 35.03 -33.46 19.79
N LYS M 76 35.46 -34.51 19.11
CA LYS M 76 36.45 -35.43 19.67
C LYS M 76 37.84 -35.31 19.05
N ASN M 77 38.06 -34.31 18.23
CA ASN M 77 39.34 -34.11 17.56
C ASN M 77 39.78 -35.39 16.86
N THR M 78 38.84 -36.02 16.17
CA THR M 78 39.11 -37.29 15.53
C THR M 78 38.84 -37.38 14.05
N LEU M 79 39.80 -37.94 13.36
CA LEU M 79 39.70 -38.24 11.93
C LEU M 79 39.55 -39.74 11.79
N SER M 80 38.73 -40.21 10.86
CA SER M 80 38.65 -41.65 10.70
C SER M 80 38.48 -42.10 9.27
N LEU M 81 38.89 -43.35 9.02
CA LEU M 81 38.78 -43.98 7.71
C LEU M 81 38.33 -45.41 7.80
N GLN M 82 37.24 -45.73 7.15
CA GLN M 82 36.72 -47.08 7.13
C GLN M 82 36.97 -47.71 5.78
N MET M 83 37.77 -48.74 5.74
CA MET M 83 38.09 -49.35 4.47
C MET M 83 37.36 -50.66 4.27
N HIS M 84 36.80 -50.87 3.08
CA HIS M 84 36.15 -52.13 2.75
C HIS M 84 36.75 -52.83 1.53
N SER M 85 36.65 -54.16 1.54
CA SER M 85 37.04 -55.12 0.50
C SER M 85 38.54 -55.33 0.41
N LEU M 86 39.27 -54.56 1.20
CA LEU M 86 40.69 -54.68 1.42
C LEU M 86 41.43 -55.55 0.43
N ARG M 87 41.96 -54.93 -0.60
CA ARG M 87 42.68 -55.65 -1.63
C ARG M 87 44.10 -55.89 -1.14
N ASP M 88 44.81 -56.83 -1.73
CA ASP M 88 46.19 -57.07 -1.29
C ASP M 88 47.06 -55.85 -1.57
N GLY M 89 46.67 -55.12 -2.61
CA GLY M 89 47.33 -53.92 -3.06
C GLY M 89 47.11 -52.75 -2.12
N ASP M 90 46.27 -52.91 -1.10
CA ASP M 90 46.02 -51.85 -0.15
C ASP M 90 46.97 -51.94 1.04
N THR M 91 47.89 -52.91 1.04
CA THR M 91 48.84 -52.97 2.15
C THR M 91 49.70 -51.74 2.07
N ALA M 92 49.76 -51.01 3.17
CA ALA M 92 50.51 -49.77 3.20
C ALA M 92 50.54 -49.16 4.57
N VAL M 93 51.40 -48.19 4.73
CA VAL M 93 51.33 -47.35 5.89
C VAL M 93 50.35 -46.24 5.58
N TYR M 94 49.40 -46.02 6.47
CA TYR M 94 48.42 -44.97 6.27
C TYR M 94 48.68 -43.83 7.19
N TYR M 95 49.04 -42.70 6.61
CA TYR M 95 49.39 -41.55 7.39
C TYR M 95 48.24 -40.57 7.50
N CYS M 96 48.06 -40.02 8.70
CA CYS M 96 47.13 -38.97 9.06
C CYS M 96 47.83 -37.67 8.73
N ALA M 97 47.20 -36.81 7.94
CA ALA M 97 47.87 -35.57 7.64
C ALA M 97 46.92 -34.40 7.66
N THR M 98 47.47 -33.27 8.04
CA THR M 98 46.72 -32.03 8.11
C THR M 98 47.09 -31.17 6.94
N GLY M 99 46.09 -30.75 6.18
CA GLY M 99 46.30 -29.96 4.99
C GLY M 99 45.62 -30.59 3.78
N GLY M 100 45.97 -30.09 2.61
CA GLY M 100 45.39 -30.53 1.36
C GLY M 100 44.22 -29.69 0.86
N MET M 101 43.67 -28.85 1.71
CA MET M 101 42.54 -28.01 1.35
C MET M 101 42.29 -26.94 2.40
N SER M 102 41.59 -25.89 2.03
CA SER M 102 41.17 -24.86 2.97
C SER M 102 39.85 -24.37 2.46
N SER M 103 39.15 -23.58 3.25
CA SER M 103 37.79 -23.28 2.84
C SER M 103 37.35 -21.85 2.65
N ALA M 104 37.27 -21.43 1.38
CA ALA M 104 36.76 -20.16 0.87
C ALA M 104 37.34 -18.85 1.41
N LEU M 105 37.22 -18.65 2.71
CA LEU M 105 37.57 -17.40 3.36
C LEU M 105 38.93 -17.46 3.98
N GLN M 106 39.54 -18.61 3.87
CA GLN M 106 40.85 -18.88 4.38
C GLN M 106 41.81 -18.75 3.23
N SER M 107 43.08 -18.54 3.53
CA SER M 107 44.08 -18.53 2.51
C SER M 107 44.17 -19.94 2.03
N SER M 108 44.77 -20.16 0.87
CA SER M 108 44.89 -21.50 0.33
C SER M 108 45.91 -22.38 1.00
N LYS M 109 45.71 -23.67 0.85
CA LYS M 109 46.67 -24.66 1.29
C LYS M 109 47.22 -25.39 0.10
N TYR M 110 46.62 -26.51 -0.23
CA TYR M 110 47.05 -27.39 -1.30
C TYR M 110 48.41 -28.05 -1.07
N TYR M 111 48.77 -28.23 0.18
CA TYR M 111 49.98 -28.93 0.58
C TYR M 111 49.69 -29.46 1.96
N PHE M 112 50.51 -30.38 2.46
CA PHE M 112 50.28 -30.93 3.78
C PHE M 112 51.22 -30.33 4.82
N ASP M 113 50.68 -29.79 5.92
CA ASP M 113 51.48 -29.16 6.97
C ASP M 113 51.98 -30.12 8.02
N PHE M 114 51.15 -31.06 8.42
CA PHE M 114 51.56 -31.95 9.51
C PHE M 114 51.31 -33.38 9.21
N TRP M 115 52.18 -34.24 9.69
CA TRP M 115 52.02 -35.67 9.49
C TRP M 115 52.06 -36.44 10.80
N GLY M 116 51.29 -37.51 10.85
CA GLY M 116 51.33 -38.44 11.96
C GLY M 116 52.40 -39.43 11.59
N GLN M 117 52.50 -40.57 12.28
CA GLN M 117 53.60 -41.47 11.91
C GLN M 117 53.13 -42.62 11.05
N GLY M 118 51.86 -42.90 11.11
CA GLY M 118 51.26 -43.90 10.27
C GLY M 118 50.95 -45.25 10.87
N ALA M 119 49.77 -45.76 10.56
CA ALA M 119 49.36 -47.06 11.01
C ALA M 119 49.73 -48.04 9.93
N LEU M 120 50.15 -49.25 10.27
CA LEU M 120 50.44 -50.20 9.21
C LEU M 120 49.32 -51.18 9.01
N VAL M 121 48.78 -51.18 7.82
CA VAL M 121 47.68 -52.05 7.48
C VAL M 121 48.15 -53.11 6.54
N THR M 122 47.99 -54.35 6.94
CA THR M 122 48.44 -55.45 6.11
C THR M 122 47.33 -56.36 5.74
N VAL M 123 47.26 -56.69 4.46
CA VAL M 123 46.23 -57.59 3.98
C VAL M 123 46.86 -58.95 3.62
N SER M 124 46.31 -60.06 4.21
CA SER M 124 46.80 -61.47 4.05
C SER M 124 46.48 -62.08 2.66
N ALA N 1 53.29 -40.85 -11.13
CA ALA N 1 52.63 -39.72 -11.77
C ALA N 1 53.65 -38.66 -12.19
N LEU N 2 54.44 -38.11 -11.23
CA LEU N 2 55.49 -37.11 -11.49
C LEU N 2 56.81 -37.83 -11.60
N THR N 3 57.69 -37.33 -12.43
CA THR N 3 58.97 -37.98 -12.56
C THR N 3 60.07 -37.20 -11.90
N GLN N 4 60.78 -37.87 -11.03
CA GLN N 4 61.89 -37.23 -10.37
C GLN N 4 62.96 -38.31 -10.41
N PRO N 5 64.24 -37.97 -10.49
CA PRO N 5 65.33 -38.90 -10.63
C PRO N 5 65.67 -39.66 -9.37
N PRO N 6 66.23 -40.85 -9.46
CA PRO N 6 66.84 -41.59 -8.41
C PRO N 6 68.25 -41.09 -8.17
N SER N 7 68.78 -41.39 -7.01
CA SER N 7 70.21 -41.23 -6.70
C SER N 7 70.89 -39.89 -6.96
N VAL N 8 70.27 -38.80 -6.56
CA VAL N 8 70.91 -37.50 -6.66
C VAL N 8 71.94 -37.47 -5.55
N SER N 9 73.14 -36.99 -5.83
CA SER N 9 74.16 -36.98 -4.79
C SER N 9 75.19 -35.88 -4.94
N GLY N 10 75.96 -35.71 -3.88
CA GLY N 10 77.07 -34.77 -3.86
C GLY N 10 77.74 -34.75 -2.49
N SER N 11 78.91 -34.14 -2.41
CA SER N 11 79.68 -34.07 -1.18
C SER N 11 79.21 -32.93 -0.32
N PRO N 12 79.47 -32.93 1.00
CA PRO N 12 79.10 -31.84 1.86
C PRO N 12 79.66 -30.56 1.33
N GLY N 13 78.84 -29.54 1.37
CA GLY N 13 79.21 -28.22 0.88
C GLY N 13 78.85 -28.00 -0.58
N GLN N 14 78.53 -29.06 -1.33
CA GLN N 14 78.18 -28.92 -2.73
C GLN N 14 76.68 -28.79 -2.82
N SER N 15 76.21 -28.03 -3.79
CA SER N 15 74.77 -27.99 -3.97
C SER N 15 74.34 -29.18 -4.78
N VAL N 16 73.06 -29.53 -4.65
CA VAL N 16 72.47 -30.57 -5.46
C VAL N 16 71.13 -30.12 -5.98
N THR N 17 70.71 -30.64 -7.12
CA THR N 17 69.38 -30.31 -7.61
C THR N 17 68.56 -31.53 -7.89
N ILE N 18 67.35 -31.55 -7.37
CA ILE N 18 66.44 -32.64 -7.61
C ILE N 18 65.32 -32.14 -8.50
N SER N 19 65.23 -32.66 -9.71
CA SER N 19 64.19 -32.22 -10.63
C SER N 19 62.88 -32.98 -10.39
N CYS N 20 61.76 -32.46 -10.95
CA CYS N 20 60.42 -33.03 -10.93
C CYS N 20 59.64 -32.62 -12.19
N THR N 21 59.48 -33.53 -13.12
CA THR N 21 58.80 -33.20 -14.35
C THR N 21 57.43 -33.81 -14.39
N GLY N 22 56.45 -32.96 -14.63
CA GLY N 22 55.07 -33.37 -14.72
C GLY N 22 54.54 -33.04 -16.11
N THR N 23 53.27 -32.70 -16.14
CA THR N 23 52.59 -32.38 -17.40
C THR N 23 52.01 -30.99 -17.40
N SER N 24 51.31 -30.65 -18.50
CA SER N 24 50.73 -29.33 -18.62
C SER N 24 49.55 -29.13 -17.68
N SER N 25 48.65 -30.11 -17.59
CA SER N 25 47.52 -30.02 -16.66
C SER N 25 47.92 -30.56 -15.31
N ASP N 26 48.98 -29.96 -14.81
CA ASP N 26 49.65 -30.30 -13.59
C ASP N 26 50.54 -29.16 -13.15
N ILE N 27 51.85 -29.35 -13.26
CA ILE N 27 52.81 -28.35 -12.90
C ILE N 27 52.65 -27.15 -13.80
N GLY N 28 52.41 -27.38 -15.08
CA GLY N 28 52.24 -26.27 -16.00
C GLY N 28 50.98 -25.42 -15.76
N SER N 29 49.99 -25.91 -15.00
CA SER N 29 48.76 -25.15 -14.77
C SER N 29 48.59 -24.63 -13.36
N TYR N 30 49.14 -25.32 -12.37
CA TYR N 30 48.88 -24.89 -11.01
C TYR N 30 50.14 -24.63 -10.22
N ASN N 31 50.21 -23.49 -9.56
CA ASN N 31 51.40 -23.20 -8.77
C ASN N 31 51.28 -23.70 -7.35
N TYR N 32 51.09 -25.00 -7.19
CA TYR N 32 50.98 -25.58 -5.87
C TYR N 32 51.85 -26.77 -5.81
N VAL N 33 53.14 -26.53 -5.81
CA VAL N 33 54.10 -27.60 -5.86
C VAL N 33 54.79 -27.63 -4.54
N SER N 34 54.92 -28.80 -3.98
CA SER N 34 55.55 -28.93 -2.69
C SER N 34 56.51 -30.07 -2.67
N TRP N 35 57.42 -30.00 -1.71
CA TRP N 35 58.42 -31.04 -1.51
C TRP N 35 58.42 -31.52 -0.08
N TYR N 36 58.62 -32.82 0.09
CA TYR N 36 58.67 -33.44 1.39
C TYR N 36 59.95 -34.23 1.61
N GLN N 37 60.42 -34.25 2.84
CA GLN N 37 61.63 -34.98 3.21
C GLN N 37 61.37 -36.16 4.12
N GLN N 38 61.61 -37.36 3.61
CA GLN N 38 61.34 -38.54 4.40
C GLN N 38 62.58 -39.32 4.79
N HIS N 39 62.88 -39.37 6.07
CA HIS N 39 64.00 -40.16 6.47
C HIS N 39 63.38 -41.54 6.57
N PRO N 40 64.06 -42.63 6.22
CA PRO N 40 63.50 -43.94 6.33
C PRO N 40 63.00 -44.19 7.73
N GLY N 41 61.81 -44.75 7.83
CA GLY N 41 61.21 -45.07 9.12
C GLY N 41 60.39 -43.94 9.72
N LYS N 42 60.42 -42.76 9.12
CA LYS N 42 59.69 -41.61 9.64
C LYS N 42 58.66 -41.06 8.68
N ALA N 43 57.67 -40.35 9.19
CA ALA N 43 56.74 -39.68 8.30
C ALA N 43 57.46 -38.55 7.61
N PRO N 44 57.11 -38.16 6.38
CA PRO N 44 57.67 -37.05 5.64
C PRO N 44 57.48 -35.70 6.32
N LYS N 45 58.46 -34.81 6.19
CA LYS N 45 58.36 -33.45 6.69
C LYS N 45 58.14 -32.49 5.54
N LEU N 46 57.34 -31.46 5.72
CA LEU N 46 57.19 -30.48 4.64
C LEU N 46 58.41 -29.60 4.57
N MET N 47 58.99 -29.45 3.37
CA MET N 47 60.14 -28.58 3.22
C MET N 47 59.82 -27.36 2.40
N ILE N 48 59.10 -27.57 1.32
CA ILE N 48 58.74 -26.51 0.37
C ILE N 48 57.27 -26.59 0.01
N TYR N 49 56.62 -25.45 -0.16
CA TYR N 49 55.24 -25.44 -0.61
C TYR N 49 54.99 -24.23 -1.50
N ASP N 50 53.93 -24.29 -2.30
CA ASP N 50 53.61 -23.18 -3.20
C ASP N 50 54.81 -22.76 -4.04
N VAL N 51 55.53 -23.75 -4.53
CA VAL N 51 56.69 -23.68 -5.39
C VAL N 51 57.94 -23.12 -4.69
N THR N 52 57.86 -21.90 -4.17
CA THR N 52 59.00 -21.21 -3.58
C THR N 52 58.98 -20.95 -2.08
N GLN N 53 57.95 -21.35 -1.35
CA GLN N 53 57.90 -20.99 0.06
C GLN N 53 58.40 -22.09 0.93
N ARG N 54 58.89 -21.73 2.10
CA ARG N 54 59.30 -22.75 3.03
C ARG N 54 58.60 -22.43 4.34
N PRO N 55 58.25 -23.42 5.15
CA PRO N 55 57.64 -23.24 6.43
C PRO N 55 58.64 -22.78 7.43
N SER N 56 58.16 -22.18 8.49
CA SER N 56 59.05 -21.89 9.58
C SER N 56 59.48 -23.25 10.06
N GLY N 57 60.70 -23.36 10.54
CA GLY N 57 61.18 -24.64 11.02
C GLY N 57 62.17 -25.30 10.07
N VAL N 58 62.33 -24.78 8.84
CA VAL N 58 63.33 -25.37 7.99
C VAL N 58 64.31 -24.29 7.58
N SER N 59 65.49 -24.71 7.15
CA SER N 59 66.53 -23.81 6.73
C SER N 59 66.32 -23.25 5.34
N ASP N 60 67.07 -22.22 5.04
CA ASP N 60 67.02 -21.54 3.76
C ASP N 60 67.97 -22.17 2.78
N ARG N 61 68.50 -23.31 3.15
CA ARG N 61 69.36 -24.06 2.28
C ARG N 61 68.48 -24.75 1.26
N PHE N 62 67.17 -24.84 1.57
CA PHE N 62 66.20 -25.49 0.71
C PHE N 62 65.40 -24.43 -0.03
N SER N 63 65.48 -24.44 -1.35
CA SER N 63 64.80 -23.46 -2.18
C SER N 63 64.14 -24.06 -3.40
N GLY N 64 62.85 -23.81 -3.56
CA GLY N 64 62.14 -24.38 -4.70
C GLY N 64 62.05 -23.41 -5.88
N SER N 65 61.82 -23.96 -7.06
CA SER N 65 61.61 -23.17 -8.26
C SER N 65 60.90 -23.97 -9.33
N LYS N 66 60.45 -23.31 -10.39
CA LYS N 66 59.85 -24.04 -11.51
C LYS N 66 59.90 -23.26 -12.82
N SER N 67 59.80 -24.01 -13.92
CA SER N 67 59.64 -23.47 -15.27
C SER N 67 58.95 -24.49 -16.17
N GLY N 68 58.02 -24.04 -16.99
CA GLY N 68 57.35 -24.98 -17.87
C GLY N 68 56.60 -26.01 -17.05
N ASN N 69 56.83 -27.30 -17.34
CA ASN N 69 56.16 -28.37 -16.61
C ASN N 69 57.13 -29.01 -15.62
N THR N 70 58.26 -28.35 -15.37
CA THR N 70 59.25 -28.92 -14.46
C THR N 70 59.54 -28.07 -13.25
N ALA N 71 59.49 -28.71 -12.12
CA ALA N 71 59.78 -28.12 -10.85
C ALA N 71 61.09 -28.68 -10.36
N SER N 72 61.73 -27.97 -9.47
CA SER N 72 62.94 -28.51 -8.87
C SER N 72 63.18 -28.00 -7.47
N LEU N 73 63.95 -28.78 -6.73
CA LEU N 73 64.40 -28.43 -5.40
C LEU N 73 65.90 -28.30 -5.35
N THR N 74 66.37 -27.15 -4.91
CA THR N 74 67.79 -26.93 -4.81
C THR N 74 68.20 -26.91 -3.35
N ILE N 75 69.23 -27.68 -3.05
CA ILE N 75 69.78 -27.70 -1.71
C ILE N 75 71.16 -27.12 -1.84
N SER N 76 71.49 -26.11 -1.06
CA SER N 76 72.80 -25.47 -1.18
C SER N 76 73.89 -26.10 -0.32
N GLY N 77 74.09 -25.62 0.90
CA GLY N 77 75.16 -26.14 1.75
C GLY N 77 74.85 -27.52 2.29
N LEU N 78 74.95 -28.52 1.42
CA LEU N 78 74.57 -29.89 1.72
C LEU N 78 75.25 -30.43 2.94
N GLN N 79 74.44 -31.00 3.82
CA GLN N 79 74.89 -31.57 5.08
C GLN N 79 74.75 -33.07 5.11
N ALA N 80 75.48 -33.72 6.00
CA ALA N 80 75.33 -35.17 6.20
C ALA N 80 73.91 -35.53 6.61
N ASP N 81 73.28 -34.61 7.31
CA ASP N 81 71.95 -34.78 7.85
C ASP N 81 70.87 -34.70 6.77
N ASP N 82 71.24 -34.39 5.54
CA ASP N 82 70.26 -34.26 4.50
C ASP N 82 70.00 -35.58 3.80
N GLU N 83 70.66 -36.66 4.21
CA GLU N 83 70.35 -37.92 3.55
C GLU N 83 68.89 -38.28 3.85
N ALA N 84 68.11 -38.40 2.78
CA ALA N 84 66.67 -38.65 2.88
C ALA N 84 66.05 -38.93 1.52
N ASP N 85 64.83 -39.45 1.52
CA ASP N 85 64.08 -39.57 0.27
C ASP N 85 63.24 -38.34 0.07
N TYR N 86 63.53 -37.60 -0.99
CA TYR N 86 62.80 -36.39 -1.23
C TYR N 86 61.71 -36.63 -2.24
N TYR N 87 60.53 -36.11 -1.96
CA TYR N 87 59.40 -36.30 -2.85
C TYR N 87 58.81 -35.00 -3.30
N CYS N 88 58.35 -34.93 -4.56
CA CYS N 88 57.61 -33.80 -5.09
C CYS N 88 56.18 -34.20 -5.24
N SER N 89 55.31 -33.22 -5.10
CA SER N 89 53.91 -33.42 -5.33
C SER N 89 53.31 -32.16 -5.85
N ALA N 90 52.17 -32.31 -6.47
CA ALA N 90 51.50 -31.14 -6.96
C ALA N 90 50.01 -31.32 -7.01
N TYR N 91 49.33 -30.19 -6.89
CA TYR N 91 47.91 -30.14 -7.09
C TYR N 91 47.67 -30.32 -8.55
N ALA N 92 46.74 -31.18 -8.93
CA ALA N 92 46.53 -31.39 -10.35
C ALA N 92 45.08 -31.25 -10.80
N GLY N 93 44.33 -30.39 -10.14
CA GLY N 93 42.96 -30.15 -10.54
C GLY N 93 41.99 -30.78 -9.56
N ARG N 94 40.70 -30.78 -9.91
CA ARG N 94 39.69 -31.25 -8.98
C ARG N 94 39.32 -32.71 -9.13
N GLN N 95 39.71 -33.34 -10.23
CA GLN N 95 39.37 -34.75 -10.39
C GLN N 95 40.45 -35.62 -9.80
N THR N 96 41.68 -35.14 -9.87
CA THR N 96 42.85 -35.86 -9.41
C THR N 96 43.61 -34.91 -8.54
N PHE N 97 43.16 -34.77 -7.32
CA PHE N 97 43.70 -33.74 -6.45
C PHE N 97 45.18 -33.77 -6.29
N TYR N 98 45.76 -34.89 -5.89
CA TYR N 98 47.20 -34.84 -5.74
C TYR N 98 47.90 -35.97 -6.37
N ILE N 99 49.06 -35.63 -6.88
CA ILE N 99 49.94 -36.62 -7.42
C ILE N 99 51.32 -36.45 -6.83
N PHE N 100 52.05 -37.55 -6.77
CA PHE N 100 53.41 -37.58 -6.25
C PHE N 100 54.35 -38.30 -7.21
N GLY N 101 55.63 -38.00 -7.10
CA GLY N 101 56.64 -38.76 -7.84
C GLY N 101 57.17 -39.90 -6.98
N GLY N 102 58.20 -40.61 -7.45
CA GLY N 102 58.76 -41.67 -6.64
C GLY N 102 59.74 -40.95 -5.76
N GLY N 103 60.45 -41.61 -4.88
CA GLY N 103 61.36 -40.82 -4.05
C GLY N 103 62.72 -40.66 -4.69
N THR N 104 63.38 -39.56 -4.37
CA THR N 104 64.74 -39.35 -4.79
C THR N 104 65.64 -39.59 -3.63
N ARG N 105 66.48 -40.61 -3.70
CA ARG N 105 67.36 -40.86 -2.57
C ARG N 105 68.58 -39.99 -2.65
N LEU N 106 68.66 -39.03 -1.74
CA LEU N 106 69.76 -38.09 -1.75
C LEU N 106 70.86 -38.60 -0.90
N THR N 107 72.01 -38.80 -1.54
CA THR N 107 73.20 -39.34 -0.90
C THR N 107 74.27 -38.29 -0.74
N VAL N 108 74.76 -38.18 0.48
CA VAL N 108 75.78 -37.21 0.79
C VAL N 108 77.12 -37.97 0.81
N LEU N 109 78.10 -37.48 0.03
CA LEU N 109 79.42 -38.09 -0.21
C LEU N 109 80.56 -37.32 0.52
#